data_5MGK
# 
_entry.id   5MGK 
# 
_audit_conform.dict_name       mmcif_pdbx.dic 
_audit_conform.dict_version    5.383 
_audit_conform.dict_location   http://mmcif.pdb.org/dictionaries/ascii/mmcif_pdbx.dic 
# 
loop_
_database_2.database_id 
_database_2.database_code 
_database_2.pdbx_database_accession 
_database_2.pdbx_DOI 
PDB   5MGK         pdb_00005mgk 10.2210/pdb5mgk/pdb 
WWPDB D_1200002439 ?            ?                   
# 
loop_
_pdbx_audit_revision_history.ordinal 
_pdbx_audit_revision_history.data_content_type 
_pdbx_audit_revision_history.major_revision 
_pdbx_audit_revision_history.minor_revision 
_pdbx_audit_revision_history.revision_date 
1 'Structure model' 1 0 2017-04-12 
2 'Structure model' 1 1 2017-09-06 
3 'Structure model' 1 2 2024-01-17 
# 
_pdbx_audit_revision_details.ordinal             1 
_pdbx_audit_revision_details.revision_ordinal    1 
_pdbx_audit_revision_details.data_content_type   'Structure model' 
_pdbx_audit_revision_details.provider            repository 
_pdbx_audit_revision_details.type                'Initial release' 
_pdbx_audit_revision_details.description         ? 
_pdbx_audit_revision_details.details             ? 
# 
loop_
_pdbx_audit_revision_group.ordinal 
_pdbx_audit_revision_group.revision_ordinal 
_pdbx_audit_revision_group.data_content_type 
_pdbx_audit_revision_group.group 
1 2 'Structure model' 'Data collection'        
2 2 'Structure model' 'Database references'    
3 2 'Structure model' 'Refinement description' 
4 3 'Structure model' 'Data collection'        
5 3 'Structure model' 'Database references'    
6 3 'Structure model' 'Refinement description' 
# 
loop_
_pdbx_audit_revision_category.ordinal 
_pdbx_audit_revision_category.revision_ordinal 
_pdbx_audit_revision_category.data_content_type 
_pdbx_audit_revision_category.category 
1 2 'Structure model' citation                      
2 2 'Structure model' citation_author               
3 2 'Structure model' diffrn_radiation_wavelength   
4 2 'Structure model' software                      
5 3 'Structure model' chem_comp_atom                
6 3 'Structure model' chem_comp_bond                
7 3 'Structure model' database_2                    
8 3 'Structure model' pdbx_initial_refinement_model 
# 
loop_
_pdbx_audit_revision_item.ordinal 
_pdbx_audit_revision_item.revision_ordinal 
_pdbx_audit_revision_item.data_content_type 
_pdbx_audit_revision_item.item 
1  2 'Structure model' '_citation.country'                   
2  2 'Structure model' '_citation.journal_abbrev'            
3  2 'Structure model' '_citation.journal_id_ASTM'           
4  2 'Structure model' '_citation.journal_id_CSD'            
5  2 'Structure model' '_citation.journal_id_ISSN'           
6  2 'Structure model' '_citation.journal_volume'            
7  2 'Structure model' '_citation.page_first'                
8  2 'Structure model' '_citation.page_last'                 
9  2 'Structure model' '_citation.pdbx_database_id_DOI'      
10 2 'Structure model' '_citation.pdbx_database_id_PubMed'   
11 2 'Structure model' '_citation.title'                     
12 2 'Structure model' '_citation.year'                      
13 2 'Structure model' '_citation_author.name'               
14 3 'Structure model' '_database_2.pdbx_DOI'                
15 3 'Structure model' '_database_2.pdbx_database_accession' 
# 
_pdbx_database_status.status_code                     REL 
_pdbx_database_status.status_code_sf                  REL 
_pdbx_database_status.status_code_mr                  ? 
_pdbx_database_status.entry_id                        5MGK 
_pdbx_database_status.recvd_initial_deposition_date   2016-11-21 
_pdbx_database_status.SG_entry                        N 
_pdbx_database_status.deposit_site                    PDBE 
_pdbx_database_status.process_site                    PDBE 
_pdbx_database_status.status_code_cs                  ? 
_pdbx_database_status.methods_development_category    ? 
_pdbx_database_status.pdb_format_compatible           Y 
_pdbx_database_status.status_code_nmr_data            ? 
# 
loop_
_pdbx_database_related.db_name 
_pdbx_database_related.details 
_pdbx_database_related.db_id 
_pdbx_database_related.content_type 
PDB '5MGF contains the same ligand complexed with a different bromodomain (BAZ2B).' 5MGF unspecified 
PDB '5MGJ contains the same protein complexed with a different fragment.'           5MGJ unspecified 
# 
loop_
_audit_author.name 
_audit_author.pdbx_ordinal 
'Lolli, G.'          1 
'Spiliotopoulos, D.' 2 
'Caflisch, A.'       3 
# 
_citation.abstract                  ? 
_citation.abstract_id_CAS           ? 
_citation.book_id_ISBN              ? 
_citation.book_publisher            ? 
_citation.book_publisher_city       ? 
_citation.book_title                ? 
_citation.coordinate_linkage        ? 
_citation.country                   FR 
_citation.database_id_Medline       ? 
_citation.details                   ? 
_citation.id                        primary 
_citation.journal_abbrev            'Eur J Med Chem' 
_citation.journal_id_ASTM           EJMCA5 
_citation.journal_id_CSD            0493 
_citation.journal_id_ISSN           1768-3254 
_citation.journal_full              ? 
_citation.journal_issue             ? 
_citation.journal_volume            139 
_citation.language                  ? 
_citation.page_first                564 
_citation.page_last                 572 
_citation.title                     'Discovery of BAZ2A bromodomain ligands.' 
_citation.year                      2017 
_citation.database_id_CSD           ? 
_citation.pdbx_database_id_DOI      10.1016/j.ejmech.2017.08.028 
_citation.pdbx_database_id_PubMed   28837921 
_citation.unpublished_flag          ? 
# 
loop_
_citation_author.citation_id 
_citation_author.name 
_citation_author.ordinal 
_citation_author.identifier_ORCID 
primary 'Spiliotopoulos, D.' 1 ? 
primary 'Wamhoff, E.C.'      2 ? 
primary 'Lolli, G.'          3 ? 
primary 'Rademacher, C.'     4 ? 
primary 'Caflisch, A.'       5 ? 
# 
loop_
_entity.id 
_entity.type 
_entity.src_method 
_entity.pdbx_description 
_entity.formula_weight 
_entity.pdbx_number_of_molecules 
_entity.pdbx_ec 
_entity.pdbx_mutation 
_entity.pdbx_fragment 
_entity.details 
1 polymer     man 'Bromodomain adjacent to zinc finger domain protein 2A' 12380.919 1  ? ? 'Bromodomain, UNP residues 1796-1898' 
'First two residues SM derive from the expression tag' 
2 non-polymer syn 'methyl 4-propanoyl-1~{H}-pyrrole-2-carboxylate'        181.189   1  ? ? ?                                     ? 
3 water       nat water                                                   18.015    68 ? ? ?                                     ? 
# 
_entity_name_com.entity_id   1 
_entity_name_com.name        'Transcription termination factor I-interacting protein 5,Tip5,hWALp3' 
# 
_entity_poly.entity_id                      1 
_entity_poly.type                           'polypeptide(L)' 
_entity_poly.nstd_linkage                   no 
_entity_poly.nstd_monomer                   no 
_entity_poly.pdbx_seq_one_letter_code       
;SMHSDLTFCEIILMEMESHDAAWPFLEPVNPRLVSGYRRIIKNPMDFSTMRERLLRGGYTSSEEFAADALLVFDNCQTFN
EDDSEVGKAGHIMRRFFESRWEEFY
;
_entity_poly.pdbx_seq_one_letter_code_can   
;SMHSDLTFCEIILMEMESHDAAWPFLEPVNPRLVSGYRRIIKNPMDFSTMRERLLRGGYTSSEEFAADALLVFDNCQTFN
EDDSEVGKAGHIMRRFFESRWEEFY
;
_entity_poly.pdbx_strand_id                 A 
_entity_poly.pdbx_target_identifier         ? 
# 
loop_
_pdbx_entity_nonpoly.entity_id 
_pdbx_entity_nonpoly.name 
_pdbx_entity_nonpoly.comp_id 
2 'methyl 4-propanoyl-1~{H}-pyrrole-2-carboxylate' 7MW 
3 water                                            HOH 
# 
loop_
_entity_poly_seq.entity_id 
_entity_poly_seq.num 
_entity_poly_seq.mon_id 
_entity_poly_seq.hetero 
1 1   SER n 
1 2   MET n 
1 3   HIS n 
1 4   SER n 
1 5   ASP n 
1 6   LEU n 
1 7   THR n 
1 8   PHE n 
1 9   CYS n 
1 10  GLU n 
1 11  ILE n 
1 12  ILE n 
1 13  LEU n 
1 14  MET n 
1 15  GLU n 
1 16  MET n 
1 17  GLU n 
1 18  SER n 
1 19  HIS n 
1 20  ASP n 
1 21  ALA n 
1 22  ALA n 
1 23  TRP n 
1 24  PRO n 
1 25  PHE n 
1 26  LEU n 
1 27  GLU n 
1 28  PRO n 
1 29  VAL n 
1 30  ASN n 
1 31  PRO n 
1 32  ARG n 
1 33  LEU n 
1 34  VAL n 
1 35  SER n 
1 36  GLY n 
1 37  TYR n 
1 38  ARG n 
1 39  ARG n 
1 40  ILE n 
1 41  ILE n 
1 42  LYS n 
1 43  ASN n 
1 44  PRO n 
1 45  MET n 
1 46  ASP n 
1 47  PHE n 
1 48  SER n 
1 49  THR n 
1 50  MET n 
1 51  ARG n 
1 52  GLU n 
1 53  ARG n 
1 54  LEU n 
1 55  LEU n 
1 56  ARG n 
1 57  GLY n 
1 58  GLY n 
1 59  TYR n 
1 60  THR n 
1 61  SER n 
1 62  SER n 
1 63  GLU n 
1 64  GLU n 
1 65  PHE n 
1 66  ALA n 
1 67  ALA n 
1 68  ASP n 
1 69  ALA n 
1 70  LEU n 
1 71  LEU n 
1 72  VAL n 
1 73  PHE n 
1 74  ASP n 
1 75  ASN n 
1 76  CYS n 
1 77  GLN n 
1 78  THR n 
1 79  PHE n 
1 80  ASN n 
1 81  GLU n 
1 82  ASP n 
1 83  ASP n 
1 84  SER n 
1 85  GLU n 
1 86  VAL n 
1 87  GLY n 
1 88  LYS n 
1 89  ALA n 
1 90  GLY n 
1 91  HIS n 
1 92  ILE n 
1 93  MET n 
1 94  ARG n 
1 95  ARG n 
1 96  PHE n 
1 97  PHE n 
1 98  GLU n 
1 99  SER n 
1 100 ARG n 
1 101 TRP n 
1 102 GLU n 
1 103 GLU n 
1 104 PHE n 
1 105 TYR n 
# 
_entity_src_gen.entity_id                          1 
_entity_src_gen.pdbx_src_id                        1 
_entity_src_gen.pdbx_alt_source_flag               sample 
_entity_src_gen.pdbx_seq_type                      'Biological sequence' 
_entity_src_gen.pdbx_beg_seq_num                   1 
_entity_src_gen.pdbx_end_seq_num                   105 
_entity_src_gen.gene_src_common_name               Human 
_entity_src_gen.gene_src_genus                     ? 
_entity_src_gen.pdbx_gene_src_gene                 'BAZ2A, KIAA0314, TIP5' 
_entity_src_gen.gene_src_species                   ? 
_entity_src_gen.gene_src_strain                    ? 
_entity_src_gen.gene_src_tissue                    ? 
_entity_src_gen.gene_src_tissue_fraction           ? 
_entity_src_gen.gene_src_details                   ? 
_entity_src_gen.pdbx_gene_src_fragment             ? 
_entity_src_gen.pdbx_gene_src_scientific_name      'Homo sapiens' 
_entity_src_gen.pdbx_gene_src_ncbi_taxonomy_id     9606 
_entity_src_gen.pdbx_gene_src_variant              ? 
_entity_src_gen.pdbx_gene_src_cell_line            ? 
_entity_src_gen.pdbx_gene_src_atcc                 ? 
_entity_src_gen.pdbx_gene_src_organ                ? 
_entity_src_gen.pdbx_gene_src_organelle            ? 
_entity_src_gen.pdbx_gene_src_cell                 ? 
_entity_src_gen.pdbx_gene_src_cellular_location    ? 
_entity_src_gen.host_org_common_name               ? 
_entity_src_gen.pdbx_host_org_scientific_name      'Escherichia coli' 
_entity_src_gen.pdbx_host_org_ncbi_taxonomy_id     562 
_entity_src_gen.host_org_genus                     ? 
_entity_src_gen.pdbx_host_org_gene                 ? 
_entity_src_gen.pdbx_host_org_organ                ? 
_entity_src_gen.host_org_species                   ? 
_entity_src_gen.pdbx_host_org_tissue               ? 
_entity_src_gen.pdbx_host_org_tissue_fraction      ? 
_entity_src_gen.pdbx_host_org_strain               ? 
_entity_src_gen.pdbx_host_org_variant              ? 
_entity_src_gen.pdbx_host_org_cell_line            ? 
_entity_src_gen.pdbx_host_org_atcc                 ? 
_entity_src_gen.pdbx_host_org_culture_collection   ? 
_entity_src_gen.pdbx_host_org_cell                 ? 
_entity_src_gen.pdbx_host_org_organelle            ? 
_entity_src_gen.pdbx_host_org_cellular_location    ? 
_entity_src_gen.pdbx_host_org_vector_type          ? 
_entity_src_gen.pdbx_host_org_vector               ? 
_entity_src_gen.host_org_details                   ? 
_entity_src_gen.expression_system_id               ? 
_entity_src_gen.plasmid_name                       ? 
_entity_src_gen.plasmid_details                    ? 
_entity_src_gen.pdbx_description                   ? 
# 
loop_
_chem_comp.id 
_chem_comp.type 
_chem_comp.mon_nstd_flag 
_chem_comp.name 
_chem_comp.pdbx_synonyms 
_chem_comp.formula 
_chem_comp.formula_weight 
7MW non-polymer         . 'methyl 4-propanoyl-1~{H}-pyrrole-2-carboxylate' ? 'C9 H11 N O3'    181.189 
ALA 'L-peptide linking' y ALANINE                                          ? 'C3 H7 N O2'     89.093  
ARG 'L-peptide linking' y ARGININE                                         ? 'C6 H15 N4 O2 1' 175.209 
ASN 'L-peptide linking' y ASPARAGINE                                       ? 'C4 H8 N2 O3'    132.118 
ASP 'L-peptide linking' y 'ASPARTIC ACID'                                  ? 'C4 H7 N O4'     133.103 
CYS 'L-peptide linking' y CYSTEINE                                         ? 'C3 H7 N O2 S'   121.158 
GLN 'L-peptide linking' y GLUTAMINE                                        ? 'C5 H10 N2 O3'   146.144 
GLU 'L-peptide linking' y 'GLUTAMIC ACID'                                  ? 'C5 H9 N O4'     147.129 
GLY 'peptide linking'   y GLYCINE                                          ? 'C2 H5 N O2'     75.067  
HIS 'L-peptide linking' y HISTIDINE                                        ? 'C6 H10 N3 O2 1' 156.162 
HOH non-polymer         . WATER                                            ? 'H2 O'           18.015  
ILE 'L-peptide linking' y ISOLEUCINE                                       ? 'C6 H13 N O2'    131.173 
LEU 'L-peptide linking' y LEUCINE                                          ? 'C6 H13 N O2'    131.173 
LYS 'L-peptide linking' y LYSINE                                           ? 'C6 H15 N2 O2 1' 147.195 
MET 'L-peptide linking' y METHIONINE                                       ? 'C5 H11 N O2 S'  149.211 
PHE 'L-peptide linking' y PHENYLALANINE                                    ? 'C9 H11 N O2'    165.189 
PRO 'L-peptide linking' y PROLINE                                          ? 'C5 H9 N O2'     115.130 
SER 'L-peptide linking' y SERINE                                           ? 'C3 H7 N O3'     105.093 
THR 'L-peptide linking' y THREONINE                                        ? 'C4 H9 N O3'     119.119 
TRP 'L-peptide linking' y TRYPTOPHAN                                       ? 'C11 H12 N2 O2'  204.225 
TYR 'L-peptide linking' y TYROSINE                                         ? 'C9 H11 N O3'    181.189 
VAL 'L-peptide linking' y VALINE                                           ? 'C5 H11 N O2'    117.146 
# 
loop_
_pdbx_poly_seq_scheme.asym_id 
_pdbx_poly_seq_scheme.entity_id 
_pdbx_poly_seq_scheme.seq_id 
_pdbx_poly_seq_scheme.mon_id 
_pdbx_poly_seq_scheme.ndb_seq_num 
_pdbx_poly_seq_scheme.pdb_seq_num 
_pdbx_poly_seq_scheme.auth_seq_num 
_pdbx_poly_seq_scheme.pdb_mon_id 
_pdbx_poly_seq_scheme.auth_mon_id 
_pdbx_poly_seq_scheme.pdb_strand_id 
_pdbx_poly_seq_scheme.pdb_ins_code 
_pdbx_poly_seq_scheme.hetero 
A 1 1   SER 1   1794 ?    ?   ?   A . n 
A 1 2   MET 2   1795 ?    ?   ?   A . n 
A 1 3   HIS 3   1796 1796 HIS HIS A . n 
A 1 4   SER 4   1797 1797 SER SER A . n 
A 1 5   ASP 5   1798 1798 ASP ASP A . n 
A 1 6   LEU 6   1799 1799 LEU LEU A . n 
A 1 7   THR 7   1800 1800 THR THR A . n 
A 1 8   PHE 8   1801 1801 PHE PHE A . n 
A 1 9   CYS 9   1802 1802 CYS CYS A . n 
A 1 10  GLU 10  1803 1803 GLU GLU A . n 
A 1 11  ILE 11  1804 1804 ILE ILE A . n 
A 1 12  ILE 12  1805 1805 ILE ILE A . n 
A 1 13  LEU 13  1806 1806 LEU LEU A . n 
A 1 14  MET 14  1807 1807 MET MET A . n 
A 1 15  GLU 15  1808 1808 GLU GLU A . n 
A 1 16  MET 16  1809 1809 MET MET A . n 
A 1 17  GLU 17  1810 1810 GLU GLU A . n 
A 1 18  SER 18  1811 1811 SER SER A . n 
A 1 19  HIS 19  1812 1812 HIS HIS A . n 
A 1 20  ASP 20  1813 1813 ASP ASP A . n 
A 1 21  ALA 21  1814 1814 ALA ALA A . n 
A 1 22  ALA 22  1815 1815 ALA ALA A . n 
A 1 23  TRP 23  1816 1816 TRP TRP A . n 
A 1 24  PRO 24  1817 1817 PRO PRO A . n 
A 1 25  PHE 25  1818 1818 PHE PHE A . n 
A 1 26  LEU 26  1819 1819 LEU LEU A . n 
A 1 27  GLU 27  1820 1820 GLU GLU A . n 
A 1 28  PRO 28  1821 1821 PRO PRO A . n 
A 1 29  VAL 29  1822 1822 VAL VAL A . n 
A 1 30  ASN 30  1823 1823 ASN ASN A . n 
A 1 31  PRO 31  1824 1824 PRO PRO A . n 
A 1 32  ARG 32  1825 1825 ARG ARG A . n 
A 1 33  LEU 33  1826 1826 LEU LEU A . n 
A 1 34  VAL 34  1827 1827 VAL VAL A . n 
A 1 35  SER 35  1828 1828 SER SER A . n 
A 1 36  GLY 36  1829 1829 GLY GLY A . n 
A 1 37  TYR 37  1830 1830 TYR TYR A . n 
A 1 38  ARG 38  1831 1831 ARG ARG A . n 
A 1 39  ARG 39  1832 1832 ARG ARG A . n 
A 1 40  ILE 40  1833 1833 ILE ILE A . n 
A 1 41  ILE 41  1834 1834 ILE ILE A . n 
A 1 42  LYS 42  1835 1835 LYS LYS A . n 
A 1 43  ASN 43  1836 1836 ASN ASN A . n 
A 1 44  PRO 44  1837 1837 PRO PRO A . n 
A 1 45  MET 45  1838 1838 MET MET A . n 
A 1 46  ASP 46  1839 1839 ASP ASP A . n 
A 1 47  PHE 47  1840 1840 PHE PHE A . n 
A 1 48  SER 48  1841 1841 SER SER A . n 
A 1 49  THR 49  1842 1842 THR THR A . n 
A 1 50  MET 50  1843 1843 MET MET A . n 
A 1 51  ARG 51  1844 1844 ARG ARG A . n 
A 1 52  GLU 52  1845 1845 GLU GLU A . n 
A 1 53  ARG 53  1846 1846 ARG ARG A . n 
A 1 54  LEU 54  1847 1847 LEU LEU A . n 
A 1 55  LEU 55  1848 1848 LEU LEU A . n 
A 1 56  ARG 56  1849 1849 ARG ARG A . n 
A 1 57  GLY 57  1850 1850 GLY GLY A . n 
A 1 58  GLY 58  1851 1851 GLY GLY A . n 
A 1 59  TYR 59  1852 1852 TYR TYR A . n 
A 1 60  THR 60  1853 1853 THR THR A . n 
A 1 61  SER 61  1854 1854 SER SER A . n 
A 1 62  SER 62  1855 1855 SER SER A . n 
A 1 63  GLU 63  1856 1856 GLU GLU A . n 
A 1 64  GLU 64  1857 1857 GLU GLU A . n 
A 1 65  PHE 65  1858 1858 PHE PHE A . n 
A 1 66  ALA 66  1859 1859 ALA ALA A . n 
A 1 67  ALA 67  1860 1860 ALA ALA A . n 
A 1 68  ASP 68  1861 1861 ASP ASP A . n 
A 1 69  ALA 69  1862 1862 ALA ALA A . n 
A 1 70  LEU 70  1863 1863 LEU LEU A . n 
A 1 71  LEU 71  1864 1864 LEU LEU A . n 
A 1 72  VAL 72  1865 1865 VAL VAL A . n 
A 1 73  PHE 73  1866 1866 PHE PHE A . n 
A 1 74  ASP 74  1867 1867 ASP ASP A . n 
A 1 75  ASN 75  1868 1868 ASN ASN A . n 
A 1 76  CYS 76  1869 1869 CYS CYS A . n 
A 1 77  GLN 77  1870 1870 GLN GLN A . n 
A 1 78  THR 78  1871 1871 THR THR A . n 
A 1 79  PHE 79  1872 1872 PHE PHE A . n 
A 1 80  ASN 80  1873 1873 ASN ASN A . n 
A 1 81  GLU 81  1874 1874 GLU GLU A . n 
A 1 82  ASP 82  1875 1875 ASP ASP A . n 
A 1 83  ASP 83  1876 1876 ASP ASP A . n 
A 1 84  SER 84  1877 1877 SER SER A . n 
A 1 85  GLU 85  1878 1878 GLU GLU A . n 
A 1 86  VAL 86  1879 1879 VAL VAL A . n 
A 1 87  GLY 87  1880 1880 GLY GLY A . n 
A 1 88  LYS 88  1881 1881 LYS LYS A . n 
A 1 89  ALA 89  1882 1882 ALA ALA A . n 
A 1 90  GLY 90  1883 1883 GLY GLY A . n 
A 1 91  HIS 91  1884 1884 HIS HIS A . n 
A 1 92  ILE 92  1885 1885 ILE ILE A . n 
A 1 93  MET 93  1886 1886 MET MET A . n 
A 1 94  ARG 94  1887 1887 ARG ARG A . n 
A 1 95  ARG 95  1888 1888 ARG ARG A . n 
A 1 96  PHE 96  1889 1889 PHE PHE A . n 
A 1 97  PHE 97  1890 1890 PHE PHE A . n 
A 1 98  GLU 98  1891 1891 GLU GLU A . n 
A 1 99  SER 99  1892 1892 SER SER A . n 
A 1 100 ARG 100 1893 1893 ARG ARG A . n 
A 1 101 TRP 101 1894 1894 TRP TRP A . n 
A 1 102 GLU 102 1895 1895 GLU GLU A . n 
A 1 103 GLU 103 1896 1896 GLU GLU A . n 
A 1 104 PHE 104 1897 1897 PHE PHE A . n 
A 1 105 TYR 105 1898 1898 TYR TYR A . n 
# 
loop_
_pdbx_nonpoly_scheme.asym_id 
_pdbx_nonpoly_scheme.entity_id 
_pdbx_nonpoly_scheme.mon_id 
_pdbx_nonpoly_scheme.ndb_seq_num 
_pdbx_nonpoly_scheme.pdb_seq_num 
_pdbx_nonpoly_scheme.auth_seq_num 
_pdbx_nonpoly_scheme.pdb_mon_id 
_pdbx_nonpoly_scheme.auth_mon_id 
_pdbx_nonpoly_scheme.pdb_strand_id 
_pdbx_nonpoly_scheme.pdb_ins_code 
B 2 7MW 1  1901 1  7MW 2A1 A . 
C 3 HOH 1  2001 52 HOH HOH A . 
C 3 HOH 2  2002 22 HOH HOH A . 
C 3 HOH 3  2003 47 HOH HOH A . 
C 3 HOH 4  2004 43 HOH HOH A . 
C 3 HOH 5  2005 17 HOH HOH A . 
C 3 HOH 6  2006 34 HOH HOH A . 
C 3 HOH 7  2007 5  HOH HOH A . 
C 3 HOH 8  2008 13 HOH HOH A . 
C 3 HOH 9  2009 62 HOH HOH A . 
C 3 HOH 10 2010 15 HOH HOH A . 
C 3 HOH 11 2011 35 HOH HOH A . 
C 3 HOH 12 2012 3  HOH HOH A . 
C 3 HOH 13 2013 1  HOH HOH A . 
C 3 HOH 14 2014 68 HOH HOH A . 
C 3 HOH 15 2015 66 HOH HOH A . 
C 3 HOH 16 2016 45 HOH HOH A . 
C 3 HOH 17 2017 28 HOH HOH A . 
C 3 HOH 18 2018 24 HOH HOH A . 
C 3 HOH 19 2019 18 HOH HOH A . 
C 3 HOH 20 2020 2  HOH HOH A . 
C 3 HOH 21 2021 54 HOH HOH A . 
C 3 HOH 22 2022 27 HOH HOH A . 
C 3 HOH 23 2023 11 HOH HOH A . 
C 3 HOH 24 2024 49 HOH HOH A . 
C 3 HOH 25 2025 70 HOH HOH A . 
C 3 HOH 26 2026 16 HOH HOH A . 
C 3 HOH 27 2027 19 HOH HOH A . 
C 3 HOH 28 2028 25 HOH HOH A . 
C 3 HOH 29 2029 21 HOH HOH A . 
C 3 HOH 30 2030 12 HOH HOH A . 
C 3 HOH 31 2031 23 HOH HOH A . 
C 3 HOH 32 2032 51 HOH HOH A . 
C 3 HOH 33 2033 64 HOH HOH A . 
C 3 HOH 34 2034 39 HOH HOH A . 
C 3 HOH 35 2035 46 HOH HOH A . 
C 3 HOH 36 2036 6  HOH HOH A . 
C 3 HOH 37 2037 71 HOH HOH A . 
C 3 HOH 38 2038 40 HOH HOH A . 
C 3 HOH 39 2039 20 HOH HOH A . 
C 3 HOH 40 2040 7  HOH HOH A . 
C 3 HOH 41 2041 9  HOH HOH A . 
C 3 HOH 42 2042 32 HOH HOH A . 
C 3 HOH 43 2043 58 HOH HOH A . 
C 3 HOH 44 2044 69 HOH HOH A . 
C 3 HOH 45 2045 63 HOH HOH A . 
C 3 HOH 46 2046 55 HOH HOH A . 
C 3 HOH 47 2047 4  HOH HOH A . 
C 3 HOH 48 2048 14 HOH HOH A . 
C 3 HOH 49 2049 8  HOH HOH A . 
C 3 HOH 50 2050 10 HOH HOH A . 
C 3 HOH 51 2051 37 HOH HOH A . 
C 3 HOH 52 2052 31 HOH HOH A . 
C 3 HOH 53 2053 59 HOH HOH A . 
C 3 HOH 54 2054 26 HOH HOH A . 
C 3 HOH 55 2055 30 HOH HOH A . 
C 3 HOH 56 2056 44 HOH HOH A . 
C 3 HOH 57 2057 48 HOH HOH A . 
C 3 HOH 58 2058 36 HOH HOH A . 
C 3 HOH 59 2059 33 HOH HOH A . 
C 3 HOH 60 2060 53 HOH HOH A . 
C 3 HOH 61 2061 56 HOH HOH A . 
C 3 HOH 62 2062 29 HOH HOH A . 
C 3 HOH 63 2063 67 HOH HOH A . 
C 3 HOH 64 2064 57 HOH HOH A . 
C 3 HOH 65 2065 41 HOH HOH A . 
C 3 HOH 66 2066 61 HOH HOH A . 
C 3 HOH 67 2067 50 HOH HOH A . 
C 3 HOH 68 2068 38 HOH HOH A . 
# 
loop_
_software.citation_id 
_software.classification 
_software.compiler_name 
_software.compiler_version 
_software.contact_author 
_software.contact_author_email 
_software.date 
_software.description 
_software.dependencies 
_software.hardware 
_software.language 
_software.location 
_software.mods 
_software.name 
_software.os 
_software.os_version 
_software.type 
_software.version 
_software.pdbx_ordinal 
? 'data scaling'    ? ? ? ? ? ? ? ? ? ? ? Aimless     ? ? ? 0.3.11 1 
? 'data reduction'  ? ? ? ? ? ? ? ? ? ? ? XDS         ? ? ? .      2 
? refinement        ? ? ? ? ? ? ? ? ? ? ? PHENIX      ? ? ? .      3 
? 'data extraction' ? ? ? ? ? ? ? ? ? ? ? PDB_EXTRACT ? ? ? 3.20   4 
? 'data scaling'    ? ? ? ? ? ? ? ? ? ? ? XSCALE      ? ? ? .      5 
? phasing           ? ? ? ? ? ? ? ? ? ? ? PHASER      ? ? ? .      6 
# 
_cell.angle_alpha                  90.000 
_cell.angle_alpha_esd              ? 
_cell.angle_beta                   90.000 
_cell.angle_beta_esd               ? 
_cell.angle_gamma                  120.000 
_cell.angle_gamma_esd              ? 
_cell.entry_id                     5MGK 
_cell.details                      ? 
_cell.formula_units_Z              ? 
_cell.length_a                     95.239 
_cell.length_a_esd                 ? 
_cell.length_b                     95.239 
_cell.length_b_esd                 ? 
_cell.length_c                     32.960 
_cell.length_c_esd                 ? 
_cell.volume                       ? 
_cell.volume_esd                   ? 
_cell.Z_PDB                        6 
_cell.reciprocal_angle_alpha       ? 
_cell.reciprocal_angle_beta        ? 
_cell.reciprocal_angle_gamma       ? 
_cell.reciprocal_angle_alpha_esd   ? 
_cell.reciprocal_angle_beta_esd    ? 
_cell.reciprocal_angle_gamma_esd   ? 
_cell.reciprocal_length_a          ? 
_cell.reciprocal_length_b          ? 
_cell.reciprocal_length_c          ? 
_cell.reciprocal_length_a_esd      ? 
_cell.reciprocal_length_b_esd      ? 
_cell.reciprocal_length_c_esd      ? 
_cell.pdbx_unique_axis             ? 
# 
_symmetry.entry_id                         5MGK 
_symmetry.cell_setting                     ? 
_symmetry.Int_Tables_number                152 
_symmetry.space_group_name_Hall            ? 
_symmetry.space_group_name_H-M             'P 31 2 1' 
_symmetry.pdbx_full_space_group_name_H-M   ? 
# 
_exptl.absorpt_coefficient_mu     ? 
_exptl.absorpt_correction_T_max   ? 
_exptl.absorpt_correction_T_min   ? 
_exptl.absorpt_correction_type    ? 
_exptl.absorpt_process_details    ? 
_exptl.entry_id                   5MGK 
_exptl.crystals_number            1 
_exptl.details                    ? 
_exptl.method                     'X-RAY DIFFRACTION' 
_exptl.method_details             ? 
# 
_exptl_crystal.colour                      ? 
_exptl_crystal.density_diffrn              ? 
_exptl_crystal.density_Matthews            3.49 
_exptl_crystal.density_method              ? 
_exptl_crystal.density_percent_sol         64.71 
_exptl_crystal.description                 ? 
_exptl_crystal.F_000                       ? 
_exptl_crystal.id                          1 
_exptl_crystal.preparation                 ? 
_exptl_crystal.size_max                    ? 
_exptl_crystal.size_mid                    ? 
_exptl_crystal.size_min                    ? 
_exptl_crystal.size_rad                    ? 
_exptl_crystal.colour_lustre               ? 
_exptl_crystal.colour_modifier             ? 
_exptl_crystal.colour_primary              ? 
_exptl_crystal.density_meas                ? 
_exptl_crystal.density_meas_esd            ? 
_exptl_crystal.density_meas_gt             ? 
_exptl_crystal.density_meas_lt             ? 
_exptl_crystal.density_meas_temp           ? 
_exptl_crystal.density_meas_temp_esd       ? 
_exptl_crystal.density_meas_temp_gt        ? 
_exptl_crystal.density_meas_temp_lt        ? 
_exptl_crystal.pdbx_crystal_image_url      ? 
_exptl_crystal.pdbx_crystal_image_format   ? 
_exptl_crystal.pdbx_mosaicity              0.180 
_exptl_crystal.pdbx_mosaicity_esd          ? 
# 
_exptl_crystal_grow.apparatus       ? 
_exptl_crystal_grow.atmosphere      ? 
_exptl_crystal_grow.crystal_id      1 
_exptl_crystal_grow.details         ? 
_exptl_crystal_grow.method          'VAPOR DIFFUSION, SITTING DROP' 
_exptl_crystal_grow.method_ref      ? 
_exptl_crystal_grow.pH              7.5 
_exptl_crystal_grow.pressure        ? 
_exptl_crystal_grow.pressure_esd    ? 
_exptl_crystal_grow.seeding         ? 
_exptl_crystal_grow.seeding_ref     ? 
_exptl_crystal_grow.temp            277 
_exptl_crystal_grow.temp_details    ? 
_exptl_crystal_grow.temp_esd        ? 
_exptl_crystal_grow.time            ? 
_exptl_crystal_grow.pdbx_details    '20% PEG3350, 0.2 M MgCl2' 
_exptl_crystal_grow.pdbx_pH_range   ? 
# 
_diffrn.ambient_environment    ? 
_diffrn.ambient_temp           100 
_diffrn.ambient_temp_details   ? 
_diffrn.ambient_temp_esd       ? 
_diffrn.crystal_id             1 
_diffrn.crystal_support        ? 
_diffrn.crystal_treatment      ? 
_diffrn.details                ? 
_diffrn.id                     1 
_diffrn.ambient_pressure       ? 
_diffrn.ambient_pressure_esd   ? 
_diffrn.ambient_pressure_gt    ? 
_diffrn.ambient_pressure_lt    ? 
_diffrn.ambient_temp_gt        ? 
_diffrn.ambient_temp_lt        ? 
# 
_diffrn_detector.details                      ? 
_diffrn_detector.detector                     PIXEL 
_diffrn_detector.diffrn_id                    1 
_diffrn_detector.type                         'DECTRIS PILATUS 2M' 
_diffrn_detector.area_resol_mean              ? 
_diffrn_detector.dtime                        ? 
_diffrn_detector.pdbx_frames_total            ? 
_diffrn_detector.pdbx_collection_time_total   ? 
_diffrn_detector.pdbx_collection_date         2016-10-05 
# 
_diffrn_radiation.collimation                      ? 
_diffrn_radiation.diffrn_id                        1 
_diffrn_radiation.filter_edge                      ? 
_diffrn_radiation.inhomogeneity                    ? 
_diffrn_radiation.monochromator                    ? 
_diffrn_radiation.polarisn_norm                    ? 
_diffrn_radiation.polarisn_ratio                   ? 
_diffrn_radiation.probe                            ? 
_diffrn_radiation.type                             ? 
_diffrn_radiation.xray_symbol                      ? 
_diffrn_radiation.wavelength_id                    1 
_diffrn_radiation.pdbx_monochromatic_or_laue_m_l   M 
_diffrn_radiation.pdbx_wavelength_list             ? 
_diffrn_radiation.pdbx_wavelength                  ? 
_diffrn_radiation.pdbx_diffrn_protocol             'SINGLE WAVELENGTH' 
_diffrn_radiation.pdbx_analyzer                    ? 
_diffrn_radiation.pdbx_scattering_type             x-ray 
# 
_diffrn_radiation_wavelength.id           1 
_diffrn_radiation_wavelength.wavelength   1.00 
_diffrn_radiation_wavelength.wt           1.0 
# 
_diffrn_source.current                     ? 
_diffrn_source.details                     ? 
_diffrn_source.diffrn_id                   1 
_diffrn_source.power                       ? 
_diffrn_source.size                        ? 
_diffrn_source.source                      SYNCHROTRON 
_diffrn_source.target                      ? 
_diffrn_source.type                        'ELETTRA BEAMLINE 5.2R' 
_diffrn_source.voltage                     ? 
_diffrn_source.take-off_angle              ? 
_diffrn_source.pdbx_wavelength_list        1.00 
_diffrn_source.pdbx_wavelength             ? 
_diffrn_source.pdbx_synchrotron_beamline   5.2R 
_diffrn_source.pdbx_synchrotron_site       ELETTRA 
# 
_reflns.B_iso_Wilson_estimate            31.740 
_reflns.entry_id                         5MGK 
_reflns.data_reduction_details           ? 
_reflns.data_reduction_method            ? 
_reflns.d_resolution_high                2.300 
_reflns.d_resolution_low                 47.620 
_reflns.details                          ? 
_reflns.limit_h_max                      ? 
_reflns.limit_h_min                      ? 
_reflns.limit_k_max                      ? 
_reflns.limit_k_min                      ? 
_reflns.limit_l_max                      ? 
_reflns.limit_l_min                      ? 
_reflns.number_all                       ? 
_reflns.number_obs                       7850 
_reflns.observed_criterion               ? 
_reflns.observed_criterion_F_max         ? 
_reflns.observed_criterion_F_min         ? 
_reflns.observed_criterion_I_max         ? 
_reflns.observed_criterion_I_min         ? 
_reflns.observed_criterion_sigma_F       ? 
_reflns.observed_criterion_sigma_I       ? 
_reflns.percent_possible_obs             100.000 
_reflns.R_free_details                   ? 
_reflns.Rmerge_F_all                     ? 
_reflns.Rmerge_F_obs                     ? 
_reflns.Friedel_coverage                 ? 
_reflns.number_gt                        ? 
_reflns.threshold_expression             ? 
_reflns.pdbx_redundancy                  10.800 
_reflns.pdbx_Rmerge_I_obs                0.191 
_reflns.pdbx_Rmerge_I_all                ? 
_reflns.pdbx_Rsym_value                  ? 
_reflns.pdbx_netI_over_av_sigmaI         ? 
_reflns.pdbx_netI_over_sigmaI            11.000 
_reflns.pdbx_res_netI_over_av_sigmaI_2   ? 
_reflns.pdbx_res_netI_over_sigmaI_2      ? 
_reflns.pdbx_chi_squared                 ? 
_reflns.pdbx_scaling_rejects             ? 
_reflns.pdbx_d_res_high_opt              ? 
_reflns.pdbx_d_res_low_opt               ? 
_reflns.pdbx_d_res_opt_method            ? 
_reflns.phase_calculation_details        ? 
_reflns.pdbx_Rrim_I_all                  0.200 
_reflns.pdbx_Rpim_I_all                  0.061 
_reflns.pdbx_d_opt                       ? 
_reflns.pdbx_number_measured_all         85087 
_reflns.pdbx_diffrn_id                   1 
_reflns.pdbx_ordinal                     1 
_reflns.pdbx_CC_half                     0.996 
_reflns.pdbx_R_split                     ? 
# 
loop_
_reflns_shell.d_res_high 
_reflns_shell.d_res_low 
_reflns_shell.meanI_over_sigI_all 
_reflns_shell.meanI_over_sigI_obs 
_reflns_shell.number_measured_all 
_reflns_shell.number_measured_obs 
_reflns_shell.number_possible 
_reflns_shell.number_unique_all 
_reflns_shell.number_unique_obs 
_reflns_shell.percent_possible_all 
_reflns_shell.percent_possible_obs 
_reflns_shell.Rmerge_F_all 
_reflns_shell.Rmerge_F_obs 
_reflns_shell.Rmerge_I_all 
_reflns_shell.Rmerge_I_obs 
_reflns_shell.meanI_over_sigI_gt 
_reflns_shell.meanI_over_uI_all 
_reflns_shell.meanI_over_uI_gt 
_reflns_shell.number_measured_gt 
_reflns_shell.number_unique_gt 
_reflns_shell.percent_possible_gt 
_reflns_shell.Rmerge_F_gt 
_reflns_shell.Rmerge_I_gt 
_reflns_shell.pdbx_redundancy 
_reflns_shell.pdbx_Rsym_value 
_reflns_shell.pdbx_chi_squared 
_reflns_shell.pdbx_netI_over_sigmaI_all 
_reflns_shell.pdbx_netI_over_sigmaI_obs 
_reflns_shell.pdbx_Rrim_I_all 
_reflns_shell.pdbx_Rpim_I_all 
_reflns_shell.pdbx_rejects 
_reflns_shell.pdbx_ordinal 
_reflns_shell.pdbx_diffrn_id 
_reflns_shell.pdbx_CC_half 
_reflns_shell.pdbx_R_split 
2.300 2.380  ? ? ? ? ? ? ? 99.900 ? ? ? ? 1.132 ? ? ? ? ? ? ? ? 11.300 ? ? ? ? ? ? ? 1 1 0.877 ? 
8.910 47.620 ? ? ? ? ? ? ? 99.500 ? ? ? ? 0.054 ? ? ? ? ? ? ? ? 10.400 ? ? ? ? ? ? ? 2 1 0.998 ? 
# 
_refine.aniso_B[1][1]                            ? 
_refine.aniso_B[1][2]                            ? 
_refine.aniso_B[1][3]                            ? 
_refine.aniso_B[2][2]                            ? 
_refine.aniso_B[2][3]                            ? 
_refine.aniso_B[3][3]                            ? 
_refine.B_iso_max                                113.540 
_refine.B_iso_mean                               46.1754 
_refine.B_iso_min                                20.280 
_refine.correlation_coeff_Fo_to_Fc               ? 
_refine.correlation_coeff_Fo_to_Fc_free          ? 
_refine.details                                  ? 
_refine.diff_density_max                         ? 
_refine.diff_density_max_esd                     ? 
_refine.diff_density_min                         ? 
_refine.diff_density_min_esd                     ? 
_refine.diff_density_rms                         ? 
_refine.diff_density_rms_esd                     ? 
_refine.entry_id                                 5MGK 
_refine.pdbx_refine_id                           'X-RAY DIFFRACTION' 
_refine.ls_abs_structure_details                 ? 
_refine.ls_abs_structure_Flack                   ? 
_refine.ls_abs_structure_Flack_esd               ? 
_refine.ls_abs_structure_Rogers                  ? 
_refine.ls_abs_structure_Rogers_esd              ? 
_refine.ls_d_res_high                            2.3010 
_refine.ls_d_res_low                             31.1740 
_refine.ls_extinction_coef                       ? 
_refine.ls_extinction_coef_esd                   ? 
_refine.ls_extinction_expression                 ? 
_refine.ls_extinction_method                     ? 
_refine.ls_goodness_of_fit_all                   ? 
_refine.ls_goodness_of_fit_all_esd               ? 
_refine.ls_goodness_of_fit_obs                   ? 
_refine.ls_goodness_of_fit_obs_esd               ? 
_refine.ls_hydrogen_treatment                    ? 
_refine.ls_matrix_type                           ? 
_refine.ls_number_constraints                    ? 
_refine.ls_number_parameters                     ? 
_refine.ls_number_reflns_all                     ? 
_refine.ls_number_reflns_obs                     7828 
_refine.ls_number_reflns_R_free                  434 
_refine.ls_number_reflns_R_work                  ? 
_refine.ls_number_restraints                     ? 
_refine.ls_percent_reflns_obs                    99.8900 
_refine.ls_percent_reflns_R_free                 5.5400 
_refine.ls_R_factor_all                          ? 
_refine.ls_R_factor_obs                          0.2055 
_refine.ls_R_factor_R_free                       0.2365 
_refine.ls_R_factor_R_free_error                 ? 
_refine.ls_R_factor_R_free_error_details         ? 
_refine.ls_R_factor_R_work                       0.2035 
_refine.ls_R_Fsqd_factor_obs                     ? 
_refine.ls_R_I_factor_obs                        ? 
_refine.ls_redundancy_reflns_all                 ? 
_refine.ls_redundancy_reflns_obs                 ? 
_refine.ls_restrained_S_all                      ? 
_refine.ls_restrained_S_obs                      ? 
_refine.ls_shift_over_esd_max                    ? 
_refine.ls_shift_over_esd_mean                   ? 
_refine.ls_structure_factor_coef                 ? 
_refine.ls_weighting_details                     ? 
_refine.ls_weighting_scheme                      ? 
_refine.ls_wR_factor_all                         ? 
_refine.ls_wR_factor_obs                         ? 
_refine.ls_wR_factor_R_free                      ? 
_refine.ls_wR_factor_R_work                      ? 
_refine.occupancy_max                            ? 
_refine.occupancy_min                            ? 
_refine.solvent_model_details                    ? 
_refine.solvent_model_param_bsol                 ? 
_refine.solvent_model_param_ksol                 ? 
_refine.ls_R_factor_gt                           ? 
_refine.ls_goodness_of_fit_gt                    ? 
_refine.ls_goodness_of_fit_ref                   ? 
_refine.ls_shift_over_su_max                     ? 
_refine.ls_shift_over_su_max_lt                  ? 
_refine.ls_shift_over_su_mean                    ? 
_refine.ls_shift_over_su_mean_lt                 ? 
_refine.pdbx_ls_sigma_I                          ? 
_refine.pdbx_ls_sigma_F                          1.330 
_refine.pdbx_ls_sigma_Fsqd                       ? 
_refine.pdbx_data_cutoff_high_absF               ? 
_refine.pdbx_data_cutoff_high_rms_absF           ? 
_refine.pdbx_data_cutoff_low_absF                ? 
_refine.pdbx_isotropic_thermal_model             ? 
_refine.pdbx_ls_cross_valid_method               'FREE R-VALUE' 
_refine.pdbx_method_to_determine_struct          'MOLECULAR REPLACEMENT' 
_refine.pdbx_starting_model                      4LZ2 
_refine.pdbx_stereochemistry_target_values       ? 
_refine.pdbx_R_Free_selection_details            ? 
_refine.pdbx_stereochem_target_val_spec_case     ? 
_refine.pdbx_overall_ESU_R                       ? 
_refine.pdbx_overall_ESU_R_Free                  ? 
_refine.pdbx_solvent_vdw_probe_radii             1.1100 
_refine.pdbx_solvent_ion_probe_radii             ? 
_refine.pdbx_solvent_shrinkage_radii             0.9000 
_refine.pdbx_real_space_R                        ? 
_refine.pdbx_density_correlation                 ? 
_refine.pdbx_pd_number_of_powder_patterns        ? 
_refine.pdbx_pd_number_of_points                 ? 
_refine.pdbx_pd_meas_number_of_points            ? 
_refine.pdbx_pd_proc_ls_prof_R_factor            ? 
_refine.pdbx_pd_proc_ls_prof_wR_factor           ? 
_refine.pdbx_pd_Marquardt_correlation_coeff      ? 
_refine.pdbx_pd_Fsqrd_R_factor                   ? 
_refine.pdbx_pd_ls_matrix_band_width             ? 
_refine.pdbx_overall_phase_error                 26.9300 
_refine.pdbx_overall_SU_R_free_Cruickshank_DPI   ? 
_refine.pdbx_overall_SU_R_free_Blow_DPI          ? 
_refine.pdbx_overall_SU_R_Blow_DPI               ? 
_refine.pdbx_TLS_residual_ADP_flag               ? 
_refine.pdbx_diffrn_id                           1 
_refine.overall_SU_B                             ? 
_refine.overall_SU_ML                            0.2900 
_refine.overall_SU_R_Cruickshank_DPI             ? 
_refine.overall_SU_R_free                        ? 
_refine.overall_FOM_free_R_set                   ? 
_refine.overall_FOM_work_R_set                   ? 
_refine.pdbx_average_fsc_overall                 ? 
_refine.pdbx_average_fsc_work                    ? 
_refine.pdbx_average_fsc_free                    ? 
# 
_refine_hist.cycle_id                         final 
_refine_hist.pdbx_refine_id                   'X-RAY DIFFRACTION' 
_refine_hist.d_res_high                       2.3010 
_refine_hist.d_res_low                        31.1740 
_refine_hist.pdbx_number_atoms_ligand         13 
_refine_hist.number_atoms_solvent             68 
_refine_hist.number_atoms_total               934 
_refine_hist.pdbx_number_residues_total       103 
_refine_hist.pdbx_B_iso_mean_ligand           50.17 
_refine_hist.pdbx_B_iso_mean_solvent          41.58 
_refine_hist.pdbx_number_atoms_protein        853 
_refine_hist.pdbx_number_atoms_nucleic_acid   0 
# 
loop_
_refine_ls_restr.pdbx_refine_id 
_refine_ls_restr.criterion 
_refine_ls_restr.dev_ideal 
_refine_ls_restr.dev_ideal_target 
_refine_ls_restr.number 
_refine_ls_restr.rejects 
_refine_ls_restr.type 
_refine_ls_restr.weight 
_refine_ls_restr.pdbx_restraint_function 
'X-RAY DIFFRACTION' ? 0.002  ? 894  ? f_bond_d           ? ? 
'X-RAY DIFFRACTION' ? 0.703  ? 1205 ? f_angle_d          ? ? 
'X-RAY DIFFRACTION' ? 0.024  ? 120  ? f_chiral_restr     ? ? 
'X-RAY DIFFRACTION' ? 0.003  ? 160  ? f_plane_restr      ? ? 
'X-RAY DIFFRACTION' ? 13.831 ? 332  ? f_dihedral_angle_d ? ? 
# 
loop_
_refine_ls_shell.pdbx_refine_id 
_refine_ls_shell.d_res_high 
_refine_ls_shell.d_res_low 
_refine_ls_shell.number_reflns_all 
_refine_ls_shell.number_reflns_obs 
_refine_ls_shell.number_reflns_R_free 
_refine_ls_shell.number_reflns_R_work 
_refine_ls_shell.percent_reflns_obs 
_refine_ls_shell.percent_reflns_R_free 
_refine_ls_shell.R_factor_all 
_refine_ls_shell.R_factor_obs 
_refine_ls_shell.R_factor_R_free 
_refine_ls_shell.R_factor_R_free_error 
_refine_ls_shell.R_factor_R_work 
_refine_ls_shell.redundancy_reflns_all 
_refine_ls_shell.redundancy_reflns_obs 
_refine_ls_shell.wR_factor_all 
_refine_ls_shell.wR_factor_obs 
_refine_ls_shell.wR_factor_R_free 
_refine_ls_shell.wR_factor_R_work 
_refine_ls_shell.pdbx_total_number_of_bins_used 
_refine_ls_shell.pdbx_phase_error 
_refine_ls_shell.pdbx_fsc_work 
_refine_ls_shell.pdbx_fsc_free 
'X-RAY DIFFRACTION' 2.3006 2.6334  2573 . 134 2439 100.0000 . . . 0.2878 . 0.2623 . . . . . . 3 . . . 
'X-RAY DIFFRACTION' 2.6334 3.3172  2590 . 159 2431 100.0000 . . . 0.2747 . 0.2366 . . . . . . 3 . . . 
'X-RAY DIFFRACTION' 3.3172 31.1771 2665 . 141 2524 100.0000 . . . 0.2024 . 0.1722 . . . . . . 3 . . . 
# 
_struct.entry_id                     5MGK 
_struct.title                        'Crystal Structure of BAZ2A bromodomain in complex with 4-propionyl-pyrrole derivative 2' 
_struct.pdbx_model_details           ? 
_struct.pdbx_formula_weight          ? 
_struct.pdbx_formula_weight_method   ? 
_struct.pdbx_model_type_details      ? 
_struct.pdbx_CASP_flag               N 
# 
_struct_keywords.entry_id        5MGK 
_struct_keywords.text            'four helical bundle, transcription' 
_struct_keywords.pdbx_keywords   TRANSCRIPTION 
# 
loop_
_struct_asym.id 
_struct_asym.pdbx_blank_PDB_chainid_flag 
_struct_asym.pdbx_modified 
_struct_asym.entity_id 
_struct_asym.details 
A N N 1 ? 
B N N 2 ? 
C N N 3 ? 
# 
_struct_ref.id                         1 
_struct_ref.db_name                    UNP 
_struct_ref.db_code                    BAZ2A_HUMAN 
_struct_ref.pdbx_db_accession          Q9UIF9 
_struct_ref.pdbx_db_isoform            ? 
_struct_ref.entity_id                  1 
_struct_ref.pdbx_seq_one_letter_code   
;HSDLTFCEIILMEMESHDAAWPFLEPVNPRLVSGYRRIIKNPMDFSTMRERLLRGGYTSSEEFAADALLVFDNCQTFNED
DSEVGKAGHIMRRFFESRWEEFY
;
_struct_ref.pdbx_align_begin           1796 
# 
_struct_ref_seq.align_id                      1 
_struct_ref_seq.ref_id                        1 
_struct_ref_seq.pdbx_PDB_id_code              5MGK 
_struct_ref_seq.pdbx_strand_id                A 
_struct_ref_seq.seq_align_beg                 3 
_struct_ref_seq.pdbx_seq_align_beg_ins_code   ? 
_struct_ref_seq.seq_align_end                 105 
_struct_ref_seq.pdbx_seq_align_end_ins_code   ? 
_struct_ref_seq.pdbx_db_accession             Q9UIF9 
_struct_ref_seq.db_align_beg                  1796 
_struct_ref_seq.pdbx_db_align_beg_ins_code    ? 
_struct_ref_seq.db_align_end                  1898 
_struct_ref_seq.pdbx_db_align_end_ins_code    ? 
_struct_ref_seq.pdbx_auth_seq_align_beg       1796 
_struct_ref_seq.pdbx_auth_seq_align_end       1898 
# 
loop_
_struct_ref_seq_dif.align_id 
_struct_ref_seq_dif.pdbx_pdb_id_code 
_struct_ref_seq_dif.mon_id 
_struct_ref_seq_dif.pdbx_pdb_strand_id 
_struct_ref_seq_dif.seq_num 
_struct_ref_seq_dif.pdbx_pdb_ins_code 
_struct_ref_seq_dif.pdbx_seq_db_name 
_struct_ref_seq_dif.pdbx_seq_db_accession_code 
_struct_ref_seq_dif.db_mon_id 
_struct_ref_seq_dif.pdbx_seq_db_seq_num 
_struct_ref_seq_dif.details 
_struct_ref_seq_dif.pdbx_auth_seq_num 
_struct_ref_seq_dif.pdbx_ordinal 
1 5MGK SER A 1 ? UNP Q9UIF9 ? ? 'expression tag' 1794 1 
1 5MGK MET A 2 ? UNP Q9UIF9 ? ? 'expression tag' 1795 2 
# 
_pdbx_struct_assembly.id                   1 
_pdbx_struct_assembly.details              author_and_software_defined_assembly 
_pdbx_struct_assembly.method_details       PISA 
_pdbx_struct_assembly.oligomeric_details   monomeric 
_pdbx_struct_assembly.oligomeric_count     1 
# 
loop_
_pdbx_struct_assembly_prop.biol_id 
_pdbx_struct_assembly_prop.type 
_pdbx_struct_assembly_prop.value 
_pdbx_struct_assembly_prop.details 
1 'ABSA (A^2)' 0    ? 
1 MORE         0    ? 
1 'SSA (A^2)'  6300 ? 
# 
_pdbx_struct_assembly_gen.assembly_id       1 
_pdbx_struct_assembly_gen.oper_expression   1 
_pdbx_struct_assembly_gen.asym_id_list      A,B,C 
# 
_pdbx_struct_oper_list.id                   1 
_pdbx_struct_oper_list.type                 'identity operation' 
_pdbx_struct_oper_list.name                 1_555 
_pdbx_struct_oper_list.symmetry_operation   x,y,z 
_pdbx_struct_oper_list.matrix[1][1]         1.0000000000 
_pdbx_struct_oper_list.matrix[1][2]         0.0000000000 
_pdbx_struct_oper_list.matrix[1][3]         0.0000000000 
_pdbx_struct_oper_list.vector[1]            0.0000000000 
_pdbx_struct_oper_list.matrix[2][1]         0.0000000000 
_pdbx_struct_oper_list.matrix[2][2]         1.0000000000 
_pdbx_struct_oper_list.matrix[2][3]         0.0000000000 
_pdbx_struct_oper_list.vector[2]            0.0000000000 
_pdbx_struct_oper_list.matrix[3][1]         0.0000000000 
_pdbx_struct_oper_list.matrix[3][2]         0.0000000000 
_pdbx_struct_oper_list.matrix[3][3]         1.0000000000 
_pdbx_struct_oper_list.vector[3]            0.0000000000 
# 
loop_
_struct_conf.conf_type_id 
_struct_conf.id 
_struct_conf.pdbx_PDB_helix_id 
_struct_conf.beg_label_comp_id 
_struct_conf.beg_label_asym_id 
_struct_conf.beg_label_seq_id 
_struct_conf.pdbx_beg_PDB_ins_code 
_struct_conf.end_label_comp_id 
_struct_conf.end_label_asym_id 
_struct_conf.end_label_seq_id 
_struct_conf.pdbx_end_PDB_ins_code 
_struct_conf.beg_auth_comp_id 
_struct_conf.beg_auth_asym_id 
_struct_conf.beg_auth_seq_id 
_struct_conf.end_auth_comp_id 
_struct_conf.end_auth_asym_id 
_struct_conf.end_auth_seq_id 
_struct_conf.pdbx_PDB_helix_class 
_struct_conf.details 
_struct_conf.pdbx_PDB_helix_length 
HELX_P HELX_P1 AA1 HIS A 3  ? SER A 18  ? HIS A 1796 SER A 1811 1 ? 16 
HELX_P HELX_P2 AA2 HIS A 19 ? TRP A 23  ? HIS A 1812 TRP A 1816 5 ? 5  
HELX_P HELX_P3 AA3 GLY A 36 ? ILE A 41  ? GLY A 1829 ILE A 1834 1 ? 6  
HELX_P HELX_P4 AA4 ASP A 46 ? ARG A 56  ? ASP A 1839 ARG A 1849 1 ? 11 
HELX_P HELX_P5 AA5 SER A 61 ? ASN A 80  ? SER A 1854 ASN A 1873 1 ? 20 
HELX_P HELX_P6 AA6 SER A 84 ? GLU A 103 ? SER A 1877 GLU A 1896 1 ? 20 
# 
_struct_conf_type.id          HELX_P 
_struct_conf_type.criteria    ? 
_struct_conf_type.reference   ? 
# 
_struct_site.id                   AC1 
_struct_site.pdbx_evidence_code   Software 
_struct_site.pdbx_auth_asym_id    A 
_struct_site.pdbx_auth_comp_id    7MW 
_struct_site.pdbx_auth_seq_id     1901 
_struct_site.pdbx_auth_ins_code   ? 
_struct_site.pdbx_num_residues    9 
_struct_site.details              'binding site for residue 7MW A 1901' 
# 
loop_
_struct_site_gen.id 
_struct_site_gen.site_id 
_struct_site_gen.pdbx_num_res 
_struct_site_gen.label_comp_id 
_struct_site_gen.label_asym_id 
_struct_site_gen.label_seq_id 
_struct_site_gen.pdbx_auth_ins_code 
_struct_site_gen.auth_comp_id 
_struct_site_gen.auth_asym_id 
_struct_site_gen.auth_seq_id 
_struct_site_gen.label_atom_id 
_struct_site_gen.label_alt_id 
_struct_site_gen.symmetry 
_struct_site_gen.details 
1 AC1 9 PRO A 24 ? PRO A 1817 . ? 1_555 ? 
2 AC1 9 PHE A 25 ? PHE A 1818 . ? 1_555 ? 
3 AC1 9 VAL A 29 ? VAL A 1822 . ? 1_555 ? 
4 AC1 9 TYR A 37 ? TYR A 1830 . ? 1_555 ? 
5 AC1 9 PHE A 79 ? PHE A 1872 . ? 1_555 ? 
6 AC1 9 ASN A 80 ? ASN A 1873 . ? 1_555 ? 
7 AC1 9 VAL A 86 ? VAL A 1879 . ? 1_555 ? 
8 AC1 9 HOH C .  ? HOH A 2020 . ? 1_555 ? 
9 AC1 9 HOH C .  ? HOH A 2037 . ? 1_555 ? 
# 
_pdbx_validate_symm_contact.id                1 
_pdbx_validate_symm_contact.PDB_model_num     1 
_pdbx_validate_symm_contact.auth_atom_id_1    O 
_pdbx_validate_symm_contact.auth_asym_id_1    A 
_pdbx_validate_symm_contact.auth_comp_id_1    HOH 
_pdbx_validate_symm_contact.auth_seq_id_1     2045 
_pdbx_validate_symm_contact.PDB_ins_code_1    ? 
_pdbx_validate_symm_contact.label_alt_id_1    ? 
_pdbx_validate_symm_contact.site_symmetry_1   1_555 
_pdbx_validate_symm_contact.auth_atom_id_2    O 
_pdbx_validate_symm_contact.auth_asym_id_2    A 
_pdbx_validate_symm_contact.auth_comp_id_2    HOH 
_pdbx_validate_symm_contact.auth_seq_id_2     2060 
_pdbx_validate_symm_contact.PDB_ins_code_2    ? 
_pdbx_validate_symm_contact.label_alt_id_2    ? 
_pdbx_validate_symm_contact.site_symmetry_2   6_347 
_pdbx_validate_symm_contact.dist              1.97 
# 
_pdbx_struct_special_symmetry.id              1 
_pdbx_struct_special_symmetry.PDB_model_num   1 
_pdbx_struct_special_symmetry.auth_asym_id    A 
_pdbx_struct_special_symmetry.auth_comp_id    HOH 
_pdbx_struct_special_symmetry.auth_seq_id     2051 
_pdbx_struct_special_symmetry.PDB_ins_code    ? 
_pdbx_struct_special_symmetry.label_asym_id   C 
_pdbx_struct_special_symmetry.label_comp_id   HOH 
_pdbx_struct_special_symmetry.label_seq_id    . 
# 
loop_
_pdbx_refine_tls.pdbx_refine_id 
_pdbx_refine_tls.id 
_pdbx_refine_tls.details 
_pdbx_refine_tls.method 
_pdbx_refine_tls.origin_x 
_pdbx_refine_tls.origin_y 
_pdbx_refine_tls.origin_z 
_pdbx_refine_tls.T[1][1] 
_pdbx_refine_tls.T[2][2] 
_pdbx_refine_tls.T[3][3] 
_pdbx_refine_tls.T[1][2] 
_pdbx_refine_tls.T[1][3] 
_pdbx_refine_tls.T[2][3] 
_pdbx_refine_tls.L[1][1] 
_pdbx_refine_tls.L[2][2] 
_pdbx_refine_tls.L[3][3] 
_pdbx_refine_tls.L[1][2] 
_pdbx_refine_tls.L[1][3] 
_pdbx_refine_tls.L[2][3] 
_pdbx_refine_tls.S[1][1] 
_pdbx_refine_tls.S[2][2] 
_pdbx_refine_tls.S[3][3] 
_pdbx_refine_tls.S[1][2] 
_pdbx_refine_tls.S[1][3] 
_pdbx_refine_tls.S[2][3] 
_pdbx_refine_tls.S[2][1] 
_pdbx_refine_tls.S[3][1] 
_pdbx_refine_tls.S[3][2] 
'X-RAY DIFFRACTION' 1 ? refined 8.2730  -1.9156 8.9193  0.5266 0.5255 0.4758 -0.0157 -0.1116 -0.1879 2.9244 3.6406 0.2176 0.1977  -0.7579 -0.1051 0.0032 0.1780  -0.3313 -1.3294 -0.2756 -0.0945 0.7108 0.4080  0.4664  
'X-RAY DIFFRACTION' 2 ? refined -6.1623 6.4489  -4.2805 0.2921 0.3114 0.5094 -0.0318 0.0418  -0.0856 0.9069 1.3640 1.4222 -0.3420 -0.5629 0.2590  0.0203 -0.0234 0.0534  -0.1418 0.5684  0.0123  0.1247 -0.0880 -0.3515 
'X-RAY DIFFRACTION' 3 ? refined -2.5311 -1.7182 4.6606  0.4027 0.4010 0.3353 -0.1132 0.0455  -0.1488 2.6607 1.2498 4.0686 0.4236  0.6888  0.4242  0.2386 -0.3367 0.0915  -0.6671 0.2743  0.1413  0.4752 0.4579  -0.2068 
'X-RAY DIFFRACTION' 4 ? refined 5.1716  -4.0279 -5.8793 0.3284 0.2121 0.3373 0.0341  -0.0028 -0.1194 4.7369 2.6769 3.9277 0.3654  -0.4233 -0.1882 0.0669 -0.0264 -0.1477 0.1094  0.2192  -0.1556 0.2161 0.4488  0.5867 
# 
loop_
_pdbx_refine_tls_group.pdbx_refine_id 
_pdbx_refine_tls_group.id 
_pdbx_refine_tls_group.refine_tls_id 
_pdbx_refine_tls_group.beg_auth_asym_id 
_pdbx_refine_tls_group.beg_auth_seq_id 
_pdbx_refine_tls_group.end_auth_asym_id 
_pdbx_refine_tls_group.end_auth_seq_id 
_pdbx_refine_tls_group.selection_details 
_pdbx_refine_tls_group.beg_label_asym_id 
_pdbx_refine_tls_group.beg_label_seq_id 
_pdbx_refine_tls_group.end_label_asym_id 
_pdbx_refine_tls_group.end_label_seq_id 
_pdbx_refine_tls_group.selection 
'X-RAY DIFFRACTION' 1 1 A 0 A 0 
;chain 'A' and (resid 1796 through 1810 )
;
? ? ? ? ? 
'X-RAY DIFFRACTION' 2 2 A 0 A 0 
;chain 'A' and (resid 1811 through 1839 )
;
? ? ? ? ? 
'X-RAY DIFFRACTION' 3 3 A 0 A 0 
;chain 'A' and (resid 1840 through 1872 )
;
? ? ? ? ? 
'X-RAY DIFFRACTION' 4 4 A 0 A 0 
;chain 'A' and (resid 1873 through 1898 )
;
? ? ? ? ? 
# 
_phasing.method   MR 
# 
loop_
_pdbx_unobs_or_zero_occ_residues.id 
_pdbx_unobs_or_zero_occ_residues.PDB_model_num 
_pdbx_unobs_or_zero_occ_residues.polymer_flag 
_pdbx_unobs_or_zero_occ_residues.occupancy_flag 
_pdbx_unobs_or_zero_occ_residues.auth_asym_id 
_pdbx_unobs_or_zero_occ_residues.auth_comp_id 
_pdbx_unobs_or_zero_occ_residues.auth_seq_id 
_pdbx_unobs_or_zero_occ_residues.PDB_ins_code 
_pdbx_unobs_or_zero_occ_residues.label_asym_id 
_pdbx_unobs_or_zero_occ_residues.label_comp_id 
_pdbx_unobs_or_zero_occ_residues.label_seq_id 
1 1 Y 1 A SER 1794 ? A SER 1 
2 1 Y 1 A MET 1795 ? A MET 2 
# 
loop_
_chem_comp_atom.comp_id 
_chem_comp_atom.atom_id 
_chem_comp_atom.type_symbol 
_chem_comp_atom.pdbx_aromatic_flag 
_chem_comp_atom.pdbx_stereo_config 
_chem_comp_atom.pdbx_ordinal 
7MW C01  C N N 1   
7MW C02  C N N 2   
7MW C03  C N N 3   
7MW O04  O N N 4   
7MW C05  C Y N 5   
7MW C06  C Y N 6   
7MW N07  N Y N 7   
7MW C08  C Y N 8   
7MW C09  C Y N 9   
7MW C10  C N N 10  
7MW O11  O N N 11  
7MW O12  O N N 12  
7MW C13  C N N 13  
7MW H1   H N N 14  
7MW H2   H N N 15  
7MW H3   H N N 16  
7MW H4   H N N 17  
7MW H5   H N N 18  
7MW H6   H N N 19  
7MW H7   H N N 20  
7MW H8   H N N 21  
7MW H9   H N N 22  
7MW H10  H N N 23  
7MW H11  H N N 24  
ALA N    N N N 25  
ALA CA   C N S 26  
ALA C    C N N 27  
ALA O    O N N 28  
ALA CB   C N N 29  
ALA OXT  O N N 30  
ALA H    H N N 31  
ALA H2   H N N 32  
ALA HA   H N N 33  
ALA HB1  H N N 34  
ALA HB2  H N N 35  
ALA HB3  H N N 36  
ALA HXT  H N N 37  
ARG N    N N N 38  
ARG CA   C N S 39  
ARG C    C N N 40  
ARG O    O N N 41  
ARG CB   C N N 42  
ARG CG   C N N 43  
ARG CD   C N N 44  
ARG NE   N N N 45  
ARG CZ   C N N 46  
ARG NH1  N N N 47  
ARG NH2  N N N 48  
ARG OXT  O N N 49  
ARG H    H N N 50  
ARG H2   H N N 51  
ARG HA   H N N 52  
ARG HB2  H N N 53  
ARG HB3  H N N 54  
ARG HG2  H N N 55  
ARG HG3  H N N 56  
ARG HD2  H N N 57  
ARG HD3  H N N 58  
ARG HE   H N N 59  
ARG HH11 H N N 60  
ARG HH12 H N N 61  
ARG HH21 H N N 62  
ARG HH22 H N N 63  
ARG HXT  H N N 64  
ASN N    N N N 65  
ASN CA   C N S 66  
ASN C    C N N 67  
ASN O    O N N 68  
ASN CB   C N N 69  
ASN CG   C N N 70  
ASN OD1  O N N 71  
ASN ND2  N N N 72  
ASN OXT  O N N 73  
ASN H    H N N 74  
ASN H2   H N N 75  
ASN HA   H N N 76  
ASN HB2  H N N 77  
ASN HB3  H N N 78  
ASN HD21 H N N 79  
ASN HD22 H N N 80  
ASN HXT  H N N 81  
ASP N    N N N 82  
ASP CA   C N S 83  
ASP C    C N N 84  
ASP O    O N N 85  
ASP CB   C N N 86  
ASP CG   C N N 87  
ASP OD1  O N N 88  
ASP OD2  O N N 89  
ASP OXT  O N N 90  
ASP H    H N N 91  
ASP H2   H N N 92  
ASP HA   H N N 93  
ASP HB2  H N N 94  
ASP HB3  H N N 95  
ASP HD2  H N N 96  
ASP HXT  H N N 97  
CYS N    N N N 98  
CYS CA   C N R 99  
CYS C    C N N 100 
CYS O    O N N 101 
CYS CB   C N N 102 
CYS SG   S N N 103 
CYS OXT  O N N 104 
CYS H    H N N 105 
CYS H2   H N N 106 
CYS HA   H N N 107 
CYS HB2  H N N 108 
CYS HB3  H N N 109 
CYS HG   H N N 110 
CYS HXT  H N N 111 
GLN N    N N N 112 
GLN CA   C N S 113 
GLN C    C N N 114 
GLN O    O N N 115 
GLN CB   C N N 116 
GLN CG   C N N 117 
GLN CD   C N N 118 
GLN OE1  O N N 119 
GLN NE2  N N N 120 
GLN OXT  O N N 121 
GLN H    H N N 122 
GLN H2   H N N 123 
GLN HA   H N N 124 
GLN HB2  H N N 125 
GLN HB3  H N N 126 
GLN HG2  H N N 127 
GLN HG3  H N N 128 
GLN HE21 H N N 129 
GLN HE22 H N N 130 
GLN HXT  H N N 131 
GLU N    N N N 132 
GLU CA   C N S 133 
GLU C    C N N 134 
GLU O    O N N 135 
GLU CB   C N N 136 
GLU CG   C N N 137 
GLU CD   C N N 138 
GLU OE1  O N N 139 
GLU OE2  O N N 140 
GLU OXT  O N N 141 
GLU H    H N N 142 
GLU H2   H N N 143 
GLU HA   H N N 144 
GLU HB2  H N N 145 
GLU HB3  H N N 146 
GLU HG2  H N N 147 
GLU HG3  H N N 148 
GLU HE2  H N N 149 
GLU HXT  H N N 150 
GLY N    N N N 151 
GLY CA   C N N 152 
GLY C    C N N 153 
GLY O    O N N 154 
GLY OXT  O N N 155 
GLY H    H N N 156 
GLY H2   H N N 157 
GLY HA2  H N N 158 
GLY HA3  H N N 159 
GLY HXT  H N N 160 
HIS N    N N N 161 
HIS CA   C N S 162 
HIS C    C N N 163 
HIS O    O N N 164 
HIS CB   C N N 165 
HIS CG   C Y N 166 
HIS ND1  N Y N 167 
HIS CD2  C Y N 168 
HIS CE1  C Y N 169 
HIS NE2  N Y N 170 
HIS OXT  O N N 171 
HIS H    H N N 172 
HIS H2   H N N 173 
HIS HA   H N N 174 
HIS HB2  H N N 175 
HIS HB3  H N N 176 
HIS HD1  H N N 177 
HIS HD2  H N N 178 
HIS HE1  H N N 179 
HIS HE2  H N N 180 
HIS HXT  H N N 181 
HOH O    O N N 182 
HOH H1   H N N 183 
HOH H2   H N N 184 
ILE N    N N N 185 
ILE CA   C N S 186 
ILE C    C N N 187 
ILE O    O N N 188 
ILE CB   C N S 189 
ILE CG1  C N N 190 
ILE CG2  C N N 191 
ILE CD1  C N N 192 
ILE OXT  O N N 193 
ILE H    H N N 194 
ILE H2   H N N 195 
ILE HA   H N N 196 
ILE HB   H N N 197 
ILE HG12 H N N 198 
ILE HG13 H N N 199 
ILE HG21 H N N 200 
ILE HG22 H N N 201 
ILE HG23 H N N 202 
ILE HD11 H N N 203 
ILE HD12 H N N 204 
ILE HD13 H N N 205 
ILE HXT  H N N 206 
LEU N    N N N 207 
LEU CA   C N S 208 
LEU C    C N N 209 
LEU O    O N N 210 
LEU CB   C N N 211 
LEU CG   C N N 212 
LEU CD1  C N N 213 
LEU CD2  C N N 214 
LEU OXT  O N N 215 
LEU H    H N N 216 
LEU H2   H N N 217 
LEU HA   H N N 218 
LEU HB2  H N N 219 
LEU HB3  H N N 220 
LEU HG   H N N 221 
LEU HD11 H N N 222 
LEU HD12 H N N 223 
LEU HD13 H N N 224 
LEU HD21 H N N 225 
LEU HD22 H N N 226 
LEU HD23 H N N 227 
LEU HXT  H N N 228 
LYS N    N N N 229 
LYS CA   C N S 230 
LYS C    C N N 231 
LYS O    O N N 232 
LYS CB   C N N 233 
LYS CG   C N N 234 
LYS CD   C N N 235 
LYS CE   C N N 236 
LYS NZ   N N N 237 
LYS OXT  O N N 238 
LYS H    H N N 239 
LYS H2   H N N 240 
LYS HA   H N N 241 
LYS HB2  H N N 242 
LYS HB3  H N N 243 
LYS HG2  H N N 244 
LYS HG3  H N N 245 
LYS HD2  H N N 246 
LYS HD3  H N N 247 
LYS HE2  H N N 248 
LYS HE3  H N N 249 
LYS HZ1  H N N 250 
LYS HZ2  H N N 251 
LYS HZ3  H N N 252 
LYS HXT  H N N 253 
MET N    N N N 254 
MET CA   C N S 255 
MET C    C N N 256 
MET O    O N N 257 
MET CB   C N N 258 
MET CG   C N N 259 
MET SD   S N N 260 
MET CE   C N N 261 
MET OXT  O N N 262 
MET H    H N N 263 
MET H2   H N N 264 
MET HA   H N N 265 
MET HB2  H N N 266 
MET HB3  H N N 267 
MET HG2  H N N 268 
MET HG3  H N N 269 
MET HE1  H N N 270 
MET HE2  H N N 271 
MET HE3  H N N 272 
MET HXT  H N N 273 
PHE N    N N N 274 
PHE CA   C N S 275 
PHE C    C N N 276 
PHE O    O N N 277 
PHE CB   C N N 278 
PHE CG   C Y N 279 
PHE CD1  C Y N 280 
PHE CD2  C Y N 281 
PHE CE1  C Y N 282 
PHE CE2  C Y N 283 
PHE CZ   C Y N 284 
PHE OXT  O N N 285 
PHE H    H N N 286 
PHE H2   H N N 287 
PHE HA   H N N 288 
PHE HB2  H N N 289 
PHE HB3  H N N 290 
PHE HD1  H N N 291 
PHE HD2  H N N 292 
PHE HE1  H N N 293 
PHE HE2  H N N 294 
PHE HZ   H N N 295 
PHE HXT  H N N 296 
PRO N    N N N 297 
PRO CA   C N S 298 
PRO C    C N N 299 
PRO O    O N N 300 
PRO CB   C N N 301 
PRO CG   C N N 302 
PRO CD   C N N 303 
PRO OXT  O N N 304 
PRO H    H N N 305 
PRO HA   H N N 306 
PRO HB2  H N N 307 
PRO HB3  H N N 308 
PRO HG2  H N N 309 
PRO HG3  H N N 310 
PRO HD2  H N N 311 
PRO HD3  H N N 312 
PRO HXT  H N N 313 
SER N    N N N 314 
SER CA   C N S 315 
SER C    C N N 316 
SER O    O N N 317 
SER CB   C N N 318 
SER OG   O N N 319 
SER OXT  O N N 320 
SER H    H N N 321 
SER H2   H N N 322 
SER HA   H N N 323 
SER HB2  H N N 324 
SER HB3  H N N 325 
SER HG   H N N 326 
SER HXT  H N N 327 
THR N    N N N 328 
THR CA   C N S 329 
THR C    C N N 330 
THR O    O N N 331 
THR CB   C N R 332 
THR OG1  O N N 333 
THR CG2  C N N 334 
THR OXT  O N N 335 
THR H    H N N 336 
THR H2   H N N 337 
THR HA   H N N 338 
THR HB   H N N 339 
THR HG1  H N N 340 
THR HG21 H N N 341 
THR HG22 H N N 342 
THR HG23 H N N 343 
THR HXT  H N N 344 
TRP N    N N N 345 
TRP CA   C N S 346 
TRP C    C N N 347 
TRP O    O N N 348 
TRP CB   C N N 349 
TRP CG   C Y N 350 
TRP CD1  C Y N 351 
TRP CD2  C Y N 352 
TRP NE1  N Y N 353 
TRP CE2  C Y N 354 
TRP CE3  C Y N 355 
TRP CZ2  C Y N 356 
TRP CZ3  C Y N 357 
TRP CH2  C Y N 358 
TRP OXT  O N N 359 
TRP H    H N N 360 
TRP H2   H N N 361 
TRP HA   H N N 362 
TRP HB2  H N N 363 
TRP HB3  H N N 364 
TRP HD1  H N N 365 
TRP HE1  H N N 366 
TRP HE3  H N N 367 
TRP HZ2  H N N 368 
TRP HZ3  H N N 369 
TRP HH2  H N N 370 
TRP HXT  H N N 371 
TYR N    N N N 372 
TYR CA   C N S 373 
TYR C    C N N 374 
TYR O    O N N 375 
TYR CB   C N N 376 
TYR CG   C Y N 377 
TYR CD1  C Y N 378 
TYR CD2  C Y N 379 
TYR CE1  C Y N 380 
TYR CE2  C Y N 381 
TYR CZ   C Y N 382 
TYR OH   O N N 383 
TYR OXT  O N N 384 
TYR H    H N N 385 
TYR H2   H N N 386 
TYR HA   H N N 387 
TYR HB2  H N N 388 
TYR HB3  H N N 389 
TYR HD1  H N N 390 
TYR HD2  H N N 391 
TYR HE1  H N N 392 
TYR HE2  H N N 393 
TYR HH   H N N 394 
TYR HXT  H N N 395 
VAL N    N N N 396 
VAL CA   C N S 397 
VAL C    C N N 398 
VAL O    O N N 399 
VAL CB   C N N 400 
VAL CG1  C N N 401 
VAL CG2  C N N 402 
VAL OXT  O N N 403 
VAL H    H N N 404 
VAL H2   H N N 405 
VAL HA   H N N 406 
VAL HB   H N N 407 
VAL HG11 H N N 408 
VAL HG12 H N N 409 
VAL HG13 H N N 410 
VAL HG21 H N N 411 
VAL HG22 H N N 412 
VAL HG23 H N N 413 
VAL HXT  H N N 414 
# 
loop_
_chem_comp_bond.comp_id 
_chem_comp_bond.atom_id_1 
_chem_comp_bond.atom_id_2 
_chem_comp_bond.value_order 
_chem_comp_bond.pdbx_aromatic_flag 
_chem_comp_bond.pdbx_stereo_config 
_chem_comp_bond.pdbx_ordinal 
7MW C01 C02  sing N N 1   
7MW O04 C03  doub N N 2   
7MW C02 C03  sing N N 3   
7MW C03 C05  sing N N 4   
7MW C05 C09  sing Y N 5   
7MW C05 C06  doub Y N 6   
7MW C09 C08  doub Y N 7   
7MW C06 N07  sing Y N 8   
7MW C08 N07  sing Y N 9   
7MW C08 C10  sing N N 10  
7MW O11 C10  doub N N 11  
7MW C10 O12  sing N N 12  
7MW O12 C13  sing N N 13  
7MW C01 H1   sing N N 14  
7MW C01 H2   sing N N 15  
7MW C01 H3   sing N N 16  
7MW C02 H4   sing N N 17  
7MW C02 H5   sing N N 18  
7MW C06 H6   sing N N 19  
7MW N07 H7   sing N N 20  
7MW C09 H8   sing N N 21  
7MW C13 H9   sing N N 22  
7MW C13 H10  sing N N 23  
7MW C13 H11  sing N N 24  
ALA N   CA   sing N N 25  
ALA N   H    sing N N 26  
ALA N   H2   sing N N 27  
ALA CA  C    sing N N 28  
ALA CA  CB   sing N N 29  
ALA CA  HA   sing N N 30  
ALA C   O    doub N N 31  
ALA C   OXT  sing N N 32  
ALA CB  HB1  sing N N 33  
ALA CB  HB2  sing N N 34  
ALA CB  HB3  sing N N 35  
ALA OXT HXT  sing N N 36  
ARG N   CA   sing N N 37  
ARG N   H    sing N N 38  
ARG N   H2   sing N N 39  
ARG CA  C    sing N N 40  
ARG CA  CB   sing N N 41  
ARG CA  HA   sing N N 42  
ARG C   O    doub N N 43  
ARG C   OXT  sing N N 44  
ARG CB  CG   sing N N 45  
ARG CB  HB2  sing N N 46  
ARG CB  HB3  sing N N 47  
ARG CG  CD   sing N N 48  
ARG CG  HG2  sing N N 49  
ARG CG  HG3  sing N N 50  
ARG CD  NE   sing N N 51  
ARG CD  HD2  sing N N 52  
ARG CD  HD3  sing N N 53  
ARG NE  CZ   sing N N 54  
ARG NE  HE   sing N N 55  
ARG CZ  NH1  sing N N 56  
ARG CZ  NH2  doub N N 57  
ARG NH1 HH11 sing N N 58  
ARG NH1 HH12 sing N N 59  
ARG NH2 HH21 sing N N 60  
ARG NH2 HH22 sing N N 61  
ARG OXT HXT  sing N N 62  
ASN N   CA   sing N N 63  
ASN N   H    sing N N 64  
ASN N   H2   sing N N 65  
ASN CA  C    sing N N 66  
ASN CA  CB   sing N N 67  
ASN CA  HA   sing N N 68  
ASN C   O    doub N N 69  
ASN C   OXT  sing N N 70  
ASN CB  CG   sing N N 71  
ASN CB  HB2  sing N N 72  
ASN CB  HB3  sing N N 73  
ASN CG  OD1  doub N N 74  
ASN CG  ND2  sing N N 75  
ASN ND2 HD21 sing N N 76  
ASN ND2 HD22 sing N N 77  
ASN OXT HXT  sing N N 78  
ASP N   CA   sing N N 79  
ASP N   H    sing N N 80  
ASP N   H2   sing N N 81  
ASP CA  C    sing N N 82  
ASP CA  CB   sing N N 83  
ASP CA  HA   sing N N 84  
ASP C   O    doub N N 85  
ASP C   OXT  sing N N 86  
ASP CB  CG   sing N N 87  
ASP CB  HB2  sing N N 88  
ASP CB  HB3  sing N N 89  
ASP CG  OD1  doub N N 90  
ASP CG  OD2  sing N N 91  
ASP OD2 HD2  sing N N 92  
ASP OXT HXT  sing N N 93  
CYS N   CA   sing N N 94  
CYS N   H    sing N N 95  
CYS N   H2   sing N N 96  
CYS CA  C    sing N N 97  
CYS CA  CB   sing N N 98  
CYS CA  HA   sing N N 99  
CYS C   O    doub N N 100 
CYS C   OXT  sing N N 101 
CYS CB  SG   sing N N 102 
CYS CB  HB2  sing N N 103 
CYS CB  HB3  sing N N 104 
CYS SG  HG   sing N N 105 
CYS OXT HXT  sing N N 106 
GLN N   CA   sing N N 107 
GLN N   H    sing N N 108 
GLN N   H2   sing N N 109 
GLN CA  C    sing N N 110 
GLN CA  CB   sing N N 111 
GLN CA  HA   sing N N 112 
GLN C   O    doub N N 113 
GLN C   OXT  sing N N 114 
GLN CB  CG   sing N N 115 
GLN CB  HB2  sing N N 116 
GLN CB  HB3  sing N N 117 
GLN CG  CD   sing N N 118 
GLN CG  HG2  sing N N 119 
GLN CG  HG3  sing N N 120 
GLN CD  OE1  doub N N 121 
GLN CD  NE2  sing N N 122 
GLN NE2 HE21 sing N N 123 
GLN NE2 HE22 sing N N 124 
GLN OXT HXT  sing N N 125 
GLU N   CA   sing N N 126 
GLU N   H    sing N N 127 
GLU N   H2   sing N N 128 
GLU CA  C    sing N N 129 
GLU CA  CB   sing N N 130 
GLU CA  HA   sing N N 131 
GLU C   O    doub N N 132 
GLU C   OXT  sing N N 133 
GLU CB  CG   sing N N 134 
GLU CB  HB2  sing N N 135 
GLU CB  HB3  sing N N 136 
GLU CG  CD   sing N N 137 
GLU CG  HG2  sing N N 138 
GLU CG  HG3  sing N N 139 
GLU CD  OE1  doub N N 140 
GLU CD  OE2  sing N N 141 
GLU OE2 HE2  sing N N 142 
GLU OXT HXT  sing N N 143 
GLY N   CA   sing N N 144 
GLY N   H    sing N N 145 
GLY N   H2   sing N N 146 
GLY CA  C    sing N N 147 
GLY CA  HA2  sing N N 148 
GLY CA  HA3  sing N N 149 
GLY C   O    doub N N 150 
GLY C   OXT  sing N N 151 
GLY OXT HXT  sing N N 152 
HIS N   CA   sing N N 153 
HIS N   H    sing N N 154 
HIS N   H2   sing N N 155 
HIS CA  C    sing N N 156 
HIS CA  CB   sing N N 157 
HIS CA  HA   sing N N 158 
HIS C   O    doub N N 159 
HIS C   OXT  sing N N 160 
HIS CB  CG   sing N N 161 
HIS CB  HB2  sing N N 162 
HIS CB  HB3  sing N N 163 
HIS CG  ND1  sing Y N 164 
HIS CG  CD2  doub Y N 165 
HIS ND1 CE1  doub Y N 166 
HIS ND1 HD1  sing N N 167 
HIS CD2 NE2  sing Y N 168 
HIS CD2 HD2  sing N N 169 
HIS CE1 NE2  sing Y N 170 
HIS CE1 HE1  sing N N 171 
HIS NE2 HE2  sing N N 172 
HIS OXT HXT  sing N N 173 
HOH O   H1   sing N N 174 
HOH O   H2   sing N N 175 
ILE N   CA   sing N N 176 
ILE N   H    sing N N 177 
ILE N   H2   sing N N 178 
ILE CA  C    sing N N 179 
ILE CA  CB   sing N N 180 
ILE CA  HA   sing N N 181 
ILE C   O    doub N N 182 
ILE C   OXT  sing N N 183 
ILE CB  CG1  sing N N 184 
ILE CB  CG2  sing N N 185 
ILE CB  HB   sing N N 186 
ILE CG1 CD1  sing N N 187 
ILE CG1 HG12 sing N N 188 
ILE CG1 HG13 sing N N 189 
ILE CG2 HG21 sing N N 190 
ILE CG2 HG22 sing N N 191 
ILE CG2 HG23 sing N N 192 
ILE CD1 HD11 sing N N 193 
ILE CD1 HD12 sing N N 194 
ILE CD1 HD13 sing N N 195 
ILE OXT HXT  sing N N 196 
LEU N   CA   sing N N 197 
LEU N   H    sing N N 198 
LEU N   H2   sing N N 199 
LEU CA  C    sing N N 200 
LEU CA  CB   sing N N 201 
LEU CA  HA   sing N N 202 
LEU C   O    doub N N 203 
LEU C   OXT  sing N N 204 
LEU CB  CG   sing N N 205 
LEU CB  HB2  sing N N 206 
LEU CB  HB3  sing N N 207 
LEU CG  CD1  sing N N 208 
LEU CG  CD2  sing N N 209 
LEU CG  HG   sing N N 210 
LEU CD1 HD11 sing N N 211 
LEU CD1 HD12 sing N N 212 
LEU CD1 HD13 sing N N 213 
LEU CD2 HD21 sing N N 214 
LEU CD2 HD22 sing N N 215 
LEU CD2 HD23 sing N N 216 
LEU OXT HXT  sing N N 217 
LYS N   CA   sing N N 218 
LYS N   H    sing N N 219 
LYS N   H2   sing N N 220 
LYS CA  C    sing N N 221 
LYS CA  CB   sing N N 222 
LYS CA  HA   sing N N 223 
LYS C   O    doub N N 224 
LYS C   OXT  sing N N 225 
LYS CB  CG   sing N N 226 
LYS CB  HB2  sing N N 227 
LYS CB  HB3  sing N N 228 
LYS CG  CD   sing N N 229 
LYS CG  HG2  sing N N 230 
LYS CG  HG3  sing N N 231 
LYS CD  CE   sing N N 232 
LYS CD  HD2  sing N N 233 
LYS CD  HD3  sing N N 234 
LYS CE  NZ   sing N N 235 
LYS CE  HE2  sing N N 236 
LYS CE  HE3  sing N N 237 
LYS NZ  HZ1  sing N N 238 
LYS NZ  HZ2  sing N N 239 
LYS NZ  HZ3  sing N N 240 
LYS OXT HXT  sing N N 241 
MET N   CA   sing N N 242 
MET N   H    sing N N 243 
MET N   H2   sing N N 244 
MET CA  C    sing N N 245 
MET CA  CB   sing N N 246 
MET CA  HA   sing N N 247 
MET C   O    doub N N 248 
MET C   OXT  sing N N 249 
MET CB  CG   sing N N 250 
MET CB  HB2  sing N N 251 
MET CB  HB3  sing N N 252 
MET CG  SD   sing N N 253 
MET CG  HG2  sing N N 254 
MET CG  HG3  sing N N 255 
MET SD  CE   sing N N 256 
MET CE  HE1  sing N N 257 
MET CE  HE2  sing N N 258 
MET CE  HE3  sing N N 259 
MET OXT HXT  sing N N 260 
PHE N   CA   sing N N 261 
PHE N   H    sing N N 262 
PHE N   H2   sing N N 263 
PHE CA  C    sing N N 264 
PHE CA  CB   sing N N 265 
PHE CA  HA   sing N N 266 
PHE C   O    doub N N 267 
PHE C   OXT  sing N N 268 
PHE CB  CG   sing N N 269 
PHE CB  HB2  sing N N 270 
PHE CB  HB3  sing N N 271 
PHE CG  CD1  doub Y N 272 
PHE CG  CD2  sing Y N 273 
PHE CD1 CE1  sing Y N 274 
PHE CD1 HD1  sing N N 275 
PHE CD2 CE2  doub Y N 276 
PHE CD2 HD2  sing N N 277 
PHE CE1 CZ   doub Y N 278 
PHE CE1 HE1  sing N N 279 
PHE CE2 CZ   sing Y N 280 
PHE CE2 HE2  sing N N 281 
PHE CZ  HZ   sing N N 282 
PHE OXT HXT  sing N N 283 
PRO N   CA   sing N N 284 
PRO N   CD   sing N N 285 
PRO N   H    sing N N 286 
PRO CA  C    sing N N 287 
PRO CA  CB   sing N N 288 
PRO CA  HA   sing N N 289 
PRO C   O    doub N N 290 
PRO C   OXT  sing N N 291 
PRO CB  CG   sing N N 292 
PRO CB  HB2  sing N N 293 
PRO CB  HB3  sing N N 294 
PRO CG  CD   sing N N 295 
PRO CG  HG2  sing N N 296 
PRO CG  HG3  sing N N 297 
PRO CD  HD2  sing N N 298 
PRO CD  HD3  sing N N 299 
PRO OXT HXT  sing N N 300 
SER N   CA   sing N N 301 
SER N   H    sing N N 302 
SER N   H2   sing N N 303 
SER CA  C    sing N N 304 
SER CA  CB   sing N N 305 
SER CA  HA   sing N N 306 
SER C   O    doub N N 307 
SER C   OXT  sing N N 308 
SER CB  OG   sing N N 309 
SER CB  HB2  sing N N 310 
SER CB  HB3  sing N N 311 
SER OG  HG   sing N N 312 
SER OXT HXT  sing N N 313 
THR N   CA   sing N N 314 
THR N   H    sing N N 315 
THR N   H2   sing N N 316 
THR CA  C    sing N N 317 
THR CA  CB   sing N N 318 
THR CA  HA   sing N N 319 
THR C   O    doub N N 320 
THR C   OXT  sing N N 321 
THR CB  OG1  sing N N 322 
THR CB  CG2  sing N N 323 
THR CB  HB   sing N N 324 
THR OG1 HG1  sing N N 325 
THR CG2 HG21 sing N N 326 
THR CG2 HG22 sing N N 327 
THR CG2 HG23 sing N N 328 
THR OXT HXT  sing N N 329 
TRP N   CA   sing N N 330 
TRP N   H    sing N N 331 
TRP N   H2   sing N N 332 
TRP CA  C    sing N N 333 
TRP CA  CB   sing N N 334 
TRP CA  HA   sing N N 335 
TRP C   O    doub N N 336 
TRP C   OXT  sing N N 337 
TRP CB  CG   sing N N 338 
TRP CB  HB2  sing N N 339 
TRP CB  HB3  sing N N 340 
TRP CG  CD1  doub Y N 341 
TRP CG  CD2  sing Y N 342 
TRP CD1 NE1  sing Y N 343 
TRP CD1 HD1  sing N N 344 
TRP CD2 CE2  doub Y N 345 
TRP CD2 CE3  sing Y N 346 
TRP NE1 CE2  sing Y N 347 
TRP NE1 HE1  sing N N 348 
TRP CE2 CZ2  sing Y N 349 
TRP CE3 CZ3  doub Y N 350 
TRP CE3 HE3  sing N N 351 
TRP CZ2 CH2  doub Y N 352 
TRP CZ2 HZ2  sing N N 353 
TRP CZ3 CH2  sing Y N 354 
TRP CZ3 HZ3  sing N N 355 
TRP CH2 HH2  sing N N 356 
TRP OXT HXT  sing N N 357 
TYR N   CA   sing N N 358 
TYR N   H    sing N N 359 
TYR N   H2   sing N N 360 
TYR CA  C    sing N N 361 
TYR CA  CB   sing N N 362 
TYR CA  HA   sing N N 363 
TYR C   O    doub N N 364 
TYR C   OXT  sing N N 365 
TYR CB  CG   sing N N 366 
TYR CB  HB2  sing N N 367 
TYR CB  HB3  sing N N 368 
TYR CG  CD1  doub Y N 369 
TYR CG  CD2  sing Y N 370 
TYR CD1 CE1  sing Y N 371 
TYR CD1 HD1  sing N N 372 
TYR CD2 CE2  doub Y N 373 
TYR CD2 HD2  sing N N 374 
TYR CE1 CZ   doub Y N 375 
TYR CE1 HE1  sing N N 376 
TYR CE2 CZ   sing Y N 377 
TYR CE2 HE2  sing N N 378 
TYR CZ  OH   sing N N 379 
TYR OH  HH   sing N N 380 
TYR OXT HXT  sing N N 381 
VAL N   CA   sing N N 382 
VAL N   H    sing N N 383 
VAL N   H2   sing N N 384 
VAL CA  C    sing N N 385 
VAL CA  CB   sing N N 386 
VAL CA  HA   sing N N 387 
VAL C   O    doub N N 388 
VAL C   OXT  sing N N 389 
VAL CB  CG1  sing N N 390 
VAL CB  CG2  sing N N 391 
VAL CB  HB   sing N N 392 
VAL CG1 HG11 sing N N 393 
VAL CG1 HG12 sing N N 394 
VAL CG1 HG13 sing N N 395 
VAL CG2 HG21 sing N N 396 
VAL CG2 HG22 sing N N 397 
VAL CG2 HG23 sing N N 398 
VAL OXT HXT  sing N N 399 
# 
_pdbx_audit_support.funding_organization   'Swiss National Science Foundation' 
_pdbx_audit_support.country                Switzerland 
_pdbx_audit_support.grant_number           31003A_169007 
_pdbx_audit_support.ordinal                1 
# 
_pdbx_initial_refinement_model.id               1 
_pdbx_initial_refinement_model.entity_id_list   ? 
_pdbx_initial_refinement_model.type             'experimental model' 
_pdbx_initial_refinement_model.source_name      PDB 
_pdbx_initial_refinement_model.accession_code   4LZ2 
_pdbx_initial_refinement_model.details          ? 
# 
_atom_sites.entry_id                    5MGK 
_atom_sites.fract_transf_matrix[1][1]   0.00335837 
_atom_sites.fract_transf_matrix[1][2]   0.00868459 
_atom_sites.fract_transf_matrix[1][3]   0.00776512 
_atom_sites.fract_transf_matrix[2][1]   0.00112697 
_atom_sites.fract_transf_matrix[2][2]   -0.00252729 
_atom_sites.fract_transf_matrix[2][3]   0.01180399 
_atom_sites.fract_transf_matrix[3][1]   0.02910914 
_atom_sites.fract_transf_matrix[3][2]   -0.00736232 
_atom_sites.fract_transf_matrix[3][3]   -0.00435545 
_atom_sites.fract_transf_vector[1]      -0.854687 
_atom_sites.fract_transf_vector[2]      0.634475 
_atom_sites.fract_transf_vector[3]      1.010576 
# 
loop_
_atom_type.symbol 
C 
N 
O 
S 
# 
loop_
_atom_site.group_PDB 
_atom_site.id 
_atom_site.type_symbol 
_atom_site.label_atom_id 
_atom_site.label_alt_id 
_atom_site.label_comp_id 
_atom_site.label_asym_id 
_atom_site.label_entity_id 
_atom_site.label_seq_id 
_atom_site.pdbx_PDB_ins_code 
_atom_site.Cartn_x 
_atom_site.Cartn_y 
_atom_site.Cartn_z 
_atom_site.occupancy 
_atom_site.B_iso_or_equiv 
_atom_site.pdbx_formal_charge 
_atom_site.auth_seq_id 
_atom_site.auth_comp_id 
_atom_site.auth_asym_id 
_atom_site.auth_atom_id 
_atom_site.pdbx_PDB_model_num 
ATOM   1   N N   . HIS A 1 3   ? 7.182   -9.673  17.894  1.00 108.83 ? 1796 HIS A N   1 
ATOM   2   C CA  . HIS A 1 3   ? 7.026   -8.288  17.471  1.00 105.09 ? 1796 HIS A CA  1 
ATOM   3   C C   . HIS A 1 3   ? 8.313   -7.815  16.781  1.00 103.09 ? 1796 HIS A C   1 
ATOM   4   O O   . HIS A 1 3   ? 8.530   -6.618  16.576  1.00 100.72 ? 1796 HIS A O   1 
ATOM   5   C CB  . HIS A 1 3   ? 6.633   -7.420  18.667  1.00 106.94 ? 1796 HIS A CB  1 
ATOM   6   C CG  . HIS A 1 3   ? 7.799   -6.828  19.380  1.00 108.81 ? 1796 HIS A CG  1 
ATOM   7   N ND1 . HIS A 1 3   ? 8.710   -7.610  20.052  1.00 111.86 ? 1796 HIS A ND1 1 
ATOM   8   C CD2 . HIS A 1 3   ? 8.221   -5.549  19.519  1.00 108.46 ? 1796 HIS A CD2 1 
ATOM   9   C CE1 . HIS A 1 3   ? 9.640   -6.840  20.583  1.00 113.54 ? 1796 HIS A CE1 1 
ATOM   10  N NE2 . HIS A 1 3   ? 9.367   -5.585  20.275  1.00 111.54 ? 1796 HIS A NE2 1 
ATOM   11  N N   . SER A 1 4   ? 9.149   -8.789  16.410  1.00 104.38 ? 1797 SER A N   1 
ATOM   12  C CA  . SER A 1 4   ? 10.106  -8.602  15.335  1.00 102.99 ? 1797 SER A CA  1 
ATOM   13  C C   . SER A 1 4   ? 9.256   -8.510  14.079  1.00 99.19  ? 1797 SER A C   1 
ATOM   14  O O   . SER A 1 4   ? 9.667   -7.961  13.059  1.00 97.08  ? 1797 SER A O   1 
ATOM   15  C CB  . SER A 1 4   ? 11.105  -9.752  15.259  1.00 105.09 ? 1797 SER A CB  1 
ATOM   16  O OG  . SER A 1 4   ? 10.491  -10.986 15.592  1.00 107.49 ? 1797 SER A OG  1 
ATOM   17  N N   . ASP A 1 5   ? 8.065   -9.091  14.193  1.00 101.02 ? 1798 ASP A N   1 
ATOM   18  C CA  . ASP A 1 5   ? 6.957   -8.915  13.269  1.00 98.53  ? 1798 ASP A CA  1 
ATOM   19  C C   . ASP A 1 5   ? 6.630   -7.443  13.043  1.00 93.94  ? 1798 ASP A C   1 
ATOM   20  O O   . ASP A 1 5   ? 6.882   -6.903  11.967  1.00 92.35  ? 1798 ASP A O   1 
ATOM   21  C CB  . ASP A 1 5   ? 5.727   -9.640  13.810  1.00 99.21  ? 1798 ASP A CB  1 
ATOM   22  C CG  . ASP A 1 5   ? 5.666   -11.081 13.372  1.00 100.73 ? 1798 ASP A CG  1 
ATOM   23  O OD1 . ASP A 1 5   ? 6.669   -11.584 12.824  1.00 99.91  ? 1798 ASP A OD1 1 
ATOM   24  O OD2 . ASP A 1 5   ? 4.611   -11.710 13.573  1.00 103.25 ? 1798 ASP A OD2 1 
ATOM   25  N N   . LEU A 1 6   ? 6.087   -6.792  14.070  1.00 89.96  ? 1799 LEU A N   1 
ATOM   26  C CA  . LEU A 1 6   ? 5.608   -5.422  13.925  1.00 82.66  ? 1799 LEU A CA  1 
ATOM   27  C C   . LEU A 1 6   ? 6.739   -4.406  13.843  1.00 75.72  ? 1799 LEU A C   1 
ATOM   28  O O   . LEU A 1 6   ? 6.514   -3.249  13.491  1.00 71.00  ? 1799 LEU A O   1 
ATOM   29  C CB  . LEU A 1 6   ? 4.664   -5.054  15.071  1.00 82.53  ? 1799 LEU A CB  1 
ATOM   30  C CG  . LEU A 1 6   ? 3.192   -4.911  14.670  1.00 76.81  ? 1799 LEU A CG  1 
ATOM   31  C CD1 . LEU A 1 6   ? 2.660   -6.212  14.090  1.00 75.19  ? 1799 LEU A CD1 1 
ATOM   32  C CD2 . LEU A 1 6   ? 2.345   -4.454  15.847  1.00 76.79  ? 1799 LEU A CD2 1 
ATOM   33  N N   . THR A 1 7   ? 7.951   -4.835  14.172  1.00 73.36  ? 1800 THR A N   1 
ATOM   34  C CA  . THR A 1 7   ? 9.122   -4.000  13.952  1.00 69.20  ? 1800 THR A CA  1 
ATOM   35  C C   . THR A 1 7   ? 9.452   -4.002  12.468  1.00 63.93  ? 1800 THR A C   1 
ATOM   36  O O   . THR A 1 7   ? 9.792   -2.968  11.895  1.00 62.14  ? 1800 THR A O   1 
ATOM   37  C CB  . THR A 1 7   ? 10.338  -4.486  14.755  1.00 70.67  ? 1800 THR A CB  1 
ATOM   38  O OG1 . THR A 1 7   ? 10.025  -4.474  16.154  1.00 73.09  ? 1800 THR A OG1 1 
ATOM   39  C CG2 . THR A 1 7   ? 11.538  -3.587  14.501  1.00 70.06  ? 1800 THR A CG2 1 
ATOM   40  N N   . PHE A 1 8   ? 9.337   -5.170  11.848  1.00 63.17  ? 1801 PHE A N   1 
ATOM   41  C CA  . PHE A 1 8   ? 9.581   -5.287  10.419  1.00 60.39  ? 1801 PHE A CA  1 
ATOM   42  C C   . PHE A 1 8   ? 8.508   -4.561  9.617   1.00 55.47  ? 1801 PHE A C   1 
ATOM   43  O O   . PHE A 1 8   ? 8.790   -4.011  8.553   1.00 52.45  ? 1801 PHE A O   1 
ATOM   44  C CB  . PHE A 1 8   ? 9.645   -6.752  9.988   1.00 63.78  ? 1801 PHE A CB  1 
ATOM   45  C CG  . PHE A 1 8   ? 10.003  -6.932  8.545   1.00 64.36  ? 1801 PHE A CG  1 
ATOM   46  C CD1 . PHE A 1 8   ? 11.290  -6.675  8.101   1.00 66.20  ? 1801 PHE A CD1 1 
ATOM   47  C CD2 . PHE A 1 8   ? 9.050   -7.333  7.624   1.00 63.36  ? 1801 PHE A CD2 1 
ATOM   48  C CE1 . PHE A 1 8   ? 11.622  -6.830  6.771   1.00 64.60  ? 1801 PHE A CE1 1 
ATOM   49  C CE2 . PHE A 1 8   ? 9.376   -7.490  6.292   1.00 62.60  ? 1801 PHE A CE2 1 
ATOM   50  C CZ  . PHE A 1 8   ? 10.664  -7.234  5.864   1.00 62.32  ? 1801 PHE A CZ  1 
ATOM   51  N N   . CYS A 1 9   ? 7.277   -4.566  10.126  1.00 54.00  ? 1802 CYS A N   1 
ATOM   52  C CA  . CYS A 1 9   ? 6.185   -3.852  9.474   1.00 50.52  ? 1802 CYS A CA  1 
ATOM   53  C C   . CYS A 1 9   ? 6.500   -2.363  9.416   1.00 48.46  ? 1802 CYS A C   1 
ATOM   54  O O   . CYS A 1 9   ? 6.212   -1.696  8.425   1.00 46.11  ? 1802 CYS A O   1 
ATOM   55  C CB  . CYS A 1 9   ? 4.860   -4.086  10.205  1.00 51.19  ? 1802 CYS A CB  1 
ATOM   56  S SG  . CYS A 1 9   ? 4.245   -5.784  10.124  1.00 50.63  ? 1802 CYS A SG  1 
ATOM   57  N N   . GLU A 1 10  ? 7.099   -1.855  10.487  1.00 51.43  ? 1803 GLU A N   1 
ATOM   58  C CA  . GLU A 1 10  ? 7.549   -0.470  10.533  1.00 51.92  ? 1803 GLU A CA  1 
ATOM   59  C C   . GLU A 1 10  ? 8.667   -0.232  9.524   1.00 49.39  ? 1803 GLU A C   1 
ATOM   60  O O   . GLU A 1 10  ? 8.692   0.792   8.841   1.00 46.13  ? 1803 GLU A O   1 
ATOM   61  C CB  . GLU A 1 10  ? 8.020   -0.107  11.942  1.00 58.32  ? 1803 GLU A CB  1 
ATOM   62  C CG  . GLU A 1 10  ? 8.674   1.261   12.046  1.00 60.76  ? 1803 GLU A CG  1 
ATOM   63  C CD  . GLU A 1 10  ? 7.777   2.378   11.555  1.00 60.26  ? 1803 GLU A CD  1 
ATOM   64  O OE1 . GLU A 1 10  ? 6.589   2.403   11.938  1.00 60.30  ? 1803 GLU A OE1 1 
ATOM   65  O OE2 . GLU A 1 10  ? 8.262   3.233   10.783  1.00 60.37  ? 1803 GLU A OE2 1 
ATOM   66  N N   . ILE A 1 11  ? 9.588   -1.188  9.434   1.00 49.63  ? 1804 ILE A N   1 
ATOM   67  C CA  . ILE A 1 11  ? 10.711  -1.088  8.509   1.00 47.62  ? 1804 ILE A CA  1 
ATOM   68  C C   . ILE A 1 11  ? 10.237  -1.045  7.060   1.00 42.77  ? 1804 ILE A C   1 
ATOM   69  O O   . ILE A 1 11  ? 10.640  -0.173  6.291   1.00 40.93  ? 1804 ILE A O   1 
ATOM   70  C CB  . ILE A 1 11  ? 11.692  -2.267  8.678   1.00 48.48  ? 1804 ILE A CB  1 
ATOM   71  C CG1 . ILE A 1 11  ? 12.316  -2.250  10.073  1.00 49.60  ? 1804 ILE A CG1 1 
ATOM   72  C CG2 . ILE A 1 11  ? 12.777  -2.216  7.615   1.00 40.93  ? 1804 ILE A CG2 1 
ATOM   73  C CD1 . ILE A 1 11  ? 13.269  -3.396  10.332  1.00 50.14  ? 1804 ILE A CD1 1 
ATOM   74  N N   . ILE A 1 12  ? 9.372   -1.984  6.696   1.00 42.53  ? 1805 ILE A N   1 
ATOM   75  C CA  . ILE A 1 12  ? 8.934   -2.115  5.313   1.00 40.63  ? 1805 ILE A CA  1 
ATOM   76  C C   . ILE A 1 12  ? 7.953   -1.006  4.919   1.00 39.96  ? 1805 ILE A C   1 
ATOM   77  O O   . ILE A 1 12  ? 7.890   -0.616  3.753   1.00 37.20  ? 1805 ILE A O   1 
ATOM   78  C CB  . ILE A 1 12  ? 8.297   -3.504  5.060   1.00 41.75  ? 1805 ILE A CB  1 
ATOM   79  C CG1 . ILE A 1 12  ? 8.084   -3.742  3.563   1.00 40.15  ? 1805 ILE A CG1 1 
ATOM   80  C CG2 . ILE A 1 12  ? 7.000   -3.664  5.835   1.00 43.16  ? 1805 ILE A CG2 1 
ATOM   81  C CD1 . ILE A 1 12  ? 7.674   -5.157  3.229   1.00 41.04  ? 1805 ILE A CD1 1 
ATOM   82  N N   . LEU A 1 13  ? 7.207   -0.485  5.888   1.00 41.92  ? 1806 LEU A N   1 
ATOM   83  C CA  . LEU A 1 13  ? 6.286   0.614   5.615   1.00 41.42  ? 1806 LEU A CA  1 
ATOM   84  C C   . LEU A 1 13  ? 7.069   1.893   5.353   1.00 39.87  ? 1806 LEU A C   1 
ATOM   85  O O   . LEU A 1 13  ? 6.769   2.634   4.418   1.00 37.25  ? 1806 LEU A O   1 
ATOM   86  C CB  . LEU A 1 13  ? 5.305   0.817   6.773   1.00 42.82  ? 1806 LEU A CB  1 
ATOM   87  C CG  . LEU A 1 13  ? 4.246   1.902   6.567   1.00 41.11  ? 1806 LEU A CG  1 
ATOM   88  C CD1 . LEU A 1 13  ? 3.513   1.694   5.249   1.00 38.05  ? 1806 LEU A CD1 1 
ATOM   89  C CD2 . LEU A 1 13  ? 3.263   1.932   7.728   1.00 42.46  ? 1806 LEU A CD2 1 
ATOM   90  N N   . MET A 1 14  ? 8.076   2.143   6.184   1.00 41.91  ? 1807 MET A N   1 
ATOM   91  C CA  A MET A 1 14  ? 8.951   3.300   6.029   0.56 41.53  ? 1807 MET A CA  1 
ATOM   92  C CA  B MET A 1 14  ? 8.917   3.320   6.010   0.44 41.71  ? 1807 MET A CA  1 
ATOM   93  C C   . MET A 1 14  ? 9.690   3.247   4.696   1.00 40.58  ? 1807 MET A C   1 
ATOM   94  O O   . MET A 1 14  ? 9.848   4.259   4.011   1.00 40.25  ? 1807 MET A O   1 
ATOM   95  C CB  A MET A 1 14  ? 9.947   3.364   7.191   0.56 44.50  ? 1807 MET A CB  1 
ATOM   96  C CB  B MET A 1 14  ? 9.885   3.480   7.182   0.44 44.46  ? 1807 MET A CB  1 
ATOM   97  C CG  A MET A 1 14  ? 11.251  4.080   6.878   0.56 44.55  ? 1807 MET A CG  1 
ATOM   98  C CG  B MET A 1 14  ? 10.648  4.798   7.167   0.44 44.58  ? 1807 MET A CG  1 
ATOM   99  S SD  A MET A 1 14  ? 12.435  3.967   8.235   0.56 61.10  ? 1807 MET A SD  1 
ATOM   100 S SD  B MET A 1 14  ? 9.553   6.233   7.212   0.44 50.98  ? 1807 MET A SD  1 
ATOM   101 C CE  A MET A 1 14  ? 12.548  2.192   8.445   0.56 43.18  ? 1807 MET A CE  1 
ATOM   102 C CE  B MET A 1 14  ? 9.995   7.054   5.682   0.44 41.46  ? 1807 MET A CE  1 
ATOM   103 N N   . GLU A 1 15  ? 10.150  2.053   4.339   1.00 40.05  ? 1808 GLU A N   1 
ATOM   104 C CA  . GLU A 1 15  ? 10.851  1.856   3.075   1.00 39.38  ? 1808 GLU A CA  1 
ATOM   105 C C   . GLU A 1 15  ? 9.907   2.083   1.899   1.00 35.85  ? 1808 GLU A C   1 
ATOM   106 O O   . GLU A 1 15  ? 10.311  2.600   0.859   1.00 34.10  ? 1808 GLU A O   1 
ATOM   107 C CB  . GLU A 1 15  ? 11.460  0.454   3.001   1.00 41.09  ? 1808 GLU A CB  1 
ATOM   108 C CG  . GLU A 1 15  ? 12.708  0.274   3.849   1.00 43.42  ? 1808 GLU A CG  1 
ATOM   109 C CD  . GLU A 1 15  ? 13.329  -1.101  3.689   1.00 44.84  ? 1808 GLU A CD  1 
ATOM   110 O OE1 . GLU A 1 15  ? 12.720  -1.952  3.005   1.00 43.29  ? 1808 GLU A OE1 1 
ATOM   111 O OE2 . GLU A 1 15  ? 14.423  -1.331  4.245   1.00 47.94  ? 1808 GLU A OE2 1 
ATOM   112 N N   . MET A 1 16  ? 8.645   1.697   2.071   1.00 34.98  ? 1809 MET A N   1 
ATOM   113 C CA  . MET A 1 16  ? 7.644   1.923   1.037   1.00 33.32  ? 1809 MET A CA  1 
ATOM   114 C C   . MET A 1 16  ? 7.264   3.397   0.962   1.00 33.72  ? 1809 MET A C   1 
ATOM   115 O O   . MET A 1 16  ? 7.083   3.937   -0.123  1.00 33.01  ? 1809 MET A O   1 
ATOM   116 C CB  . MET A 1 16  ? 6.401   1.067   1.280   1.00 32.36  ? 1809 MET A CB  1 
ATOM   117 C CG  . MET A 1 16  ? 6.561   -0.389  0.866   1.00 32.23  ? 1809 MET A CG  1 
ATOM   118 S SD  . MET A 1 16  ? 4.998   -1.287  0.839   1.00 47.28  ? 1809 MET A SD  1 
ATOM   119 C CE  . MET A 1 16  ? 4.492   -1.139  2.551   1.00 37.68  ? 1809 MET A CE  1 
ATOM   120 N N   . GLU A 1 17  ? 7.150   4.044   2.119   1.00 35.37  ? 1810 GLU A N   1 
ATOM   121 C CA  . GLU A 1 17  ? 6.807   5.463   2.178   1.00 36.20  ? 1810 GLU A CA  1 
ATOM   122 C C   . GLU A 1 17  ? 7.850   6.342   1.490   1.00 35.00  ? 1810 GLU A C   1 
ATOM   123 O O   . GLU A 1 17  ? 7.513   7.363   0.887   1.00 33.57  ? 1810 GLU A O   1 
ATOM   124 C CB  . GLU A 1 17  ? 6.640   5.914   3.632   1.00 38.85  ? 1810 GLU A CB  1 
ATOM   125 C CG  . GLU A 1 17  ? 5.353   5.450   4.295   1.00 40.44  ? 1810 GLU A CG  1 
ATOM   126 C CD  . GLU A 1 17  ? 5.376   5.637   5.800   1.00 43.49  ? 1810 GLU A CD  1 
ATOM   127 O OE1 . GLU A 1 17  ? 6.482   5.676   6.378   1.00 47.25  ? 1810 GLU A OE1 1 
ATOM   128 O OE2 . GLU A 1 17  ? 4.291   5.745   6.408   1.00 43.05  ? 1810 GLU A OE2 1 
ATOM   129 N N   . SER A 1 18  ? 9.113   5.940   1.580   1.00 39.17  ? 1811 SER A N   1 
ATOM   130 C CA  . SER A 1 18  ? 10.213  6.738   1.046   1.00 40.10  ? 1811 SER A CA  1 
ATOM   131 C C   . SER A 1 18  ? 10.638  6.287   -0.350  1.00 39.51  ? 1811 SER A C   1 
ATOM   132 O O   . SER A 1 18  ? 11.582  6.830   -0.924  1.00 41.09  ? 1811 SER A O   1 
ATOM   133 C CB  . SER A 1 18  ? 11.412  6.684   1.994   1.00 41.36  ? 1811 SER A CB  1 
ATOM   134 O OG  . SER A 1 18  ? 11.887  5.356   2.136   1.00 43.16  ? 1811 SER A OG  1 
ATOM   135 N N   . HIS A 1 19  ? 9.939   5.295   -0.891  1.00 37.74  ? 1812 HIS A N   1 
ATOM   136 C CA  . HIS A 1 19  ? 10.260  4.763   -2.211  1.00 35.62  ? 1812 HIS A CA  1 
ATOM   137 C C   . HIS A 1 19  ? 9.941   5.786   -3.301  1.00 35.59  ? 1812 HIS A C   1 
ATOM   138 O O   . HIS A 1 19  ? 9.025   6.595   -3.154  1.00 34.92  ? 1812 HIS A O   1 
ATOM   139 C CB  . HIS A 1 19  ? 9.497   3.461   -2.460  1.00 34.12  ? 1812 HIS A CB  1 
ATOM   140 C CG  . HIS A 1 19  ? 10.083  2.611   -3.545  1.00 33.08  ? 1812 HIS A CG  1 
ATOM   141 N ND1 . HIS A 1 19  ? 9.955   2.914   -4.882  1.00 32.77  ? 1812 HIS A ND1 1 
ATOM   142 C CD2 . HIS A 1 19  ? 10.796  1.461   -3.486  1.00 33.19  ? 1812 HIS A CD2 1 
ATOM   143 C CE1 . HIS A 1 19  ? 10.566  1.990   -5.602  1.00 32.60  ? 1812 HIS A CE1 1 
ATOM   144 N NE2 . HIS A 1 19  ? 11.084  1.097   -4.779  1.00 32.89  ? 1812 HIS A NE2 1 
ATOM   145 N N   . ASP A 1 20  ? 10.704  5.743   -4.390  1.00 35.34  ? 1813 ASP A N   1 
ATOM   146 C CA  . ASP A 1 20  ? 10.519  6.672   -5.502  1.00 35.99  ? 1813 ASP A CA  1 
ATOM   147 C C   . ASP A 1 20  ? 9.156   6.518   -6.175  1.00 34.76  ? 1813 ASP A C   1 
ATOM   148 O O   . ASP A 1 20  ? 8.561   7.499   -6.616  1.00 34.21  ? 1813 ASP A O   1 
ATOM   149 C CB  . ASP A 1 20  ? 11.626  6.483   -6.546  1.00 36.66  ? 1813 ASP A CB  1 
ATOM   150 C CG  . ASP A 1 20  ? 12.990  6.911   -6.040  1.00 37.66  ? 1813 ASP A CG  1 
ATOM   151 O OD1 . ASP A 1 20  ? 13.055  7.609   -5.007  1.00 37.62  ? 1813 ASP A OD1 1 
ATOM   152 O OD2 . ASP A 1 20  ? 13.999  6.552   -6.682  1.00 38.46  ? 1813 ASP A OD2 1 
ATOM   153 N N   . ALA A 1 21  ? 8.668   5.284   -6.248  1.00 33.78  ? 1814 ALA A N   1 
ATOM   154 C CA  . ALA A 1 21  ? 7.420   4.993   -6.947  1.00 32.30  ? 1814 ALA A CA  1 
ATOM   155 C C   . ALA A 1 21  ? 6.217   4.993   -6.008  1.00 30.33  ? 1814 ALA A C   1 
ATOM   156 O O   . ALA A 1 21  ? 5.159   4.463   -6.344  1.00 28.42  ? 1814 ALA A O   1 
ATOM   157 C CB  . ALA A 1 21  ? 7.523   3.654   -7.664  1.00 26.08  ? 1814 ALA A CB  1 
ATOM   158 N N   . ALA A 1 22  ? 6.376   5.602   -4.838  1.00 31.31  ? 1815 ALA A N   1 
ATOM   159 C CA  . ALA A 1 22  ? 5.344   5.559   -3.808  1.00 31.53  ? 1815 ALA A CA  1 
ATOM   160 C C   . ALA A 1 22  ? 4.349   6.709   -3.903  1.00 32.81  ? 1815 ALA A C   1 
ATOM   161 O O   . ALA A 1 22  ? 3.367   6.743   -3.161  1.00 33.87  ? 1815 ALA A O   1 
ATOM   162 C CB  . ALA A 1 22  ? 5.983   5.556   -2.442  1.00 31.79  ? 1815 ALA A CB  1 
ATOM   163 N N   . TRP A 1 23  ? 4.596   7.643   -4.816  1.00 33.60  ? 1816 TRP A N   1 
ATOM   164 C CA  . TRP A 1 23  ? 3.781   8.854   -4.912  1.00 35.47  ? 1816 TRP A CA  1 
ATOM   165 C C   . TRP A 1 23  ? 2.267   8.644   -5.129  1.00 33.54  ? 1816 TRP A C   1 
ATOM   166 O O   . TRP A 1 23  ? 1.476   9.475   -4.684  1.00 35.39  ? 1816 TRP A O   1 
ATOM   167 C CB  . TRP A 1 23  ? 4.334   9.769   -6.016  1.00 37.78  ? 1816 TRP A CB  1 
ATOM   168 C CG  . TRP A 1 23  ? 4.440   9.137   -7.369  1.00 38.87  ? 1816 TRP A CG  1 
ATOM   169 C CD1 . TRP A 1 23  ? 5.492   8.420   -7.859  1.00 38.51  ? 1816 TRP A CD1 1 
ATOM   170 C CD2 . TRP A 1 23  ? 3.459   9.177   -8.413  1.00 38.47  ? 1816 TRP A CD2 1 
ATOM   171 N NE1 . TRP A 1 23  ? 5.224   8.004   -9.142  1.00 37.45  ? 1816 TRP A NE1 1 
ATOM   172 C CE2 . TRP A 1 23  ? 3.982   8.454   -9.504  1.00 37.31  ? 1816 TRP A CE2 1 
ATOM   173 C CE3 . TRP A 1 23  ? 2.187   9.745   -8.527  1.00 38.98  ? 1816 TRP A CE3 1 
ATOM   174 C CZ2 . TRP A 1 23  ? 3.279   8.288   -10.696 1.00 36.60  ? 1816 TRP A CZ2 1 
ATOM   175 C CZ3 . TRP A 1 23  ? 1.490   9.579   -9.711  1.00 38.12  ? 1816 TRP A CZ3 1 
ATOM   176 C CH2 . TRP A 1 23  ? 2.038   8.857   -10.780 1.00 38.01  ? 1816 TRP A CH2 1 
ATOM   177 N N   . PRO A 1 24  ? 1.842   7.551   -5.799  1.00 31.68  ? 1817 PRO A N   1 
ATOM   178 C CA  . PRO A 1 24  ? 0.380   7.469   -5.903  1.00 31.21  ? 1817 PRO A CA  1 
ATOM   179 C C   . PRO A 1 24  ? -0.295  6.925   -4.644  1.00 31.00  ? 1817 PRO A C   1 
ATOM   180 O O   . PRO A 1 24  ? -1.521  6.993   -4.541  1.00 30.34  ? 1817 PRO A O   1 
ATOM   181 C CB  . PRO A 1 24  ? 0.159   6.499   -7.076  1.00 31.22  ? 1817 PRO A CB  1 
ATOM   182 C CG  . PRO A 1 24  ? 1.499   6.339   -7.735  1.00 30.57  ? 1817 PRO A CG  1 
ATOM   183 C CD  . PRO A 1 24  ? 2.491   6.533   -6.642  1.00 30.44  ? 1817 PRO A CD  1 
ATOM   184 N N   . PHE A 1 25  ? 0.486   6.406   -3.702  1.00 30.53  ? 1818 PHE A N   1 
ATOM   185 C CA  . PHE A 1 25  ? -0.082  5.670   -2.576  1.00 30.83  ? 1818 PHE A CA  1 
ATOM   186 C C   . PHE A 1 25  ? 0.207   6.298   -1.215  1.00 32.25  ? 1818 PHE A C   1 
ATOM   187 O O   . PHE A 1 25  ? -0.108  5.714   -0.179  1.00 32.56  ? 1818 PHE A O   1 
ATOM   188 C CB  . PHE A 1 25  ? 0.434   4.231   -2.594  1.00 29.40  ? 1818 PHE A CB  1 
ATOM   189 C CG  . PHE A 1 25  ? 0.465   3.623   -3.965  1.00 28.52  ? 1818 PHE A CG  1 
ATOM   190 C CD1 . PHE A 1 25  ? -0.704  3.212   -4.580  1.00 27.81  ? 1818 PHE A CD1 1 
ATOM   191 C CD2 . PHE A 1 25  ? 1.663   3.474   -4.643  1.00 27.52  ? 1818 PHE A CD2 1 
ATOM   192 C CE1 . PHE A 1 25  ? -0.681  2.658   -5.843  1.00 26.70  ? 1818 PHE A CE1 1 
ATOM   193 C CE2 . PHE A 1 25  ? 1.694   2.920   -5.908  1.00 26.41  ? 1818 PHE A CE2 1 
ATOM   194 C CZ  . PHE A 1 25  ? 0.518   2.513   -6.507  1.00 26.44  ? 1818 PHE A CZ  1 
ATOM   195 N N   . LEU A 1 26  ? 0.802   7.487   -1.216  1.00 34.20  ? 1819 LEU A N   1 
ATOM   196 C CA  . LEU A 1 26  ? 1.131   8.168   0.031   1.00 35.98  ? 1819 LEU A CA  1 
ATOM   197 C C   . LEU A 1 26  ? -0.124  8.654   0.750   1.00 39.06  ? 1819 LEU A C   1 
ATOM   198 O O   . LEU A 1 26  ? -0.228  8.555   1.971   1.00 38.93  ? 1819 LEU A O   1 
ATOM   199 C CB  . LEU A 1 26  ? 2.073   9.346   -0.232  1.00 35.58  ? 1819 LEU A CB  1 
ATOM   200 C CG  . LEU A 1 26  ? 3.451   8.996   -0.800  1.00 34.80  ? 1819 LEU A CG  1 
ATOM   201 C CD1 . LEU A 1 26  ? 4.268   10.255  -1.052  1.00 35.33  ? 1819 LEU A CD1 1 
ATOM   202 C CD2 . LEU A 1 26  ? 4.191   8.050   0.133   1.00 34.00  ? 1819 LEU A CD2 1 
ATOM   203 N N   . GLU A 1 27  ? -1.075  9.177   -0.016  1.00 41.34  ? 1820 GLU A N   1 
ATOM   204 C CA  . GLU A 1 27  ? -2.319  9.694   0.543   1.00 44.52  ? 1820 GLU A CA  1 
ATOM   205 C C   . GLU A 1 27  ? -3.524  8.995   -0.081  1.00 42.46  ? 1820 GLU A C   1 
ATOM   206 O O   . GLU A 1 27  ? -3.423  8.458   -1.184  1.00 41.31  ? 1820 GLU A O   1 
ATOM   207 C CB  . GLU A 1 27  ? -2.406  11.209  0.330   1.00 48.21  ? 1820 GLU A CB  1 
ATOM   208 C CG  . GLU A 1 27  ? -1.369  12.006  1.106   1.00 51.63  ? 1820 GLU A CG  1 
ATOM   209 C CD  . GLU A 1 27  ? -1.531  11.866  2.608   1.00 54.09  ? 1820 GLU A CD  1 
ATOM   210 O OE1 . GLU A 1 27  ? -2.683  11.745  3.076   1.00 55.48  ? 1820 GLU A OE1 1 
ATOM   211 O OE2 . GLU A 1 27  ? -0.505  11.876  3.322   1.00 55.82  ? 1820 GLU A OE2 1 
ATOM   212 N N   . PRO A 1 28  ? -4.666  8.985   0.631   1.00 43.14  ? 1821 PRO A N   1 
ATOM   213 C CA  . PRO A 1 28  ? -5.894  8.405   0.078   1.00 41.68  ? 1821 PRO A CA  1 
ATOM   214 C C   . PRO A 1 28  ? -6.298  9.062   -1.237  1.00 41.64  ? 1821 PRO A C   1 
ATOM   215 O O   . PRO A 1 28  ? -6.118  10.269  -1.401  1.00 43.69  ? 1821 PRO A O   1 
ATOM   216 C CB  . PRO A 1 28  ? -6.939  8.683   1.162   1.00 43.80  ? 1821 PRO A CB  1 
ATOM   217 C CG  . PRO A 1 28  ? -6.155  8.815   2.417   1.00 44.79  ? 1821 PRO A CG  1 
ATOM   218 C CD  . PRO A 1 28  ? -4.850  9.439   2.022   1.00 44.39  ? 1821 PRO A CD  1 
ATOM   219 N N   . VAL A 1 29  ? -6.827  8.272   -2.163  1.00 38.44  ? 1822 VAL A N   1 
ATOM   220 C CA  . VAL A 1 29  ? -7.311  8.798   -3.432  1.00 37.95  ? 1822 VAL A CA  1 
ATOM   221 C C   . VAL A 1 29  ? -8.500  9.726   -3.202  1.00 37.94  ? 1822 VAL A C   1 
ATOM   222 O O   . VAL A 1 29  ? -9.431  9.380   -2.478  1.00 37.00  ? 1822 VAL A O   1 
ATOM   223 C CB  . VAL A 1 29  ? -7.721  7.665   -4.392  1.00 36.58  ? 1822 VAL A CB  1 
ATOM   224 C CG1 . VAL A 1 29  ? -8.337  8.232   -5.661  1.00 36.51  ? 1822 VAL A CG1 1 
ATOM   225 C CG2 . VAL A 1 29  ? -6.523  6.788   -4.718  1.00 35.59  ? 1822 VAL A CG2 1 
ATOM   226 N N   . ASN A 1 30  ? -8.455  10.908  -3.810  1.00 38.85  ? 1823 ASN A N   1 
ATOM   227 C CA  . ASN A 1 30  ? -9.554  11.862  -3.711  1.00 40.10  ? 1823 ASN A CA  1 
ATOM   228 C C   . ASN A 1 30  ? -10.614 11.573  -4.769  1.00 38.97  ? 1823 ASN A C   1 
ATOM   229 O O   . ASN A 1 30  ? -10.401 11.834  -5.953  1.00 38.85  ? 1823 ASN A O   1 
ATOM   230 C CB  . ASN A 1 30  ? -9.033  13.295  -3.857  1.00 42.12  ? 1823 ASN A CB  1 
ATOM   231 C CG  . ASN A 1 30  ? -10.040 14.337  -3.393  1.00 44.06  ? 1823 ASN A CG  1 
ATOM   232 O OD1 . ASN A 1 30  ? -11.237 14.067  -3.303  1.00 44.20  ? 1823 ASN A OD1 1 
ATOM   233 N ND2 . ASN A 1 30  ? -9.552  15.537  -3.099  1.00 45.35  ? 1823 ASN A ND2 1 
ATOM   234 N N   . PRO A 1 31  ? -11.769 11.037  -4.340  1.00 39.25  ? 1824 PRO A N   1 
ATOM   235 C CA  . PRO A 1 31  ? -12.840 10.639  -5.261  1.00 38.80  ? 1824 PRO A CA  1 
ATOM   236 C C   . PRO A 1 31  ? -13.422 11.823  -6.028  1.00 40.35  ? 1824 PRO A C   1 
ATOM   237 O O   . PRO A 1 31  ? -13.982 11.639  -7.108  1.00 41.64  ? 1824 PRO A O   1 
ATOM   238 C CB  . PRO A 1 31  ? -13.887 10.019  -4.331  1.00 39.21  ? 1824 PRO A CB  1 
ATOM   239 C CG  . PRO A 1 31  ? -13.645 10.664  -3.012  1.00 40.01  ? 1824 PRO A CG  1 
ATOM   240 C CD  . PRO A 1 31  ? -12.161 10.865  -2.930  1.00 39.41  ? 1824 PRO A CD  1 
ATOM   241 N N   . ARG A 1 32  ? -13.287 13.023  -5.471  1.00 40.92  ? 1825 ARG A N   1 
ATOM   242 C CA  . ARG A 1 32  ? -13.734 14.235  -6.145  1.00 43.31  ? 1825 ARG A CA  1 
ATOM   243 C C   . ARG A 1 32  ? -12.873 14.523  -7.372  1.00 42.83  ? 1825 ARG A C   1 
ATOM   244 O O   . ARG A 1 32  ? -13.341 15.102  -8.351  1.00 44.24  ? 1825 ARG A O   1 
ATOM   245 C CB  . ARG A 1 32  ? -13.697 15.432  -5.192  1.00 45.08  ? 1825 ARG A CB  1 
ATOM   246 C CG  . ARG A 1 32  ? -14.667 15.352  -4.025  1.00 40.22  ? 1825 ARG A CG  1 
ATOM   247 C CD  . ARG A 1 32  ? -14.456 16.520  -3.073  1.00 43.26  ? 1825 ARG A CD  1 
ATOM   248 N NE  . ARG A 1 32  ? -15.449 16.562  -2.004  1.00 42.18  ? 1825 ARG A NE  1 
ATOM   249 C CZ  . ARG A 1 32  ? -15.421 17.431  -0.997  1.00 43.49  ? 1825 ARG A CZ  1 
ATOM   250 N NH1 . ARG A 1 32  ? -14.447 18.327  -0.919  1.00 43.76  ? 1825 ARG A NH1 1 
ATOM   251 N NH2 . ARG A 1 32  ? -16.365 17.402  -0.065  1.00 44.04  ? 1825 ARG A NH2 1 
ATOM   252 N N   . LEU A 1 33  ? -11.612 14.109  -7.309  1.00 42.03  ? 1826 LEU A N   1 
ATOM   253 C CA  . LEU A 1 33  ? -10.653 14.394  -8.370  1.00 41.86  ? 1826 LEU A CA  1 
ATOM   254 C C   . LEU A 1 33  ? -10.496 13.225  -9.333  1.00 42.08  ? 1826 LEU A C   1 
ATOM   255 O O   . LEU A 1 33  ? -10.004 13.390  -10.450 1.00 44.29  ? 1826 LEU A O   1 
ATOM   256 C CB  . LEU A 1 33  ? -9.295  14.754  -7.770  1.00 41.77  ? 1826 LEU A CB  1 
ATOM   257 C CG  . LEU A 1 33  ? -9.272  15.998  -6.883  1.00 43.86  ? 1826 LEU A CG  1 
ATOM   258 C CD1 . LEU A 1 33  ? -7.925  16.141  -6.191  1.00 43.37  ? 1826 LEU A CD1 1 
ATOM   259 C CD2 . LEU A 1 33  ? -9.590  17.231  -7.707  1.00 45.70  ? 1826 LEU A CD2 1 
ATOM   260 N N   . VAL A 1 34  ? -10.909 12.041  -8.896  1.00 41.98  ? 1827 VAL A N   1 
ATOM   261 C CA  . VAL A 1 34  ? -10.748 10.839  -9.701  1.00 42.12  ? 1827 VAL A CA  1 
ATOM   262 C C   . VAL A 1 34  ? -12.101 10.222  -10.034 1.00 43.84  ? 1827 VAL A C   1 
ATOM   263 O O   . VAL A 1 34  ? -12.728 9.577   -9.193  1.00 43.58  ? 1827 VAL A O   1 
ATOM   264 C CB  . VAL A 1 34  ? -9.869  9.803   -8.983  1.00 40.45  ? 1827 VAL A CB  1 
ATOM   265 C CG1 . VAL A 1 34  ? -9.628  8.610   -9.879  1.00 39.65  ? 1827 VAL A CG1 1 
ATOM   266 C CG2 . VAL A 1 34  ? -8.545  10.432  -8.574  1.00 40.15  ? 1827 VAL A CG2 1 
ATOM   267 N N   . SER A 1 35  ? -12.540 10.425  -11.273 1.00 45.89  ? 1828 SER A N   1 
ATOM   268 C CA  . SER A 1 35  ? -13.855 9.976   -11.716 1.00 47.43  ? 1828 SER A CA  1 
ATOM   269 C C   . SER A 1 35  ? -13.984 8.456   -11.724 1.00 46.21  ? 1828 SER A C   1 
ATOM   270 O O   . SER A 1 35  ? -13.182 7.757   -12.344 1.00 44.18  ? 1828 SER A O   1 
ATOM   271 C CB  . SER A 1 35  ? -14.157 10.526  -13.112 1.00 50.09  ? 1828 SER A CB  1 
ATOM   272 O OG  . SER A 1 35  ? -15.385 10.021  -13.606 1.00 55.19  ? 1828 SER A OG  1 
ATOM   273 N N   . GLY A 1 36  ? -14.999 7.954   -11.027 1.00 45.78  ? 1829 GLY A N   1 
ATOM   274 C CA  . GLY A 1 36  ? -15.309 6.536   -11.039 1.00 43.50  ? 1829 GLY A CA  1 
ATOM   275 C C   . GLY A 1 36  ? -14.636 5.724   -9.949  1.00 39.54  ? 1829 GLY A C   1 
ATOM   276 O O   . GLY A 1 36  ? -14.932 4.541   -9.787  1.00 38.10  ? 1829 GLY A O   1 
ATOM   277 N N   . TYR A 1 37  ? -13.739 6.351   -9.196  1.00 38.87  ? 1830 TYR A N   1 
ATOM   278 C CA  . TYR A 1 37  ? -12.976 5.637   -8.176  1.00 38.25  ? 1830 TYR A CA  1 
ATOM   279 C C   . TYR A 1 37  ? -13.867 5.153   -7.036  1.00 40.47  ? 1830 TYR A C   1 
ATOM   280 O O   . TYR A 1 37  ? -13.709 4.034   -6.546  1.00 39.25  ? 1830 TYR A O   1 
ATOM   281 C CB  . TYR A 1 37  ? -11.856 6.516   -7.620  1.00 37.61  ? 1830 TYR A CB  1 
ATOM   282 C CG  . TYR A 1 37  ? -10.796 5.733   -6.878  1.00 37.23  ? 1830 TYR A CG  1 
ATOM   283 C CD1 . TYR A 1 37  ? -9.740  5.143   -7.559  1.00 36.45  ? 1830 TYR A CD1 1 
ATOM   284 C CD2 . TYR A 1 37  ? -10.859 5.572   -5.500  1.00 38.00  ? 1830 TYR A CD2 1 
ATOM   285 C CE1 . TYR A 1 37  ? -8.772  4.420   -6.889  1.00 35.47  ? 1830 TYR A CE1 1 
ATOM   286 C CE2 . TYR A 1 37  ? -9.896  4.850   -4.822  1.00 37.22  ? 1830 TYR A CE2 1 
ATOM   287 C CZ  . TYR A 1 37  ? -8.854  4.278   -5.520  1.00 35.92  ? 1830 TYR A CZ  1 
ATOM   288 O OH  . TYR A 1 37  ? -7.891  3.559   -4.850  1.00 34.56  ? 1830 TYR A OH  1 
ATOM   289 N N   . ARG A 1 38  ? -14.796 6.007   -6.616  1.00 43.48  ? 1831 ARG A N   1 
ATOM   290 C CA  . ARG A 1 38  ? -15.745 5.669   -5.562  1.00 46.55  ? 1831 ARG A CA  1 
ATOM   291 C C   . ARG A 1 38  ? -16.558 4.435   -5.936  1.00 43.85  ? 1831 ARG A C   1 
ATOM   292 O O   . ARG A 1 38  ? -16.810 3.561   -5.106  1.00 42.41  ? 1831 ARG A O   1 
ATOM   293 C CB  . ARG A 1 38  ? -16.677 6.853   -5.292  1.00 51.71  ? 1831 ARG A CB  1 
ATOM   294 C CG  . ARG A 1 38  ? -17.759 6.588   -4.259  1.00 57.40  ? 1831 ARG A CG  1 
ATOM   295 C CD  . ARG A 1 38  ? -18.830 7.669   -4.296  1.00 65.16  ? 1831 ARG A CD  1 
ATOM   296 N NE  . ARG A 1 38  ? -18.261 9.015   -4.270  1.00 70.26  ? 1831 ARG A NE  1 
ATOM   297 C CZ  . ARG A 1 38  ? -17.849 9.634   -3.168  1.00 72.56  ? 1831 ARG A CZ  1 
ATOM   298 N NH1 . ARG A 1 38  ? -17.942 9.033   -1.990  1.00 74.55  ? 1831 ARG A NH1 1 
ATOM   299 N NH2 . ARG A 1 38  ? -17.346 10.859  -3.245  1.00 74.59  ? 1831 ARG A NH2 1 
ATOM   300 N N   . ARG A 1 39  ? -16.952 4.372   -7.203  1.00 42.63  ? 1832 ARG A N   1 
ATOM   301 C CA  . ARG A 1 39  ? -17.792 3.296   -7.715  1.00 42.02  ? 1832 ARG A CA  1 
ATOM   302 C C   . ARG A 1 39  ? -17.034 1.978   -7.880  1.00 38.28  ? 1832 ARG A C   1 
ATOM   303 O O   . ARG A 1 39  ? -17.564 0.906   -7.584  1.00 37.26  ? 1832 ARG A O   1 
ATOM   304 C CB  . ARG A 1 39  ? -18.409 3.720   -9.051  1.00 44.24  ? 1832 ARG A CB  1 
ATOM   305 C CG  . ARG A 1 39  ? -19.005 2.589   -9.867  1.00 45.56  ? 1832 ARG A CG  1 
ATOM   306 C CD  . ARG A 1 39  ? -19.638 3.107   -11.151 1.00 47.08  ? 1832 ARG A CD  1 
ATOM   307 N NE  . ARG A 1 39  ? -18.718 3.931   -11.935 1.00 47.61  ? 1832 ARG A NE  1 
ATOM   308 C CZ  . ARG A 1 39  ? -17.881 3.456   -12.852 1.00 47.32  ? 1832 ARG A CZ  1 
ATOM   309 N NH1 . ARG A 1 39  ? -17.837 2.156   -13.107 1.00 47.01  ? 1832 ARG A NH1 1 
ATOM   310 N NH2 . ARG A 1 39  ? -17.085 4.284   -13.515 1.00 47.33  ? 1832 ARG A NH2 1 
ATOM   311 N N   . ILE A 1 40  ? -15.790 2.061   -8.342  1.00 38.02  ? 1833 ILE A N   1 
ATOM   312 C CA  . ILE A 1 40  ? -15.016 0.871   -8.681  1.00 35.55  ? 1833 ILE A CA  1 
ATOM   313 C C   . ILE A 1 40  ? -14.291 0.262   -7.477  1.00 35.39  ? 1833 ILE A C   1 
ATOM   314 O O   . ILE A 1 40  ? -14.299 -0.956  -7.293  1.00 36.57  ? 1833 ILE A O   1 
ATOM   315 C CB  . ILE A 1 40  ? -13.991 1.185   -9.790  1.00 35.52  ? 1833 ILE A CB  1 
ATOM   316 C CG1 . ILE A 1 40  ? -14.717 1.596   -11.074 1.00 36.23  ? 1833 ILE A CG1 1 
ATOM   317 C CG2 . ILE A 1 40  ? -13.093 -0.013  -10.057 1.00 34.84  ? 1833 ILE A CG2 1 
ATOM   318 C CD1 . ILE A 1 40  ? -13.795 2.044   -12.184 1.00 36.22  ? 1833 ILE A CD1 1 
ATOM   319 N N   . ILE A 1 41  ? -13.673 1.106   -6.656  1.00 35.11  ? 1834 ILE A N   1 
ATOM   320 C CA  . ILE A 1 41  ? -12.925 0.623   -5.498  1.00 35.26  ? 1834 ILE A CA  1 
ATOM   321 C C   . ILE A 1 41  ? -13.782 0.608   -4.234  1.00 36.47  ? 1834 ILE A C   1 
ATOM   322 O O   . ILE A 1 41  ? -14.176 1.657   -3.725  1.00 35.71  ? 1834 ILE A O   1 
ATOM   323 C CB  . ILE A 1 41  ? -11.669 1.477   -5.247  1.00 34.29  ? 1834 ILE A CB  1 
ATOM   324 C CG1 . ILE A 1 41  ? -10.755 1.445   -6.474  1.00 28.47  ? 1834 ILE A CG1 1 
ATOM   325 C CG2 . ILE A 1 41  ? -10.923 0.981   -4.017  1.00 33.68  ? 1834 ILE A CG2 1 
ATOM   326 C CD1 . ILE A 1 41  ? -10.305 0.053   -6.862  1.00 28.37  ? 1834 ILE A CD1 1 
ATOM   327 N N   . LYS A 1 42  ? -14.057 -0.591  -3.731  1.00 38.43  ? 1835 LYS A N   1 
ATOM   328 C CA  . LYS A 1 42  ? -14.917 -0.764  -2.564  1.00 41.14  ? 1835 LYS A CA  1 
ATOM   329 C C   . LYS A 1 42  ? -14.178 -0.497  -1.257  1.00 39.26  ? 1835 LYS A C   1 
ATOM   330 O O   . LYS A 1 42  ? -14.705 0.160   -0.359  1.00 39.31  ? 1835 LYS A O   1 
ATOM   331 C CB  . LYS A 1 42  ? -15.509 -2.175  -2.545  1.00 45.35  ? 1835 LYS A CB  1 
ATOM   332 C CG  . LYS A 1 42  ? -16.398 -2.489  -3.734  1.00 48.57  ? 1835 LYS A CG  1 
ATOM   333 C CD  . LYS A 1 42  ? -17.529 -1.481  -3.854  1.00 50.73  ? 1835 LYS A CD  1 
ATOM   334 C CE  . LYS A 1 42  ? -18.414 -1.785  -5.052  1.00 52.48  ? 1835 LYS A CE  1 
ATOM   335 N NZ  . LYS A 1 42  ? -17.636 -1.801  -6.321  1.00 54.55  ? 1835 LYS A NZ  1 
ATOM   336 N N   . ASN A 1 43  ? -12.959 -1.017  -1.152  1.00 37.57  ? 1836 ASN A N   1 
ATOM   337 C CA  . ASN A 1 43  ? -12.159 -0.846  0.054   1.00 36.61  ? 1836 ASN A CA  1 
ATOM   338 C C   . ASN A 1 43  ? -10.845 -0.127  -0.229  1.00 35.07  ? 1836 ASN A C   1 
ATOM   339 O O   . ASN A 1 43  ? -9.809  -0.768  -0.403  1.00 33.89  ? 1836 ASN A O   1 
ATOM   340 C CB  . ASN A 1 43  ? -11.882 -2.201  0.705   1.00 37.11  ? 1836 ASN A CB  1 
ATOM   341 C CG  . ASN A 1 43  ? -13.154 -2.964  1.027   1.00 39.03  ? 1836 ASN A CG  1 
ATOM   342 O OD1 . ASN A 1 43  ? -13.369 -4.071  0.534   1.00 39.34  ? 1836 ASN A OD1 1 
ATOM   343 N ND2 . ASN A 1 43  ? -14.004 -2.372  1.858   1.00 40.72  ? 1836 ASN A ND2 1 
ATOM   344 N N   . PRO A 1 44  ? -10.887 1.214   -0.273  1.00 34.12  ? 1837 PRO A N   1 
ATOM   345 C CA  . PRO A 1 44  ? -9.686  2.018   -0.527  1.00 33.33  ? 1837 PRO A CA  1 
ATOM   346 C C   . PRO A 1 44  ? -8.649  1.857   0.579   1.00 32.83  ? 1837 PRO A C   1 
ATOM   347 O O   . PRO A 1 44  ? -9.009  1.691   1.745   1.00 33.19  ? 1837 PRO A O   1 
ATOM   348 C CB  . PRO A 1 44  ? -10.224 3.452   -0.571  1.00 34.20  ? 1837 PRO A CB  1 
ATOM   349 C CG  . PRO A 1 44  ? -11.490 3.407   0.215   1.00 35.23  ? 1837 PRO A CG  1 
ATOM   350 C CD  . PRO A 1 44  ? -12.077 2.054   -0.053  1.00 34.92  ? 1837 PRO A CD  1 
ATOM   351 N N   . MET A 1 45  ? -7.374  1.897   0.208   1.00 33.47  ? 1838 MET A N   1 
ATOM   352 C CA  . MET A 1 45  ? -6.293  1.751   1.174   1.00 33.87  ? 1838 MET A CA  1 
ATOM   353 C C   . MET A 1 45  ? -5.031  2.436   0.664   1.00 34.55  ? 1838 MET A C   1 
ATOM   354 O O   . MET A 1 45  ? -4.739  2.407   -0.531  1.00 34.58  ? 1838 MET A O   1 
ATOM   355 C CB  . MET A 1 45  ? -6.025  0.269   1.456   1.00 33.14  ? 1838 MET A CB  1 
ATOM   356 C CG  . MET A 1 45  ? -4.985  0.013   2.537   1.00 33.53  ? 1838 MET A CG  1 
ATOM   357 S SD  . MET A 1 45  ? -5.353  0.865   4.082   1.00 39.73  ? 1838 MET A SD  1 
ATOM   358 C CE  . MET A 1 45  ? -6.902  0.088   4.538   1.00 32.28  ? 1838 MET A CE  1 
ATOM   359 N N   . ASP A 1 46  ? -4.293  3.060   1.575   1.00 36.00  ? 1839 ASP A N   1 
ATOM   360 C CA  . ASP A 1 46  ? -3.063  3.754   1.219   1.00 36.89  ? 1839 ASP A CA  1 
ATOM   361 C C   . ASP A 1 46  ? -2.043  3.650   2.346   1.00 36.76  ? 1839 ASP A C   1 
ATOM   362 O O   . ASP A 1 46  ? -2.321  3.066   3.392   1.00 36.70  ? 1839 ASP A O   1 
ATOM   363 C CB  . ASP A 1 46  ? -3.350  5.220   0.897   1.00 38.16  ? 1839 ASP A CB  1 
ATOM   364 C CG  . ASP A 1 46  ? -3.869  5.983   2.093   1.00 39.29  ? 1839 ASP A CG  1 
ATOM   365 O OD1 . ASP A 1 46  ? -5.066  5.835   2.418   1.00 40.38  ? 1839 ASP A OD1 1 
ATOM   366 O OD2 . ASP A 1 46  ? -3.081  6.729   2.709   1.00 39.43  ? 1839 ASP A OD2 1 
ATOM   367 N N   . PHE A 1 47  ? -0.867  4.229   2.135   1.00 34.72  ? 1840 PHE A N   1 
ATOM   368 C CA  . PHE A 1 47  ? 0.227   4.101   3.092   1.00 35.18  ? 1840 PHE A CA  1 
ATOM   369 C C   . PHE A 1 47  ? -0.004  4.917   4.364   1.00 37.67  ? 1840 PHE A C   1 
ATOM   370 O O   . PHE A 1 47  ? 0.358   4.480   5.456   1.00 39.02  ? 1840 PHE A O   1 
ATOM   371 C CB  . PHE A 1 47  ? 1.550   4.509   2.440   1.00 33.79  ? 1840 PHE A CB  1 
ATOM   372 C CG  . PHE A 1 47  ? 2.006   3.571   1.356   1.00 31.08  ? 1840 PHE A CG  1 
ATOM   373 C CD1 . PHE A 1 47  ? 1.521   2.274   1.294   1.00 30.67  ? 1840 PHE A CD1 1 
ATOM   374 C CD2 . PHE A 1 47  ? 2.923   3.984   0.403   1.00 29.24  ? 1840 PHE A CD2 1 
ATOM   375 C CE1 . PHE A 1 47  ? 1.939   1.408   0.299   1.00 28.77  ? 1840 PHE A CE1 1 
ATOM   376 C CE2 . PHE A 1 47  ? 3.346   3.122   -0.594  1.00 27.40  ? 1840 PHE A CE2 1 
ATOM   377 C CZ  . PHE A 1 47  ? 2.852   1.833   -0.646  1.00 27.03  ? 1840 PHE A CZ  1 
ATOM   378 N N   . SER A 1 48  ? -0.606  6.095   4.226   1.00 38.91  ? 1841 SER A N   1 
ATOM   379 C CA  . SER A 1 48  ? -0.865  6.950   5.383   1.00 41.66  ? 1841 SER A CA  1 
ATOM   380 C C   . SER A 1 48  ? -1.916  6.329   6.297   1.00 42.59  ? 1841 SER A C   1 
ATOM   381 O O   . SER A 1 48  ? -1.823  6.427   7.521   1.00 43.99  ? 1841 SER A O   1 
ATOM   382 C CB  . SER A 1 48  ? -1.312  8.346   4.941   1.00 44.20  ? 1841 SER A CB  1 
ATOM   383 O OG  . SER A 1 48  ? -2.566  8.300   4.282   1.00 47.29  ? 1841 SER A OG  1 
ATOM   384 N N   . THR A 1 49  ? -2.916  5.692   5.696   1.00 40.52  ? 1842 THR A N   1 
ATOM   385 C CA  . THR A 1 49  ? -3.949  4.996   6.454   1.00 39.49  ? 1842 THR A CA  1 
ATOM   386 C C   . THR A 1 49  ? -3.338  3.821   7.211   1.00 37.90  ? 1842 THR A C   1 
ATOM   387 O O   . THR A 1 49  ? -3.662  3.579   8.374   1.00 38.36  ? 1842 THR A O   1 
ATOM   388 C CB  . THR A 1 49  ? -5.081  4.493   5.539   1.00 37.63  ? 1842 THR A CB  1 
ATOM   389 O OG1 . THR A 1 49  ? -5.675  5.604   4.856   1.00 36.77  ? 1842 THR A OG1 1 
ATOM   390 C CG2 . THR A 1 49  ? -6.152  3.777   6.351   1.00 39.52  ? 1842 THR A CG2 1 
ATOM   391 N N   . MET A 1 50  ? -2.444  3.096   6.542   1.00 36.60  ? 1843 MET A N   1 
ATOM   392 C CA  . MET A 1 50  ? -1.711  2.006   7.174   1.00 37.11  ? 1843 MET A CA  1 
ATOM   393 C C   . MET A 1 50  ? -0.788  2.544   8.262   1.00 38.05  ? 1843 MET A C   1 
ATOM   394 O O   . MET A 1 50  ? -0.591  1.905   9.295   1.00 38.32  ? 1843 MET A O   1 
ATOM   395 C CB  . MET A 1 50  ? -0.905  1.222   6.137   1.00 35.96  ? 1843 MET A CB  1 
ATOM   396 C CG  . MET A 1 50  ? -1.755  0.469   5.124   1.00 35.20  ? 1843 MET A CG  1 
ATOM   397 S SD  . MET A 1 50  ? -0.777  -0.237  3.784   1.00 42.23  ? 1843 MET A SD  1 
ATOM   398 C CE  . MET A 1 50  ? 0.290   -1.353  4.692   1.00 29.38  ? 1843 MET A CE  1 
ATOM   399 N N   . ARG A 1 51  ? -0.226  3.724   8.018   1.00 39.16  ? 1844 ARG A N   1 
ATOM   400 C CA  . ARG A 1 51  ? 0.651   4.381   8.982   1.00 42.10  ? 1844 ARG A CA  1 
ATOM   401 C C   . ARG A 1 51  ? -0.106  4.756   10.253  1.00 46.10  ? 1844 ARG A C   1 
ATOM   402 O O   . ARG A 1 51  ? 0.372   4.519   11.362  1.00 46.85  ? 1844 ARG A O   1 
ATOM   403 C CB  . ARG A 1 51  ? 1.292   5.625   8.358   1.00 42.11  ? 1844 ARG A CB  1 
ATOM   404 C CG  . ARG A 1 51  ? 1.995   6.545   9.347   1.00 43.92  ? 1844 ARG A CG  1 
ATOM   405 C CD  . ARG A 1 51  ? 3.104   5.828   10.099  1.00 44.71  ? 1844 ARG A CD  1 
ATOM   406 N NE  . ARG A 1 51  ? 4.158   5.346   9.211   1.00 43.36  ? 1844 ARG A NE  1 
ATOM   407 C CZ  . ARG A 1 51  ? 5.187   4.608   9.613   1.00 43.43  ? 1844 ARG A CZ  1 
ATOM   408 N NH1 . ARG A 1 51  ? 5.298   4.266   10.889  1.00 44.68  ? 1844 ARG A NH1 1 
ATOM   409 N NH2 . ARG A 1 51  ? 6.104   4.210   8.742   1.00 42.88  ? 1844 ARG A NH2 1 
ATOM   410 N N   . GLU A 1 52  ? -1.288  5.340   10.083  1.00 49.26  ? 1845 GLU A N   1 
ATOM   411 C CA  . GLU A 1 52  ? -2.108  5.755   11.217  1.00 53.98  ? 1845 GLU A CA  1 
ATOM   412 C C   . GLU A 1 52  ? -2.504  4.566   12.086  1.00 52.57  ? 1845 GLU A C   1 
ATOM   413 O O   . GLU A 1 52  ? -2.460  4.642   13.314  1.00 53.48  ? 1845 GLU A O   1 
ATOM   414 C CB  . GLU A 1 52  ? -3.360  6.490   10.734  1.00 58.31  ? 1845 GLU A CB  1 
ATOM   415 C CG  . GLU A 1 52  ? -3.089  7.873   10.163  1.00 61.43  ? 1845 GLU A CG  1 
ATOM   416 C CD  . GLU A 1 52  ? -4.350  8.557   9.670   1.00 65.77  ? 1845 GLU A CD  1 
ATOM   417 O OE1 . GLU A 1 52  ? -5.278  7.848   9.228   1.00 64.71  ? 1845 GLU A OE1 1 
ATOM   418 O OE2 . GLU A 1 52  ? -4.414  9.803   9.727   1.00 69.88  ? 1845 GLU A OE2 1 
ATOM   419 N N   . ARG A 1 53  ? -2.883  3.467   11.443  1.00 50.51  ? 1846 ARG A N   1 
ATOM   420 C CA  . ARG A 1 53  ? -3.300  2.266   12.157  1.00 50.80  ? 1846 ARG A CA  1 
ATOM   421 C C   . ARG A 1 53  ? -2.121  1.592   12.854  1.00 49.83  ? 1846 ARG A C   1 
ATOM   422 O O   . ARG A 1 53  ? -2.269  1.030   13.940  1.00 51.95  ? 1846 ARG A O   1 
ATOM   423 C CB  . ARG A 1 53  ? -3.979  1.283   11.200  1.00 50.55  ? 1846 ARG A CB  1 
ATOM   424 C CG  . ARG A 1 53  ? -4.450  -0.003  11.860  1.00 52.65  ? 1846 ARG A CG  1 
ATOM   425 C CD  . ARG A 1 53  ? -5.189  -0.898  10.879  1.00 52.31  ? 1846 ARG A CD  1 
ATOM   426 N NE  . ARG A 1 53  ? -5.521  -2.193  11.470  1.00 54.12  ? 1846 ARG A NE  1 
ATOM   427 C CZ  . ARG A 1 53  ? -6.118  -3.183  10.816  1.00 54.29  ? 1846 ARG A CZ  1 
ATOM   428 N NH1 . ARG A 1 53  ? -6.453  -3.033  9.541   1.00 53.31  ? 1846 ARG A NH1 1 
ATOM   429 N NH2 . ARG A 1 53  ? -6.380  -4.326  11.435  1.00 55.71  ? 1846 ARG A NH2 1 
ATOM   430 N N   . LEU A 1 54  ? -0.949  1.656   12.230  1.00 47.51  ? 1847 LEU A N   1 
ATOM   431 C CA  . LEU A 1 54  ? 0.239   1.003   12.770  1.00 47.86  ? 1847 LEU A CA  1 
ATOM   432 C C   . LEU A 1 54  ? 0.749   1.698   14.028  1.00 51.86  ? 1847 LEU A C   1 
ATOM   433 O O   . LEU A 1 54  ? 1.068   1.040   15.020  1.00 52.86  ? 1847 LEU A O   1 
ATOM   434 C CB  . LEU A 1 54  ? 1.347   0.952   11.716  1.00 45.88  ? 1847 LEU A CB  1 
ATOM   435 C CG  . LEU A 1 54  ? 2.650   0.279   12.150  1.00 46.82  ? 1847 LEU A CG  1 
ATOM   436 C CD1 . LEU A 1 54  ? 2.395   -1.169  12.538  1.00 48.84  ? 1847 LEU A CD1 1 
ATOM   437 C CD2 . LEU A 1 54  ? 3.694   0.362   11.048  1.00 45.20  ? 1847 LEU A CD2 1 
ATOM   438 N N   . LEU A 1 55  ? 0.831   3.024   13.982  1.00 54.47  ? 1848 LEU A N   1 
ATOM   439 C CA  . LEU A 1 55  ? 1.292   3.807   15.125  1.00 58.35  ? 1848 LEU A CA  1 
ATOM   440 C C   . LEU A 1 55  ? 0.387   3.590   16.328  1.00 62.14  ? 1848 LEU A C   1 
ATOM   441 O O   . LEU A 1 55  ? 0.849   3.502   17.464  1.00 62.96  ? 1848 LEU A O   1 
ATOM   442 C CB  . LEU A 1 55  ? 1.343   5.297   14.777  1.00 57.28  ? 1848 LEU A CB  1 
ATOM   443 C CG  . LEU A 1 55  ? 2.379   5.750   13.750  1.00 54.01  ? 1848 LEU A CG  1 
ATOM   444 C CD1 . LEU A 1 55  ? 2.291   7.252   13.546  1.00 53.04  ? 1848 LEU A CD1 1 
ATOM   445 C CD2 . LEU A 1 55  ? 3.782   5.349   14.188  1.00 54.18  ? 1848 LEU A CD2 1 
ATOM   446 N N   . ARG A 1 56  ? -0.908  3.489   16.058  1.00 65.94  ? 1849 ARG A N   1 
ATOM   447 C CA  . ARG A 1 56  ? -1.922  3.377   17.097  1.00 72.31  ? 1849 ARG A CA  1 
ATOM   448 C C   . ARG A 1 56  ? -2.121  1.889   17.439  1.00 74.59  ? 1849 ARG A C   1 
ATOM   449 O O   . ARG A 1 56  ? -3.083  1.494   18.095  1.00 78.41  ? 1849 ARG A O   1 
ATOM   450 C CB  . ARG A 1 56  ? -3.203  4.078   16.611  1.00 75.21  ? 1849 ARG A CB  1 
ATOM   451 C CG  . ARG A 1 56  ? -4.453  3.990   17.474  1.00 80.05  ? 1849 ARG A CG  1 
ATOM   452 C CD  . ARG A 1 56  ? -5.568  4.841   16.868  1.00 81.94  ? 1849 ARG A CD  1 
ATOM   453 N NE  . ARG A 1 56  ? -6.891  4.459   17.350  1.00 85.28  ? 1849 ARG A NE  1 
ATOM   454 C CZ  . ARG A 1 56  ? -8.007  5.149   17.121  1.00 87.83  ? 1849 ARG A CZ  1 
ATOM   455 N NH1 . ARG A 1 56  ? -7.973  6.276   16.421  1.00 89.50  ? 1849 ARG A NH1 1 
ATOM   456 N NH2 . ARG A 1 56  ? -9.161  4.707   17.600  1.00 90.20  ? 1849 ARG A NH2 1 
ATOM   457 N N   . GLY A 1 57  ? -1.172  1.069   16.990  1.00 75.04  ? 1850 GLY A N   1 
ATOM   458 C CA  . GLY A 1 57  ? -1.126  -0.346  17.324  1.00 76.85  ? 1850 GLY A CA  1 
ATOM   459 C C   . GLY A 1 57  ? -2.321  -1.164  16.870  1.00 76.06  ? 1850 GLY A C   1 
ATOM   460 O O   . GLY A 1 57  ? -2.605  -2.225  17.428  1.00 76.20  ? 1850 GLY A O   1 
ATOM   461 N N   . GLY A 1 58  ? -3.013  -0.677  15.845  1.00 72.60  ? 1851 GLY A N   1 
ATOM   462 C CA  . GLY A 1 58  ? -4.236  -1.304  15.379  1.00 72.20  ? 1851 GLY A CA  1 
ATOM   463 C C   . GLY A 1 58  ? -4.055  -2.591  14.595  1.00 70.65  ? 1851 GLY A C   1 
ATOM   464 O O   . GLY A 1 58  ? -5.033  -3.169  14.124  1.00 68.06  ? 1851 GLY A O   1 
ATOM   465 N N   . TYR A 1 59  ? -2.815  -3.041  14.445  1.00 71.46  ? 1852 TYR A N   1 
ATOM   466 C CA  . TYR A 1 59  ? -2.553  -4.294  13.744  1.00 71.87  ? 1852 TYR A CA  1 
ATOM   467 C C   . TYR A 1 59  ? -2.276  -5.418  14.731  1.00 80.37  ? 1852 TYR A C   1 
ATOM   468 O O   . TYR A 1 59  ? -1.259  -5.409  15.423  1.00 84.22  ? 1852 TYR A O   1 
ATOM   469 C CB  . TYR A 1 59  ? -1.377  -4.145  12.775  1.00 62.90  ? 1852 TYR A CB  1 
ATOM   470 C CG  . TYR A 1 59  ? -1.708  -3.372  11.520  1.00 53.48  ? 1852 TYR A CG  1 
ATOM   471 C CD1 . TYR A 1 59  ? -2.579  -3.891  10.569  1.00 49.42  ? 1852 TYR A CD1 1 
ATOM   472 C CD2 . TYR A 1 59  ? -1.143  -2.127  11.279  1.00 49.47  ? 1852 TYR A CD2 1 
ATOM   473 C CE1 . TYR A 1 59  ? -2.883  -3.188  9.419   1.00 46.30  ? 1852 TYR A CE1 1 
ATOM   474 C CE2 . TYR A 1 59  ? -1.440  -1.417  10.133  1.00 46.41  ? 1852 TYR A CE2 1 
ATOM   475 C CZ  . TYR A 1 59  ? -2.309  -1.952  9.206   1.00 45.26  ? 1852 TYR A CZ  1 
ATOM   476 O OH  . TYR A 1 59  ? -2.607  -1.246  8.062   1.00 43.76  ? 1852 TYR A OH  1 
ATOM   477 N N   . THR A 1 60  ? -3.189  -6.382  14.791  1.00 87.22  ? 1853 THR A N   1 
ATOM   478 C CA  . THR A 1 60  ? -3.042  -7.526  15.685  1.00 92.08  ? 1853 THR A CA  1 
ATOM   479 C C   . THR A 1 60  ? -1.763  -8.304  15.383  1.00 95.51  ? 1853 THR A C   1 
ATOM   480 O O   . THR A 1 60  ? -1.103  -8.816  16.291  1.00 99.54  ? 1853 THR A O   1 
ATOM   481 C CB  . THR A 1 60  ? -4.257  -8.474  15.582  1.00 94.64  ? 1853 THR A CB  1 
ATOM   482 O OG1 . THR A 1 60  ? -5.449  -7.769  15.949  1.00 96.24  ? 1853 THR A OG1 1 
ATOM   483 C CG2 . THR A 1 60  ? -4.086  -9.676  16.500  1.00 97.70  ? 1853 THR A CG2 1 
ATOM   484 N N   . SER A 1 61  ? -1.405  -8.365  14.104  1.00 88.02  ? 1854 SER A N   1 
ATOM   485 C CA  . SER A 1 61  ? -0.263  -9.159  13.672  1.00 84.67  ? 1854 SER A CA  1 
ATOM   486 C C   . SER A 1 61  ? 0.156   -8.832  12.234  1.00 78.26  ? 1854 SER A C   1 
ATOM   487 O O   . SER A 1 61  ? -0.440  -7.975  11.576  1.00 73.77  ? 1854 SER A O   1 
ATOM   488 C CB  . SER A 1 61  ? -0.586  -10.647 13.819  1.00 86.72  ? 1854 SER A CB  1 
ATOM   489 O OG  . SER A 1 61  ? -1.782  -10.973 13.133  1.00 85.98  ? 1854 SER A OG  1 
ATOM   490 N N   . SER A 1 62  ? 1.188   -9.518  11.754  1.00 76.24  ? 1855 SER A N   1 
ATOM   491 C CA  . SER A 1 62  ? 1.812   -9.165  10.484  1.00 72.08  ? 1855 SER A CA  1 
ATOM   492 C C   . SER A 1 62  ? 0.970   -9.542  9.266   1.00 69.09  ? 1855 SER A C   1 
ATOM   493 O O   . SER A 1 62  ? 1.092   -8.921  8.213   1.00 67.02  ? 1855 SER A O   1 
ATOM   494 C CB  . SER A 1 62  ? 3.193   -9.817  10.373  1.00 71.44  ? 1855 SER A CB  1 
ATOM   495 O OG  . SER A 1 62  ? 3.098   -11.230 10.363  1.00 72.00  ? 1855 SER A OG  1 
ATOM   496 N N   . GLU A 1 63  ? 0.116   -10.549 9.400   1.00 69.93  ? 1856 GLU A N   1 
ATOM   497 C CA  . GLU A 1 63  ? -0.716  -10.965 8.275   1.00 68.92  ? 1856 GLU A CA  1 
ATOM   498 C C   . GLU A 1 63  ? -1.785  -9.917  7.985   1.00 64.34  ? 1856 GLU A C   1 
ATOM   499 O O   . GLU A 1 63  ? -2.195  -9.737  6.838   1.00 61.97  ? 1856 GLU A O   1 
ATOM   500 C CB  . GLU A 1 63  ? -1.366  -12.323 8.547   1.00 75.09  ? 1856 GLU A CB  1 
ATOM   501 C CG  . GLU A 1 63  ? -0.507  -13.267 9.373   1.00 81.11  ? 1856 GLU A CG  1 
ATOM   502 C CD  . GLU A 1 63  ? -0.614  -12.995 10.861  1.00 86.97  ? 1856 GLU A CD  1 
ATOM   503 O OE1 . GLU A 1 63  ? -1.272  -11.998 11.224  1.00 89.00  ? 1856 GLU A OE1 1 
ATOM   504 O OE2 . GLU A 1 63  ? -0.040  -13.766 11.658  1.00 92.02  ? 1856 GLU A OE2 1 
ATOM   505 N N   . GLU A 1 64  ? -2.238  -9.228  9.029   1.00 62.20  ? 1857 GLU A N   1 
ATOM   506 C CA  . GLU A 1 64  ? -3.183  -8.131  8.858   1.00 58.29  ? 1857 GLU A CA  1 
ATOM   507 C C   . GLU A 1 64  ? -2.531  -6.964  8.128   1.00 52.24  ? 1857 GLU A C   1 
ATOM   508 O O   . GLU A 1 64  ? -3.154  -6.327  7.278   1.00 50.78  ? 1857 GLU A O   1 
ATOM   509 C CB  . GLU A 1 64  ? -3.732  -7.653  10.206  1.00 60.04  ? 1857 GLU A CB  1 
ATOM   510 C CG  . GLU A 1 64  ? -4.796  -8.551  10.820  1.00 61.96  ? 1857 GLU A CG  1 
ATOM   511 C CD  . GLU A 1 64  ? -5.547  -7.875  11.956  1.00 63.49  ? 1857 GLU A CD  1 
ATOM   512 O OE1 . GLU A 1 64  ? -6.607  -8.399  12.363  1.00 65.58  ? 1857 GLU A OE1 1 
ATOM   513 O OE2 . GLU A 1 64  ? -5.085  -6.819  12.439  1.00 63.05  ? 1857 GLU A OE2 1 
ATOM   514 N N   . PHE A 1 65  ? -1.280  -6.681  8.476   1.00 49.42  ? 1858 PHE A N   1 
ATOM   515 C CA  . PHE A 1 65  ? -0.524  -5.608  7.839   1.00 44.87  ? 1858 PHE A CA  1 
ATOM   516 C C   . PHE A 1 65  ? -0.304  -5.907  6.362   1.00 42.48  ? 1858 PHE A C   1 
ATOM   517 O O   . PHE A 1 65  ? -0.452  -5.028  5.512   1.00 41.05  ? 1858 PHE A O   1 
ATOM   518 C CB  . PHE A 1 65  ? 0.819   -5.408  8.548   1.00 44.15  ? 1858 PHE A CB  1 
ATOM   519 C CG  . PHE A 1 65  ? 1.710   -4.397  7.885   1.00 41.35  ? 1858 PHE A CG  1 
ATOM   520 C CD1 . PHE A 1 65  ? 2.699   -4.797  7.002   1.00 39.99  ? 1858 PHE A CD1 1 
ATOM   521 C CD2 . PHE A 1 65  ? 1.563   -3.045  8.149   1.00 40.31  ? 1858 PHE A CD2 1 
ATOM   522 C CE1 . PHE A 1 65  ? 3.519   -3.869  6.391   1.00 38.54  ? 1858 PHE A CE1 1 
ATOM   523 C CE2 . PHE A 1 65  ? 2.382   -2.112  7.541   1.00 38.61  ? 1858 PHE A CE2 1 
ATOM   524 C CZ  . PHE A 1 65  ? 3.361   -2.526  6.662   1.00 37.84  ? 1858 PHE A CZ  1 
ATOM   525 N N   . ALA A 1 66  ? 0.052   -7.152  6.064   1.00 43.23  ? 1859 ALA A N   1 
ATOM   526 C CA  . ALA A 1 66  ? 0.307   -7.571  4.691   1.00 41.95  ? 1859 ALA A CA  1 
ATOM   527 C C   . ALA A 1 66  ? -0.961  -7.503  3.847   1.00 40.76  ? 1859 ALA A C   1 
ATOM   528 O O   . ALA A 1 66  ? -0.905  -7.207  2.654   1.00 38.79  ? 1859 ALA A O   1 
ATOM   529 C CB  . ALA A 1 66  ? 0.885   -8.978  4.666   1.00 42.92  ? 1859 ALA A CB  1 
ATOM   530 N N   . ALA A 1 67  ? -2.100  -7.778  4.474   1.00 41.67  ? 1860 ALA A N   1 
ATOM   531 C CA  . ALA A 1 67  ? -3.383  -7.758  3.781   1.00 41.35  ? 1860 ALA A CA  1 
ATOM   532 C C   . ALA A 1 67  ? -3.728  -6.354  3.290   1.00 39.36  ? 1860 ALA A C   1 
ATOM   533 O O   . ALA A 1 67  ? -4.276  -6.187  2.201   1.00 38.18  ? 1860 ALA A O   1 
ATOM   534 C CB  . ALA A 1 67  ? -4.484  -8.287  4.689   1.00 43.72  ? 1860 ALA A CB  1 
ATOM   535 N N   . ASP A 1 68  ? -3.406  -5.350  4.097   1.00 39.63  ? 1861 ASP A N   1 
ATOM   536 C CA  . ASP A 1 68  ? -3.655  -3.962  3.723   1.00 39.07  ? 1861 ASP A CA  1 
ATOM   537 C C   . ASP A 1 68  ? -2.714  -3.516  2.609   1.00 35.78  ? 1861 ASP A C   1 
ATOM   538 O O   . ASP A 1 68  ? -3.118  -2.796  1.697   1.00 33.66  ? 1861 ASP A O   1 
ATOM   539 C CB  . ASP A 1 68  ? -3.508  -3.040  4.935   1.00 41.06  ? 1861 ASP A CB  1 
ATOM   540 C CG  . ASP A 1 68  ? -4.810  -2.862  5.692   1.00 43.14  ? 1861 ASP A CG  1 
ATOM   541 O OD1 . ASP A 1 68  ? -5.873  -3.208  5.137   1.00 42.71  ? 1861 ASP A OD1 1 
ATOM   542 O OD2 . ASP A 1 68  ? -4.770  -2.372  6.840   1.00 46.61  ? 1861 ASP A OD2 1 
ATOM   543 N N   . ALA A 1 69  ? -1.460  -3.947  2.690   1.00 34.62  ? 1862 ALA A N   1 
ATOM   544 C CA  . ALA A 1 69  ? -0.469  -3.603  1.678   1.00 32.83  ? 1862 ALA A CA  1 
ATOM   545 C C   . ALA A 1 69  ? -0.864  -4.162  0.315   1.00 30.33  ? 1862 ALA A C   1 
ATOM   546 O O   . ALA A 1 69  ? -0.815  -3.456  -0.691  1.00 29.09  ? 1862 ALA A O   1 
ATOM   547 C CB  . ALA A 1 69  ? 0.902   -4.113  2.085   1.00 33.26  ? 1862 ALA A CB  1 
ATOM   548 N N   . LEU A 1 70  ? -1.265  -5.429  0.290   1.00 31.69  ? 1863 LEU A N   1 
ATOM   549 C CA  . LEU A 1 70  ? -1.694  -6.073  -0.947  1.00 31.54  ? 1863 LEU A CA  1 
ATOM   550 C C   . LEU A 1 70  ? -2.990  -5.460  -1.468  1.00 31.57  ? 1863 LEU A C   1 
ATOM   551 O O   . LEU A 1 70  ? -3.240  -5.446  -2.673  1.00 31.92  ? 1863 LEU A O   1 
ATOM   552 C CB  . LEU A 1 70  ? -1.869  -7.578  -0.736  1.00 33.67  ? 1863 LEU A CB  1 
ATOM   553 C CG  . LEU A 1 70  ? -0.598  -8.366  -0.406  1.00 36.65  ? 1863 LEU A CG  1 
ATOM   554 C CD1 . LEU A 1 70  ? -0.913  -9.841  -0.201  1.00 38.51  ? 1863 LEU A CD1 1 
ATOM   555 C CD2 . LEU A 1 70  ? 0.449   -8.185  -1.496  1.00 36.70  ? 1863 LEU A CD2 1 
ATOM   556 N N   . LEU A 1 71  ? -3.812  -4.954  -0.553  1.00 31.77  ? 1864 LEU A N   1 
ATOM   557 C CA  . LEU A 1 71  ? -5.059  -4.296  -0.922  1.00 31.60  ? 1864 LEU A CA  1 
ATOM   558 C C   . LEU A 1 71  ? -4.780  -3.015  -1.703  1.00 31.85  ? 1864 LEU A C   1 
ATOM   559 O O   . LEU A 1 71  ? -5.507  -2.677  -2.639  1.00 32.89  ? 1864 LEU A O   1 
ATOM   560 C CB  . LEU A 1 71  ? -5.895  -3.988  0.324   1.00 32.28  ? 1864 LEU A CB  1 
ATOM   561 C CG  . LEU A 1 71  ? -7.208  -3.232  0.112   1.00 33.65  ? 1864 LEU A CG  1 
ATOM   562 C CD1 . LEU A 1 71  ? -8.125  -3.991  -0.838  1.00 32.94  ? 1864 LEU A CD1 1 
ATOM   563 C CD2 . LEU A 1 71  ? -7.901  -2.980  1.441   1.00 34.65  ? 1864 LEU A CD2 1 
ATOM   564 N N   . VAL A 1 72  ? -3.723  -2.309  -1.313  1.00 30.25  ? 1865 VAL A N   1 
ATOM   565 C CA  . VAL A 1 72  ? -3.297  -1.101  -2.012  1.00 29.52  ? 1865 VAL A CA  1 
ATOM   566 C C   . VAL A 1 72  ? -2.992  -1.400  -3.477  1.00 27.65  ? 1865 VAL A C   1 
ATOM   567 O O   . VAL A 1 72  ? -3.408  -0.668  -4.375  1.00 27.25  ? 1865 VAL A O   1 
ATOM   568 C CB  . VAL A 1 72  ? -2.048  -0.476  -1.353  1.00 30.34  ? 1865 VAL A CB  1 
ATOM   569 C CG1 . VAL A 1 72  ? -1.531  0.688   -2.181  1.00 30.74  ? 1865 VAL A CG1 1 
ATOM   570 C CG2 . VAL A 1 72  ? -2.361  -0.029  0.065   1.00 31.35  ? 1865 VAL A CG2 1 
ATOM   571 N N   . PHE A 1 73  ? -2.276  -2.495  -3.706  1.00 27.89  ? 1866 PHE A N   1 
ATOM   572 C CA  . PHE A 1 73  ? -1.825  -2.854  -5.044  1.00 27.86  ? 1866 PHE A CA  1 
ATOM   573 C C   . PHE A 1 73  ? -2.911  -3.578  -5.834  1.00 27.45  ? 1866 PHE A C   1 
ATOM   574 O O   . PHE A 1 73  ? -2.909  -3.554  -7.064  1.00 28.19  ? 1866 PHE A O   1 
ATOM   575 C CB  . PHE A 1 73  ? -0.562  -3.710  -4.949  1.00 27.81  ? 1866 PHE A CB  1 
ATOM   576 C CG  . PHE A 1 73  ? 0.507   -3.101  -4.089  1.00 27.71  ? 1866 PHE A CG  1 
ATOM   577 C CD1 . PHE A 1 73  ? 0.866   -1.773  -4.250  1.00 27.43  ? 1866 PHE A CD1 1 
ATOM   578 C CD2 . PHE A 1 73  ? 1.131   -3.843  -3.100  1.00 27.31  ? 1866 PHE A CD2 1 
ATOM   579 C CE1 . PHE A 1 73  ? 1.840   -1.201  -3.455  1.00 26.88  ? 1866 PHE A CE1 1 
ATOM   580 C CE2 . PHE A 1 73  ? 2.106   -3.276  -2.300  1.00 26.52  ? 1866 PHE A CE2 1 
ATOM   581 C CZ  . PHE A 1 73  ? 2.461   -1.953  -2.479  1.00 26.44  ? 1866 PHE A CZ  1 
ATOM   582 N N   . ASP A 1 74  ? -3.837  -4.219  -5.127  1.00 27.76  ? 1867 ASP A N   1 
ATOM   583 C CA  . ASP A 1 74  ? -4.993  -4.831  -5.773  1.00 28.75  ? 1867 ASP A CA  1 
ATOM   584 C C   . ASP A 1 74  ? -5.927  -3.752  -6.309  1.00 28.69  ? 1867 ASP A C   1 
ATOM   585 O O   . ASP A 1 74  ? -6.430  -3.853  -7.429  1.00 27.91  ? 1867 ASP A O   1 
ATOM   586 C CB  . ASP A 1 74  ? -5.743  -5.747  -4.805  1.00 31.18  ? 1867 ASP A CB  1 
ATOM   587 C CG  . ASP A 1 74  ? -5.079  -7.100  -4.649  1.00 33.10  ? 1867 ASP A CG  1 
ATOM   588 O OD1 . ASP A 1 74  ? -4.338  -7.511  -5.567  1.00 33.50  ? 1867 ASP A OD1 1 
ATOM   589 O OD2 . ASP A 1 74  ? -5.301  -7.754  -3.609  1.00 35.11  ? 1867 ASP A OD2 1 
ATOM   590 N N   . ASN A 1 75  ? -6.155  -2.722  -5.500  1.00 28.71  ? 1868 ASN A N   1 
ATOM   591 C CA  . ASN A 1 75  ? -6.965  -1.584  -5.916  1.00 29.12  ? 1868 ASN A CA  1 
ATOM   592 C C   . ASN A 1 75  ? -6.326  -0.855  -7.092  1.00 27.52  ? 1868 ASN A C   1 
ATOM   593 O O   . ASN A 1 75  ? -7.015  -0.414  -8.011  1.00 27.91  ? 1868 ASN A O   1 
ATOM   594 C CB  . ASN A 1 75  ? -7.170  -0.612  -4.752  1.00 29.29  ? 1868 ASN A CB  1 
ATOM   595 C CG  . ASN A 1 75  ? -8.060  -1.181  -3.665  1.00 29.11  ? 1868 ASN A CG  1 
ATOM   596 O OD1 . ASN A 1 75  ? -8.843  -2.099  -3.906  1.00 28.48  ? 1868 ASN A OD1 1 
ATOM   597 N ND2 . ASN A 1 75  ? -7.948  -0.633  -2.460  1.00 29.88  ? 1868 ASN A ND2 1 
ATOM   598 N N   . CYS A 1 76  ? -5.003  -0.737  -7.052  1.00 26.85  ? 1869 CYS A N   1 
ATOM   599 C CA  . CYS A 1 76  ? -4.259  -0.052  -8.101  1.00 25.48  ? 1869 CYS A CA  1 
ATOM   600 C C   . CYS A 1 76  ? -4.429  -0.743  -9.450  1.00 25.68  ? 1869 CYS A C   1 
ATOM   601 O O   . CYS A 1 76  ? -4.649  -0.090  -10.469 1.00 25.65  ? 1869 CYS A O   1 
ATOM   602 C CB  . CYS A 1 76  ? -2.775  0.029   -7.737  1.00 24.76  ? 1869 CYS A CB  1 
ATOM   603 S SG  . CYS A 1 76  ? -1.755  0.862   -8.974  1.00 28.02  ? 1869 CYS A SG  1 
ATOM   604 N N   . GLN A 1 77  ? -4.336  -2.069  -9.448  1.00 25.09  ? 1870 GLN A N   1 
ATOM   605 C CA  . GLN A 1 77  ? -4.453  -2.845  -10.677 1.00 25.58  ? 1870 GLN A CA  1 
ATOM   606 C C   . GLN A 1 77  ? -5.899  -2.928  -11.151 1.00 25.90  ? 1870 GLN A C   1 
ATOM   607 O O   . GLN A 1 77  ? -6.162  -3.137  -12.335 1.00 26.27  ? 1870 GLN A O   1 
ATOM   608 C CB  . GLN A 1 77  ? -3.883  -4.251  -10.479 1.00 25.29  ? 1870 GLN A CB  1 
ATOM   609 C CG  . GLN A 1 77  ? -2.391  -4.275  -10.184 1.00 24.69  ? 1870 GLN A CG  1 
ATOM   610 C CD  . GLN A 1 77  ? -1.879  -5.672  -9.894  1.00 24.64  ? 1870 GLN A CD  1 
ATOM   611 O OE1 . GLN A 1 77  ? -1.564  -6.432  -10.810 1.00 24.57  ? 1870 GLN A OE1 1 
ATOM   612 N NE2 . GLN A 1 77  ? -1.796  -6.019  -8.615  1.00 25.22  ? 1870 GLN A NE2 1 
ATOM   613 N N   . THR A 1 78  ? -6.834  -2.767  -10.220 1.00 26.76  ? 1871 THR A N   1 
ATOM   614 C CA  . THR A 1 78  ? -8.252  -2.792  -10.557 1.00 27.72  ? 1871 THR A CA  1 
ATOM   615 C C   . THR A 1 78  ? -8.666  -1.512  -11.277 1.00 28.89  ? 1871 THR A C   1 
ATOM   616 O O   . THR A 1 78  ? -9.389  -1.555  -12.271 1.00 29.80  ? 1871 THR A O   1 
ATOM   617 C CB  . THR A 1 78  ? -9.130  -2.979  -9.301  1.00 28.92  ? 1871 THR A CB  1 
ATOM   618 O OG1 . THR A 1 78  ? -8.844  -4.248  -8.700  1.00 28.75  ? 1871 THR A OG1 1 
ATOM   619 C CG2 . THR A 1 78  ? -10.609 -2.920  -9.662  1.00 30.71  ? 1871 THR A CG2 1 
ATOM   620 N N   . PHE A 1 79  ? -8.190  -0.373  -10.783 1.00 29.42  ? 1872 PHE A N   1 
ATOM   621 C CA  . PHE A 1 79  ? -8.614  0.912   -11.325 1.00 30.75  ? 1872 PHE A CA  1 
ATOM   622 C C   . PHE A 1 79  ? -7.727  1.419   -12.458 1.00 30.43  ? 1872 PHE A C   1 
ATOM   623 O O   . PHE A 1 79  ? -8.209  2.068   -13.386 1.00 30.10  ? 1872 PHE A O   1 
ATOM   624 C CB  . PHE A 1 79  ? -8.664  1.968   -10.218 1.00 31.06  ? 1872 PHE A CB  1 
ATOM   625 C CG  . PHE A 1 79  ? -9.248  3.275   -10.666 1.00 32.78  ? 1872 PHE A CG  1 
ATOM   626 C CD1 . PHE A 1 79  ? -10.619 3.458   -10.691 1.00 33.76  ? 1872 PHE A CD1 1 
ATOM   627 C CD2 . PHE A 1 79  ? -8.430  4.317   -11.075 1.00 33.09  ? 1872 PHE A CD2 1 
ATOM   628 C CE1 . PHE A 1 79  ? -11.165 4.653   -11.109 1.00 35.69  ? 1872 PHE A CE1 1 
ATOM   629 C CE2 . PHE A 1 79  ? -8.970  5.515   -11.494 1.00 34.35  ? 1872 PHE A CE2 1 
ATOM   630 C CZ  . PHE A 1 79  ? -10.341 5.683   -11.512 1.00 35.89  ? 1872 PHE A CZ  1 
ATOM   631 N N   . ASN A 1 80  ? -6.432  1.130   -12.381 1.00 33.28  ? 1873 ASN A N   1 
ATOM   632 C CA  . ASN A 1 80  ? -5.484  1.700   -13.329 1.00 34.16  ? 1873 ASN A CA  1 
ATOM   633 C C   . ASN A 1 80  ? -4.949  0.691   -14.338 1.00 34.54  ? 1873 ASN A C   1 
ATOM   634 O O   . ASN A 1 80  ? -4.715  -0.472  -14.009 1.00 32.25  ? 1873 ASN A O   1 
ATOM   635 C CB  . ASN A 1 80  ? -4.315  2.340   -12.577 1.00 33.59  ? 1873 ASN A CB  1 
ATOM   636 C CG  . ASN A 1 80  ? -4.772  3.348   -11.542 1.00 32.89  ? 1873 ASN A CG  1 
ATOM   637 O OD1 . ASN A 1 80  ? -5.015  4.512   -11.858 1.00 34.55  ? 1873 ASN A OD1 1 
ATOM   638 N ND2 . ASN A 1 80  ? -4.892  2.905   -10.296 1.00 31.64  ? 1873 ASN A ND2 1 
ATOM   639 N N   . GLU A 1 81  ? -4.762  1.154   -15.570 1.00 37.09  ? 1874 GLU A N   1 
ATOM   640 C CA  . GLU A 1 81  ? -4.140  0.348   -16.611 1.00 39.29  ? 1874 GLU A CA  1 
ATOM   641 C C   . GLU A 1 81  ? -2.706  0.009   -16.219 1.00 34.46  ? 1874 GLU A C   1 
ATOM   642 O O   . GLU A 1 81  ? -2.058  0.767   -15.498 1.00 32.53  ? 1874 GLU A O   1 
ATOM   643 C CB  . GLU A 1 81  ? -4.161  1.087   -17.951 1.00 45.46  ? 1874 GLU A CB  1 
ATOM   644 C CG  . GLU A 1 81  ? -5.553  1.413   -18.467 1.00 50.78  ? 1874 GLU A CG  1 
ATOM   645 C CD  . GLU A 1 81  ? -5.992  0.489   -19.585 1.00 56.06  ? 1874 GLU A CD  1 
ATOM   646 O OE1 . GLU A 1 81  ? -6.067  -0.736  -19.352 1.00 55.42  ? 1874 GLU A OE1 1 
ATOM   647 O OE2 . GLU A 1 81  ? -6.261  0.988   -20.699 1.00 63.00  ? 1874 GLU A OE2 1 
ATOM   648 N N   . ASP A 1 82  ? -2.217  -1.133  -16.692 1.00 33.08  ? 1875 ASP A N   1 
ATOM   649 C CA  . ASP A 1 82  ? -0.861  -1.569  -16.382 1.00 31.51  ? 1875 ASP A CA  1 
ATOM   650 C C   . ASP A 1 82  ? 0.182   -0.631  -16.985 1.00 33.29  ? 1875 ASP A C   1 
ATOM   651 O O   . ASP A 1 82  ? 1.273   -0.473  -16.439 1.00 32.38  ? 1875 ASP A O   1 
ATOM   652 C CB  . ASP A 1 82  ? -0.632  -2.997  -16.880 1.00 30.58  ? 1875 ASP A CB  1 
ATOM   653 C CG  . ASP A 1 82  ? -1.483  -4.015  -16.142 1.00 29.08  ? 1875 ASP A CG  1 
ATOM   654 O OD1 . ASP A 1 82  ? -1.585  -3.921  -14.901 1.00 27.29  ? 1875 ASP A OD1 1 
ATOM   655 O OD2 . ASP A 1 82  ? -2.054  -4.905  -16.806 1.00 30.34  ? 1875 ASP A OD2 1 
ATOM   656 N N   . ASP A 1 83  ? -0.163  -0.005  -18.107 1.00 36.41  ? 1876 ASP A N   1 
ATOM   657 C CA  . ASP A 1 83  ? 0.768   0.879   -18.801 1.00 39.08  ? 1876 ASP A CA  1 
ATOM   658 C C   . ASP A 1 83  ? 0.548   2.348   -18.443 1.00 38.42  ? 1876 ASP A C   1 
ATOM   659 O O   . ASP A 1 83  ? 1.207   3.231   -18.991 1.00 38.80  ? 1876 ASP A O   1 
ATOM   660 C CB  . ASP A 1 83  ? 0.659   0.686   -20.316 1.00 42.00  ? 1876 ASP A CB  1 
ATOM   661 C CG  . ASP A 1 83  ? -0.719  1.018   -20.849 1.00 42.81  ? 1876 ASP A CG  1 
ATOM   662 O OD1 . ASP A 1 83  ? -1.685  1.004   -20.060 1.00 41.91  ? 1876 ASP A OD1 1 
ATOM   663 O OD2 . ASP A 1 83  ? -0.835  1.293   -22.062 1.00 45.50  ? 1876 ASP A OD2 1 
ATOM   664 N N   . SER A 1 84  ? -0.381  2.605   -17.527 1.00 37.64  ? 1877 SER A N   1 
ATOM   665 C CA  . SER A 1 84  ? -0.599  3.961   -17.034 1.00 38.24  ? 1877 SER A CA  1 
ATOM   666 C C   . SER A 1 84  ? 0.497   4.329   -16.043 1.00 38.15  ? 1877 SER A C   1 
ATOM   667 O O   . SER A 1 84  ? 1.174   3.451   -15.509 1.00 36.27  ? 1877 SER A O   1 
ATOM   668 C CB  . SER A 1 84  ? -1.976  4.092   -16.381 1.00 37.12  ? 1877 SER A CB  1 
ATOM   669 O OG  . SER A 1 84  ? -2.050  3.337   -15.184 1.00 35.31  ? 1877 SER A OG  1 
ATOM   670 N N   . GLU A 1 85  ? 0.669   5.623   -15.797 1.00 41.56  ? 1878 GLU A N   1 
ATOM   671 C CA  . GLU A 1 85  ? 1.712   6.102   -14.894 1.00 43.79  ? 1878 GLU A CA  1 
ATOM   672 C C   . GLU A 1 85  ? 1.517   5.574   -13.475 1.00 38.39  ? 1878 GLU A C   1 
ATOM   673 O O   . GLU A 1 85  ? 2.478   5.170   -12.818 1.00 35.91  ? 1878 GLU A O   1 
ATOM   674 C CB  . GLU A 1 85  ? 1.752   7.631   -14.885 1.00 50.84  ? 1878 GLU A CB  1 
ATOM   675 C CG  . GLU A 1 85  ? 2.179   8.241   -16.210 1.00 56.28  ? 1878 GLU A CG  1 
ATOM   676 C CD  . GLU A 1 85  ? 3.560   7.788   -16.638 1.00 59.65  ? 1878 GLU A CD  1 
ATOM   677 O OE1 . GLU A 1 85  ? 4.496   7.862   -15.813 1.00 62.11  ? 1878 GLU A OE1 1 
ATOM   678 O OE2 . GLU A 1 85  ? 3.712   7.355   -17.800 1.00 62.53  ? 1878 GLU A OE2 1 
ATOM   679 N N   . VAL A 1 86  ? 0.273   5.576   -13.006 1.00 35.61  ? 1879 VAL A N   1 
ATOM   680 C CA  . VAL A 1 86  ? -0.047  5.037   -11.689 1.00 32.29  ? 1879 VAL A CA  1 
ATOM   681 C C   . VAL A 1 86  ? 0.142   3.524   -11.670 1.00 29.58  ? 1879 VAL A C   1 
ATOM   682 O O   . VAL A 1 86  ? 0.700   2.969   -10.722 1.00 29.75  ? 1879 VAL A O   1 
ATOM   683 C CB  . VAL A 1 86  ? -1.491  5.380   -11.270 1.00 32.63  ? 1879 VAL A CB  1 
ATOM   684 C CG1 . VAL A 1 86  ? -1.850  4.684   -9.965  1.00 31.25  ? 1879 VAL A CG1 1 
ATOM   685 C CG2 . VAL A 1 86  ? -1.662  6.886   -11.139 1.00 32.99  ? 1879 VAL A CG2 1 
ATOM   686 N N   . GLY A 1 87  ? -0.319  2.863   -12.728 1.00 28.94  ? 1880 GLY A N   1 
ATOM   687 C CA  . GLY A 1 87  ? -0.195  1.421   -12.848 1.00 28.11  ? 1880 GLY A CA  1 
ATOM   688 C C   . GLY A 1 87  ? 1.248   0.949   -12.852 1.00 28.81  ? 1880 GLY A C   1 
ATOM   689 O O   . GLY A 1 87  ? 1.582   -0.051  -12.213 1.00 27.59  ? 1880 GLY A O   1 
ATOM   690 N N   . LYS A 1 88  ? 2.104   1.668   -13.569 1.00 29.32  ? 1881 LYS A N   1 
ATOM   691 C CA  . LYS A 1 88  ? 3.521   1.326   -13.634 1.00 30.05  ? 1881 LYS A CA  1 
ATOM   692 C C   . LYS A 1 88  ? 4.186   1.504   -12.273 1.00 28.03  ? 1881 LYS A C   1 
ATOM   693 O O   . LYS A 1 88  ? 5.009   0.687   -11.862 1.00 27.05  ? 1881 LYS A O   1 
ATOM   694 C CB  . LYS A 1 88  ? 4.234   2.174   -14.690 1.00 33.36  ? 1881 LYS A CB  1 
ATOM   695 C CG  . LYS A 1 88  ? 3.856   1.824   -16.122 1.00 36.02  ? 1881 LYS A CG  1 
ATOM   696 C CD  . LYS A 1 88  ? 4.680   2.612   -17.129 1.00 38.88  ? 1881 LYS A CD  1 
ATOM   697 C CE  . LYS A 1 88  ? 4.373   4.099   -17.058 1.00 39.93  ? 1881 LYS A CE  1 
ATOM   698 N NZ  . LYS A 1 88  ? 5.148   4.873   -18.068 1.00 43.26  ? 1881 LYS A NZ  1 
ATOM   699 N N   . ALA A 1 89  ? 3.819   2.575   -11.576 1.00 27.32  ? 1882 ALA A N   1 
ATOM   700 C CA  . ALA A 1 89  ? 4.338   2.832   -10.238 1.00 27.33  ? 1882 ALA A CA  1 
ATOM   701 C C   . ALA A 1 89  ? 3.870   1.759   -9.262  1.00 26.69  ? 1882 ALA A C   1 
ATOM   702 O O   . ALA A 1 89  ? 4.611   1.354   -8.365  1.00 27.33  ? 1882 ALA A O   1 
ATOM   703 C CB  . ALA A 1 89  ? 3.912   4.212   -9.760  1.00 28.02  ? 1882 ALA A CB  1 
ATOM   704 N N   . GLY A 1 90  ? 2.636   1.298   -9.447  1.00 25.69  ? 1883 GLY A N   1 
ATOM   705 C CA  . GLY A 1 90  ? 2.058   0.280   -8.589  1.00 23.63  ? 1883 GLY A CA  1 
ATOM   706 C C   . GLY A 1 90  ? 2.749   -1.066  -8.697  1.00 23.19  ? 1883 GLY A C   1 
ATOM   707 O O   . GLY A 1 90  ? 2.954   -1.748  -7.694  1.00 21.83  ? 1883 GLY A O   1 
ATOM   708 N N   . HIS A 1 91  ? 3.102   -1.451  -9.919  1.00 23.67  ? 1884 HIS A N   1 
ATOM   709 C CA  . HIS A 1 91  ? 3.788   -2.717  -10.147 1.00 24.86  ? 1884 HIS A CA  1 
ATOM   710 C C   . HIS A 1 91  ? 5.169   -2.715  -9.497  1.00 25.19  ? 1884 HIS A C   1 
ATOM   711 O O   . HIS A 1 91  ? 5.610   -3.731  -8.959  1.00 26.10  ? 1884 HIS A O   1 
ATOM   712 C CB  . HIS A 1 91  ? 3.905   -3.005  -11.644 1.00 25.67  ? 1884 HIS A CB  1 
ATOM   713 C CG  . HIS A 1 91  ? 2.610   -3.399  -12.284 1.00 26.22  ? 1884 HIS A CG  1 
ATOM   714 N ND1 . HIS A 1 91  ? 1.831   -4.432  -11.810 1.00 25.92  ? 1884 HIS A ND1 1 
ATOM   715 C CD2 . HIS A 1 91  ? 1.960   -2.901  -13.363 1.00 26.96  ? 1884 HIS A CD2 1 
ATOM   716 C CE1 . HIS A 1 91  ? 0.755   -4.553  -12.567 1.00 26.40  ? 1884 HIS A CE1 1 
ATOM   717 N NE2 . HIS A 1 91  ? 0.810   -3.636  -13.516 1.00 27.01  ? 1884 HIS A NE2 1 
ATOM   718 N N   . ILE A 1 92  ? 5.842   -1.571  -9.550  1.00 26.22  ? 1885 ILE A N   1 
ATOM   719 C CA  . ILE A 1 92  ? 7.140   -1.415  -8.903  1.00 27.28  ? 1885 ILE A CA  1 
ATOM   720 C C   . ILE A 1 92  ? 7.001   -1.558  -7.392  1.00 27.48  ? 1885 ILE A C   1 
ATOM   721 O O   . ILE A 1 92  ? 7.783   -2.261  -6.750  1.00 28.09  ? 1885 ILE A O   1 
ATOM   722 C CB  . ILE A 1 92  ? 7.778   -0.050  -9.232  1.00 28.13  ? 1885 ILE A CB  1 
ATOM   723 C CG1 . ILE A 1 92  ? 8.049   0.065   -10.733 1.00 29.76  ? 1885 ILE A CG1 1 
ATOM   724 C CG2 . ILE A 1 92  ? 9.066   0.145   -8.447  1.00 27.59  ? 1885 ILE A CG2 1 
ATOM   725 C CD1 . ILE A 1 92  ? 8.626   1.403   -11.149 1.00 31.85  ? 1885 ILE A CD1 1 
ATOM   726 N N   . MET A 1 93  ? 5.995   -0.897  -6.831  1.00 26.69  ? 1886 MET A N   1 
ATOM   727 C CA  . MET A 1 93  ? 5.755   -0.944  -5.393  1.00 27.71  ? 1886 MET A CA  1 
ATOM   728 C C   . MET A 1 93  ? 5.290   -2.323  -4.937  1.00 27.03  ? 1886 MET A C   1 
ATOM   729 O O   . MET A 1 93  ? 5.673   -2.790  -3.866  1.00 30.93  ? 1886 MET A O   1 
ATOM   730 C CB  . MET A 1 93  ? 4.725   0.112   -4.990  1.00 26.86  ? 1886 MET A CB  1 
ATOM   731 C CG  . MET A 1 93  ? 5.227   1.538   -5.115  1.00 28.68  ? 1886 MET A CG  1 
ATOM   732 S SD  . MET A 1 93  ? 6.765   1.813   -4.214  1.00 33.13  ? 1886 MET A SD  1 
ATOM   733 C CE  . MET A 1 93  ? 6.266   1.382   -2.550  1.00 30.53  ? 1886 MET A CE  1 
ATOM   734 N N   . ARG A 1 94  ? 4.462   -2.968  -5.753  1.00 25.57  ? 1887 ARG A N   1 
ATOM   735 C CA  . ARG A 1 94  ? 3.951   -4.295  -5.426  1.00 27.12  ? 1887 ARG A CA  1 
ATOM   736 C C   . ARG A 1 94  ? 5.076   -5.323  -5.390  1.00 28.18  ? 1887 ARG A C   1 
ATOM   737 O O   . ARG A 1 94  ? 5.166   -6.122  -4.458  1.00 29.00  ? 1887 ARG A O   1 
ATOM   738 C CB  . ARG A 1 94  ? 2.879   -4.725  -6.429  1.00 26.38  ? 1887 ARG A CB  1 
ATOM   739 C CG  . ARG A 1 94  ? 2.334   -6.122  -6.184  1.00 22.29  ? 1887 ARG A CG  1 
ATOM   740 C CD  . ARG A 1 94  ? 1.348   -6.530  -7.264  1.00 23.67  ? 1887 ARG A CD  1 
ATOM   741 N NE  . ARG A 1 94  ? 1.878   -6.290  -8.604  1.00 24.13  ? 1887 ARG A NE  1 
ATOM   742 C CZ  . ARG A 1 94  ? 2.728   -7.096  -9.231  1.00 24.77  ? 1887 ARG A CZ  1 
ATOM   743 N NH1 . ARG A 1 94  ? 3.155   -8.205  -8.641  1.00 25.39  ? 1887 ARG A NH1 1 
ATOM   744 N NH2 . ARG A 1 94  ? 3.155   -6.794  -10.449 1.00 25.38  ? 1887 ARG A NH2 1 
ATOM   745 N N   . ARG A 1 95  ? 5.933   -5.298  -6.408  1.00 27.64  ? 1888 ARG A N   1 
ATOM   746 C CA  . ARG A 1 95  ? 7.074   -6.205  -6.465  1.00 29.86  ? 1888 ARG A CA  1 
ATOM   747 C C   . ARG A 1 95  ? 8.044   -5.929  -5.322  1.00 29.79  ? 1888 ARG A C   1 
ATOM   748 O O   . ARG A 1 95  ? 8.629   -6.855  -4.762  1.00 29.92  ? 1888 ARG A O   1 
ATOM   749 C CB  . ARG A 1 95  ? 7.799   -6.087  -7.809  1.00 30.84  ? 1888 ARG A CB  1 
ATOM   750 C CG  . ARG A 1 95  ? 7.112   -6.817  -8.953  1.00 30.74  ? 1888 ARG A CG  1 
ATOM   751 C CD  . ARG A 1 95  ? 7.988   -6.845  -10.198 1.00 31.00  ? 1888 ARG A CD  1 
ATOM   752 N NE  . ARG A 1 95  ? 8.234   -5.506  -10.726 1.00 30.38  ? 1888 ARG A NE  1 
ATOM   753 C CZ  . ARG A 1 95  ? 7.510   -4.936  -11.686 1.00 29.32  ? 1888 ARG A CZ  1 
ATOM   754 N NH1 . ARG A 1 95  ? 6.491   -5.589  -12.227 1.00 28.80  ? 1888 ARG A NH1 1 
ATOM   755 N NH2 . ARG A 1 95  ? 7.805   -3.714  -12.104 1.00 29.62  ? 1888 ARG A NH2 1 
ATOM   756 N N   . PHE A 1 96  ? 8.208   -4.655  -4.982  1.00 30.22  ? 1889 PHE A N   1 
ATOM   757 C CA  . PHE A 1 96  ? 9.087   -4.267  -3.885  1.00 32.56  ? 1889 PHE A CA  1 
ATOM   758 C C   . PHE A 1 96  ? 8.597   -4.838  -2.561  1.00 33.39  ? 1889 PHE A C   1 
ATOM   759 O O   . PHE A 1 96  ? 9.381   -5.384  -1.786  1.00 33.41  ? 1889 PHE A O   1 
ATOM   760 C CB  . PHE A 1 96  ? 9.197   -2.744  -3.786  1.00 32.82  ? 1889 PHE A CB  1 
ATOM   761 C CG  . PHE A 1 96  ? 9.983   -2.271  -2.593  1.00 34.04  ? 1889 PHE A CG  1 
ATOM   762 C CD1 . PHE A 1 96  ? 11.368  -2.260  -2.620  1.00 35.72  ? 1889 PHE A CD1 1 
ATOM   763 C CD2 . PHE A 1 96  ? 9.337   -1.836  -1.447  1.00 33.64  ? 1889 PHE A CD2 1 
ATOM   764 C CE1 . PHE A 1 96  ? 12.095  -1.828  -1.525  1.00 36.43  ? 1889 PHE A CE1 1 
ATOM   765 C CE2 . PHE A 1 96  ? 10.057  -1.403  -0.350  1.00 34.87  ? 1889 PHE A CE2 1 
ATOM   766 C CZ  . PHE A 1 96  ? 11.439  -1.398  -0.388  1.00 36.44  ? 1889 PHE A CZ  1 
ATOM   767 N N   . PHE A 1 97  ? 7.297   -4.706  -2.308  1.00 33.70  ? 1890 PHE A N   1 
ATOM   768 C CA  . PHE A 1 97  ? 6.710   -5.205  -1.071  1.00 35.59  ? 1890 PHE A CA  1 
ATOM   769 C C   . PHE A 1 97  ? 6.871   -6.713  -0.943  1.00 37.26  ? 1890 PHE A C   1 
ATOM   770 O O   . PHE A 1 97  ? 7.386   -7.203  0.060   1.00 36.85  ? 1890 PHE A O   1 
ATOM   771 C CB  . PHE A 1 97  ? 5.227   -4.840  -0.982  1.00 34.04  ? 1890 PHE A CB  1 
ATOM   772 C CG  . PHE A 1 97  ? 4.504   -5.541  0.133   1.00 32.92  ? 1890 PHE A CG  1 
ATOM   773 C CD1 . PHE A 1 97  ? 4.659   -5.124  1.444   1.00 32.72  ? 1890 PHE A CD1 1 
ATOM   774 C CD2 . PHE A 1 97  ? 3.678   -6.623  -0.128  1.00 31.58  ? 1890 PHE A CD2 1 
ATOM   775 C CE1 . PHE A 1 97  ? 4.003   -5.770  2.474   1.00 32.46  ? 1890 PHE A CE1 1 
ATOM   776 C CE2 . PHE A 1 97  ? 3.018   -7.272  0.898   1.00 31.11  ? 1890 PHE A CE2 1 
ATOM   777 C CZ  . PHE A 1 97  ? 3.181   -6.845  2.200   1.00 31.69  ? 1890 PHE A CZ  1 
ATOM   778 N N   . GLU A 1 98  ? 6.426   -7.440  -1.963  1.00 40.77  ? 1891 GLU A N   1 
ATOM   779 C CA  . GLU A 1 98  ? 6.490   -8.898  -1.957  1.00 46.63  ? 1891 GLU A CA  1 
ATOM   780 C C   . GLU A 1 98  ? 7.921   -9.403  -1.802  1.00 48.34  ? 1891 GLU A C   1 
ATOM   781 O O   . GLU A 1 98  ? 8.157   -10.429 -1.169  1.00 48.67  ? 1891 GLU A O   1 
ATOM   782 C CB  . GLU A 1 98  ? 5.873   -9.467  -3.237  1.00 49.72  ? 1891 GLU A CB  1 
ATOM   783 C CG  . GLU A 1 98  ? 4.362   -9.318  -3.320  1.00 49.97  ? 1891 GLU A CG  1 
ATOM   784 C CD  . GLU A 1 98  ? 3.789   -9.888  -4.603  1.00 51.27  ? 1891 GLU A CD  1 
ATOM   785 O OE1 . GLU A 1 98  ? 4.560   -10.479 -5.390  1.00 53.38  ? 1891 GLU A OE1 1 
ATOM   786 O OE2 . GLU A 1 98  ? 2.569   -9.747  -4.826  1.00 52.46  ? 1891 GLU A OE2 1 
ATOM   787 N N   . SER A 1 99  ? 8.873   -8.674  -2.375  1.00 50.18  ? 1892 SER A N   1 
ATOM   788 C CA  . SER A 1 99  ? 10.277  -9.056  -2.286  1.00 53.59  ? 1892 SER A CA  1 
ATOM   789 C C   . SER A 1 99  ? 10.813  -8.912  -0.863  1.00 55.00  ? 1892 SER A C   1 
ATOM   790 O O   . SER A 1 99  ? 11.395  -9.848  -0.314  1.00 56.52  ? 1892 SER A O   1 
ATOM   791 C CB  . SER A 1 99  ? 11.122  -8.217  -3.247  1.00 55.47  ? 1892 SER A CB  1 
ATOM   792 O OG  . SER A 1 99  ? 12.489  -8.577  -3.161  1.00 61.86  ? 1892 SER A OG  1 
ATOM   793 N N   . ARG A 1 100 ? 10.613  -7.737  -0.275  1.00 54.03  ? 1893 ARG A N   1 
ATOM   794 C CA  . ARG A 1 100 ? 11.093  -7.460  1.077   1.00 54.83  ? 1893 ARG A CA  1 
ATOM   795 C C   . ARG A 1 100 ? 10.335  -8.269  2.120   1.00 55.31  ? 1893 ARG A C   1 
ATOM   796 O O   . ARG A 1 100 ? 10.907  -8.689  3.126   1.00 57.68  ? 1893 ARG A O   1 
ATOM   797 C CB  . ARG A 1 100 ? 10.978  -5.967  1.395   1.00 53.42  ? 1893 ARG A CB  1 
ATOM   798 C CG  . ARG A 1 100 ? 12.317  -5.268  1.576   1.00 54.92  ? 1893 ARG A CG  1 
ATOM   799 C CD  . ARG A 1 100 ? 12.946  -5.629  2.915   1.00 57.53  ? 1893 ARG A CD  1 
ATOM   800 N NE  . ARG A 1 100 ? 14.187  -4.900  3.168   1.00 60.12  ? 1893 ARG A NE  1 
ATOM   801 C CZ  . ARG A 1 100 ? 14.658  -4.628  4.380   1.00 63.51  ? 1893 ARG A CZ  1 
ATOM   802 N NH1 . ARG A 1 100 ? 13.990  -5.021  5.456   1.00 64.29  ? 1893 ARG A NH1 1 
ATOM   803 N NH2 . ARG A 1 100 ? 15.798  -3.963  4.519   1.00 66.39  ? 1893 ARG A NH2 1 
ATOM   804 N N   . TRP A 1 101 ? 9.045   -8.482  1.879   1.00 53.34  ? 1894 TRP A N   1 
ATOM   805 C CA  . TRP A 1 101 ? 8.213   -9.231  2.810   1.00 54.74  ? 1894 TRP A CA  1 
ATOM   806 C C   . TRP A 1 101 ? 8.634   -10.693 2.873   1.00 59.52  ? 1894 TRP A C   1 
ATOM   807 O O   . TRP A 1 101 ? 8.663   -11.292 3.947   1.00 59.30  ? 1894 TRP A O   1 
ATOM   808 C CB  . TRP A 1 101 ? 6.736   -9.128  2.421   1.00 50.11  ? 1894 TRP A CB  1 
ATOM   809 C CG  . TRP A 1 101 ? 5.815   -9.797  3.392   1.00 48.26  ? 1894 TRP A CG  1 
ATOM   810 C CD1 . TRP A 1 101 ? 5.302   -11.057 3.297   1.00 48.10  ? 1894 TRP A CD1 1 
ATOM   811 C CD2 . TRP A 1 101 ? 5.301   -9.245  4.610   1.00 47.15  ? 1894 TRP A CD2 1 
ATOM   812 N NE1 . TRP A 1 101 ? 4.498   -11.323 4.378   1.00 48.46  ? 1894 TRP A NE1 1 
ATOM   813 C CE2 . TRP A 1 101 ? 4.481   -10.228 5.199   1.00 47.53  ? 1894 TRP A CE2 1 
ATOM   814 C CE3 . TRP A 1 101 ? 5.454   -8.016  5.259   1.00 46.57  ? 1894 TRP A CE3 1 
ATOM   815 C CZ2 . TRP A 1 101 ? 3.817   -10.020 6.403   1.00 47.58  ? 1894 TRP A CZ2 1 
ATOM   816 C CZ3 . TRP A 1 101 ? 4.793   -7.812  6.455   1.00 46.71  ? 1894 TRP A CZ3 1 
ATOM   817 C CH2 . TRP A 1 101 ? 3.985   -8.809  7.014   1.00 47.36  ? 1894 TRP A CH2 1 
ATOM   818 N N   . GLU A 1 102 ? 8.966   -11.263 1.721   1.00 64.94  ? 1895 GLU A N   1 
ATOM   819 C CA  . GLU A 1 102 ? 9.294   -12.682 1.649   1.00 72.10  ? 1895 GLU A CA  1 
ATOM   820 C C   . GLU A 1 102 ? 10.723  -12.980 2.088   1.00 79.50  ? 1895 GLU A C   1 
ATOM   821 O O   . GLU A 1 102 ? 10.983  -14.020 2.692   1.00 84.25  ? 1895 GLU A O   1 
ATOM   822 C CB  . GLU A 1 102 ? 9.067   -13.209 0.235   1.00 70.34  ? 1895 GLU A CB  1 
ATOM   823 C CG  . GLU A 1 102 ? 7.604   -13.366 -0.134  1.00 67.50  ? 1895 GLU A CG  1 
ATOM   824 C CD  . GLU A 1 102 ? 7.397   -13.484 -1.628  1.00 65.66  ? 1895 GLU A CD  1 
ATOM   825 O OE1 . GLU A 1 102 ? 8.379   -13.780 -2.339  1.00 67.23  ? 1895 GLU A OE1 1 
ATOM   826 O OE2 . GLU A 1 102 ? 6.254   -13.286 -2.091  1.00 63.34  ? 1895 GLU A OE2 1 
ATOM   827 N N   . GLU A 1 103 ? 11.646  -12.068 1.798   1.00 83.85  ? 1896 GLU A N   1 
ATOM   828 C CA  . GLU A 1 103 ? 13.042  -12.270 2.176   1.00 90.71  ? 1896 GLU A CA  1 
ATOM   829 C C   . GLU A 1 103 ? 13.225  -12.172 3.692   1.00 93.37  ? 1896 GLU A C   1 
ATOM   830 O O   . GLU A 1 103 ? 14.321  -12.385 4.211   1.00 98.59  ? 1896 GLU A O   1 
ATOM   831 C CB  . GLU A 1 103 ? 13.947  -11.263 1.458   1.00 93.45  ? 1896 GLU A CB  1 
ATOM   832 C CG  . GLU A 1 103 ? 14.178  -9.955  2.198   1.00 96.15  ? 1896 GLU A CG  1 
ATOM   833 C CD  . GLU A 1 103 ? 15.185  -9.069  1.491   1.00 99.51  ? 1896 GLU A CD  1 
ATOM   834 O OE1 . GLU A 1 103 ? 15.296  -9.168  0.250   1.00 100.15 ? 1896 GLU A OE1 1 
ATOM   835 O OE2 . GLU A 1 103 ? 15.876  -8.285  2.174   1.00 103.04 ? 1896 GLU A OE2 1 
ATOM   836 N N   . PHE A 1 104 ? 12.140  -11.863 4.393   1.00 89.40  ? 1897 PHE A N   1 
ATOM   837 C CA  . PHE A 1 104 ? 12.151  -11.802 5.849   1.00 89.47  ? 1897 PHE A CA  1 
ATOM   838 C C   . PHE A 1 104 ? 11.364  -12.954 6.464   1.00 86.69  ? 1897 PHE A C   1 
ATOM   839 O O   . PHE A 1 104 ? 11.804  -13.567 7.438   1.00 87.93  ? 1897 PHE A O   1 
ATOM   840 C CB  . PHE A 1 104 ? 11.582  -10.467 6.322   1.00 88.03  ? 1897 PHE A CB  1 
ATOM   841 C CG  . PHE A 1 104 ? 11.631  -10.281 7.809   1.00 89.58  ? 1897 PHE A CG  1 
ATOM   842 C CD1 . PHE A 1 104 ? 12.814  -9.942  8.443   1.00 92.71  ? 1897 PHE A CD1 1 
ATOM   843 C CD2 . PHE A 1 104 ? 10.490  -10.449 8.574   1.00 88.17  ? 1897 PHE A CD2 1 
ATOM   844 C CE1 . PHE A 1 104 ? 12.855  -9.772  9.814   1.00 95.18  ? 1897 PHE A CE1 1 
ATOM   845 C CE2 . PHE A 1 104 ? 10.524  -10.280 9.943   1.00 90.66  ? 1897 PHE A CE2 1 
ATOM   846 C CZ  . PHE A 1 104 ? 11.709  -9.941  10.564  1.00 94.25  ? 1897 PHE A CZ  1 
ATOM   847 N N   . TYR A 1 105 ? 10.198  -13.241 5.891   1.00 81.86  ? 1898 TYR A N   1 
ATOM   848 C CA  . TYR A 1 105 ? 9.342   -14.316 6.383   1.00 80.86  ? 1898 TYR A CA  1 
ATOM   849 C C   . TYR A 1 105 ? 9.513   -15.586 5.557   1.00 80.91  ? 1898 TYR A C   1 
ATOM   850 O O   . TYR A 1 105 ? 10.632  -16.037 5.314   1.00 82.25  ? 1898 TYR A O   1 
ATOM   851 C CB  . TYR A 1 105 ? 7.874   -13.883 6.370   1.00 77.47  ? 1898 TYR A CB  1 
ATOM   852 C CG  . TYR A 1 105 ? 7.549   -12.765 7.335   1.00 76.52  ? 1898 TYR A CG  1 
ATOM   853 C CD1 . TYR A 1 105 ? 7.301   -13.030 8.676   1.00 79.22  ? 1898 TYR A CD1 1 
ATOM   854 C CD2 . TYR A 1 105 ? 7.476   -11.448 6.902   1.00 73.68  ? 1898 TYR A CD2 1 
ATOM   855 C CE1 . TYR A 1 105 ? 7.000   -12.011 9.561   1.00 79.36  ? 1898 TYR A CE1 1 
ATOM   856 C CE2 . TYR A 1 105 ? 7.173   -10.423 7.779   1.00 73.88  ? 1898 TYR A CE2 1 
ATOM   857 C CZ  . TYR A 1 105 ? 6.937   -10.710 9.107   1.00 77.00  ? 1898 TYR A CZ  1 
ATOM   858 O OH  . TYR A 1 105 ? 6.638   -9.695  9.983   1.00 77.85  ? 1898 TYR A OH  1 
HETATM 859 C C01 . 7MW B 2 .   ? -7.228  10.967  -12.673 1.00 66.39  ? 1901 7MW A C01 1 
HETATM 860 C C02 . 7MW B 2 .   ? -6.090  10.446  -11.825 1.00 61.71  ? 1901 7MW A C02 1 
HETATM 861 C C03 . 7MW B 2 .   ? -6.227  8.968   -11.546 1.00 59.15  ? 1901 7MW A C03 1 
HETATM 862 O O04 . 7MW B 2 .   ? -6.826  8.249   -12.319 1.00 66.00  ? 1901 7MW A O04 1 
HETATM 863 C C05 . 7MW B 2 .   ? -5.608  8.398   -10.294 1.00 51.79  ? 1901 7MW A C05 1 
HETATM 864 C C06 . 7MW B 2 .   ? -4.946  9.131   -9.326  1.00 49.56  ? 1901 7MW A C06 1 
HETATM 865 N N07 . 7MW B 2 .   ? -4.544  8.269   -8.381  1.00 47.73  ? 1901 7MW A N07 1 
HETATM 866 C C08 . 7MW B 2 .   ? -4.922  7.020   -8.700  1.00 45.43  ? 1901 7MW A C08 1 
HETATM 867 C C09 . 7MW B 2 .   ? -5.594  7.073   -9.907  1.00 48.32  ? 1901 7MW A C09 1 
HETATM 868 C C10 . 7MW B 2 .   ? -4.641  5.788   -7.875  1.00 41.23  ? 1901 7MW A C10 1 
HETATM 869 O O11 . 7MW B 2 .   ? -5.301  4.781   -8.032  1.00 40.65  ? 1901 7MW A O11 1 
HETATM 870 O O12 . 7MW B 2 .   ? -3.600  5.825   -6.933  1.00 38.18  ? 1901 7MW A O12 1 
HETATM 871 C C13 . 7MW B 2 .   ? -3.689  4.848   -5.923  1.00 36.04  ? 1901 7MW A C13 1 
HETATM 872 O O   . HOH C 3 .   ? -6.776  -7.477  -1.825  1.00 43.28  ? 2001 HOH A O   1 
HETATM 873 O O   . HOH C 3 .   ? -7.045  2.864   -2.750  1.00 35.64  ? 2002 HOH A O   1 
HETATM 874 O O   . HOH C 3 .   ? 5.808   1.329   13.907  1.00 52.27  ? 2003 HOH A O   1 
HETATM 875 O O   . HOH C 3 .   ? 6.356   -10.751 -7.039  1.00 40.86  ? 2004 HOH A O   1 
HETATM 876 O O   . HOH C 3 .   ? 15.812  5.116   -5.843  1.00 43.63  ? 2005 HOH A O   1 
HETATM 877 O O   . HOH C 3 .   ? -3.473  9.869   -3.208  1.00 44.55  ? 2006 HOH A O   1 
HETATM 878 O O   . HOH C 3 .   ? -2.347  -5.357  -19.255 1.00 38.05  ? 2007 HOH A O   1 
HETATM 879 O O   . HOH C 3 .   ? -3.754  6.536   -2.787  1.00 32.81  ? 2008 HOH A O   1 
HETATM 880 O O   . HOH C 3 .   ? 1.082   -9.300  17.474  1.00 60.66  ? 2009 HOH A O   1 
HETATM 881 O O   . HOH C 3 .   ? -4.173  3.609   -2.730  1.00 32.24  ? 2010 HOH A O   1 
HETATM 882 O O   . HOH C 3 .   ? -16.928 8.141   0.197   1.00 56.10  ? 2011 HOH A O   1 
HETATM 883 O O   . HOH C 3 .   ? -4.101  1.843   -4.738  1.00 29.59  ? 2012 HOH A O   1 
HETATM 884 O O   . HOH C 3 .   ? -0.162  -1.485  -10.858 1.00 22.68  ? 2013 HOH A O   1 
HETATM 885 O O   . HOH C 3 .   ? -5.687  -8.036  0.925   1.00 55.73  ? 2014 HOH A O   1 
HETATM 886 O O   . HOH C 3 .   ? 5.528   -13.205 -4.641  1.00 57.44  ? 2015 HOH A O   1 
HETATM 887 O O   . HOH C 3 .   ? 2.366   7.416   5.663   1.00 52.96  ? 2016 HOH A O   1 
HETATM 888 O O   . HOH C 3 .   ? 8.186   8.548   -1.423  1.00 39.94  ? 2017 HOH A O   1 
HETATM 889 O O   . HOH C 3 .   ? -16.626 2.845   -2.521  1.00 38.85  ? 2018 HOH A O   1 
HETATM 890 O O   . HOH C 3 .   ? -9.800  6.954   -1.375  1.00 40.19  ? 2019 HOH A O   1 
HETATM 891 O O   . HOH C 3 .   ? -5.985  2.569   -6.632  1.00 28.83  ? 2020 HOH A O   1 
HETATM 892 O O   . HOH C 3 .   ? -3.604  -10.114 -5.325  1.00 38.54  ? 2021 HOH A O   1 
HETATM 893 O O   . HOH C 3 .   ? -1.750  -6.930  -4.985  1.00 43.32  ? 2022 HOH A O   1 
HETATM 894 O O   . HOH C 3 .   ? -11.382 -2.604  -2.980  1.00 41.24  ? 2023 HOH A O   1 
HETATM 895 O O   . HOH C 3 .   ? 10.441  4.879   10.413  1.00 39.48  ? 2024 HOH A O   1 
HETATM 896 O O   . HOH C 3 .   ? -4.646  5.588   -14.375 1.00 30.84  ? 2025 HOH A O   1 
HETATM 897 O O   . HOH C 3 .   ? -0.749  9.725   -2.714  1.00 33.77  ? 2026 HOH A O   1 
HETATM 898 O O   . HOH C 3 .   ? 10.333  -3.149  -7.390  1.00 24.90  ? 2027 HOH A O   1 
HETATM 899 O O   . HOH C 3 .   ? -12.798 14.494  -1.044  1.00 38.51  ? 2028 HOH A O   1 
HETATM 900 O O   . HOH C 3 .   ? -15.018 9.097   -7.595  1.00 36.45  ? 2029 HOH A O   1 
HETATM 901 O O   . HOH C 3 .   ? -2.129  -1.789  -13.162 1.00 25.60  ? 2030 HOH A O   1 
HETATM 902 O O   . HOH C 3 .   ? -4.732  -3.537  -14.722 1.00 29.63  ? 2031 HOH A O   1 
HETATM 903 O O   . HOH C 3 .   ? 2.209   8.523   3.377   1.00 40.03  ? 2032 HOH A O   1 
HETATM 904 O O   . HOH C 3 .   ? -2.151  -11.730 4.808   1.00 51.23  ? 2033 HOH A O   1 
HETATM 905 O O   . HOH C 3 .   ? -19.305 6.630   -1.276  1.00 31.32  ? 2034 HOH A O   1 
HETATM 906 O O   . HOH C 3 .   ? -6.132  11.850  -5.180  1.00 34.01  ? 2035 HOH A O   1 
HETATM 907 O O   . HOH C 3 .   ? -7.383  4.886   1.040   1.00 33.99  ? 2036 HOH A O   1 
HETATM 908 O O   . HOH C 3 .   ? -3.098  8.905   -5.974  1.00 46.95  ? 2037 HOH A O   1 
HETATM 909 O O   . HOH C 3 .   ? 12.938  3.148   -0.265  1.00 38.18  ? 2038 HOH A O   1 
HETATM 910 O O   . HOH C 3 .   ? -17.155 10.611  -6.447  1.00 40.41  ? 2039 HOH A O   1 
HETATM 911 O O   . HOH C 3 .   ? 4.880   -10.531 -9.045  1.00 29.97  ? 2040 HOH A O   1 
HETATM 912 O O   . HOH C 3 .   ? -5.217  3.966   -16.324 1.00 31.42  ? 2041 HOH A O   1 
HETATM 913 O O   . HOH C 3 .   ? -9.191  -4.814  -5.041  1.00 40.54  ? 2042 HOH A O   1 
HETATM 914 O O   . HOH C 3 .   ? -2.521  3.920   -20.456 1.00 57.46  ? 2043 HOH A O   1 
HETATM 915 O O   . HOH C 3 .   ? -7.308  5.339   -1.409  1.00 35.34  ? 2044 HOH A O   1 
HETATM 916 O O   . HOH C 3 .   ? -3.997  -10.528 -3.115  1.00 56.98  ? 2045 HOH A O   1 
HETATM 917 O O   . HOH C 3 .   ? 6.277   8.277   8.066   1.00 54.77  ? 2046 HOH A O   1 
HETATM 918 O O   . HOH C 3 .   ? 13.390  4.203   -4.113  1.00 30.39  ? 2047 HOH A O   1 
HETATM 919 O O   . HOH C 3 .   ? -10.963 -0.187  3.312   1.00 50.95  ? 2048 HOH A O   1 
HETATM 920 O O   . HOH C 3 .   ? -6.581  -6.433  -9.202  1.00 38.21  ? 2049 HOH A O   1 
HETATM 921 O O   . HOH C 3 .   ? 0.574   -3.447  -8.865  1.00 27.02  ? 2050 HOH A O   1 
HETATM 922 O O   . HOH C 3 .   ? -14.044 -3.943  -8.232  0.50 46.44  ? 2051 HOH A O   1 
HETATM 923 O O   . HOH C 3 .   ? -2.206  6.922   -14.411 1.00 36.56  ? 2052 HOH A O   1 
HETATM 924 O O   . HOH C 3 .   ? -0.588  -9.736  -5.170  1.00 53.75  ? 2053 HOH A O   1 
HETATM 925 O O   . HOH C 3 .   ? -17.289 7.270   -8.566  1.00 40.71  ? 2054 HOH A O   1 
HETATM 926 O O   . HOH C 3 .   ? 10.715  -3.422  -10.484 1.00 20.28  ? 2055 HOH A O   1 
HETATM 927 O O   . HOH C 3 .   ? -11.422 -5.716  -1.501  1.00 48.93  ? 2056 HOH A O   1 
HETATM 928 O O   . HOH C 3 .   ? -5.069  -3.663  -17.167 1.00 48.17  ? 2057 HOH A O   1 
HETATM 929 O O   . HOH C 3 .   ? -19.007 7.037   -10.680 1.00 56.88  ? 2058 HOH A O   1 
HETATM 930 O O   . HOH C 3 .   ? 7.061   9.828   -3.736  1.00 51.53  ? 2059 HOH A O   1 
HETATM 931 O O   . HOH C 3 .   ? 5.840   -15.739 -4.844  1.00 44.49  ? 2060 HOH A O   1 
HETATM 932 O O   . HOH C 3 .   ? -19.751 7.637   -7.530  1.00 38.05  ? 2061 HOH A O   1 
HETATM 933 O O   . HOH C 3 .   ? -14.820 6.894   -1.285  1.00 43.12  ? 2062 HOH A O   1 
HETATM 934 O O   . HOH C 3 .   ? -19.563 1.142   -3.676  1.00 53.26  ? 2063 HOH A O   1 
HETATM 935 O O   . HOH C 3 .   ? -5.254  12.241  -7.562  1.00 56.77  ? 2064 HOH A O   1 
HETATM 936 O O   . HOH C 3 .   ? 14.198  0.956   -2.031  1.00 51.87  ? 2065 HOH A O   1 
HETATM 937 O O   . HOH C 3 .   ? 10.280  -9.152  -7.990  1.00 50.13  ? 2066 HOH A O   1 
HETATM 938 O O   . HOH C 3 .   ? -12.724 6.490   -2.350  1.00 41.15  ? 2067 HOH A O   1 
HETATM 939 O O   . HOH C 3 .   ? 3.886   10.285  4.302   1.00 47.68  ? 2068 HOH A O   1 
# 
loop_
_atom_site_anisotrop.id 
_atom_site_anisotrop.type_symbol 
_atom_site_anisotrop.pdbx_label_atom_id 
_atom_site_anisotrop.pdbx_label_alt_id 
_atom_site_anisotrop.pdbx_label_comp_id 
_atom_site_anisotrop.pdbx_label_asym_id 
_atom_site_anisotrop.pdbx_label_seq_id 
_atom_site_anisotrop.pdbx_PDB_ins_code 
_atom_site_anisotrop.U[1][1] 
_atom_site_anisotrop.U[2][2] 
_atom_site_anisotrop.U[3][3] 
_atom_site_anisotrop.U[1][2] 
_atom_site_anisotrop.U[1][3] 
_atom_site_anisotrop.U[2][3] 
_atom_site_anisotrop.pdbx_auth_seq_id 
_atom_site_anisotrop.pdbx_auth_comp_id 
_atom_site_anisotrop.pdbx_auth_asym_id 
_atom_site_anisotrop.pdbx_auth_atom_id 
1   N N   . HIS A 3   ? 1.4634 1.5337 1.1379 0.0588  -0.1561 0.1126  1796 HIS A N   
2   C CA  . HIS A 3   ? 1.4118 1.4896 1.0918 0.0431  -0.1448 0.0655  1796 HIS A CA  
3   C C   . HIS A 3   ? 1.3708 1.4669 1.0791 0.0463  -0.1678 0.0344  1796 HIS A C   
4   O O   . HIS A 3   ? 1.3347 1.4473 1.0449 0.0355  -0.1644 -0.0062 1796 HIS A O   
5   C CB  . HIS A 3   ? 1.4454 1.5507 1.0671 0.0327  -0.1314 0.0532  1796 HIS A CB  
6   C CG  . HIS A 3   ? 1.4651 1.6168 1.0523 0.0350  -0.1547 0.0324  1796 HIS A CG  
7   N ND1 . HIS A 3   ? 1.5042 1.6780 1.0680 0.0501  -0.1824 0.0588  1796 HIS A ND1 
8   C CD2 . HIS A 3   ? 1.4548 1.6352 1.0311 0.0243  -0.1559 -0.0118 1796 HIS A CD2 
9   C CE1 . HIS A 3   ? 1.5202 1.7352 1.0586 0.0483  -0.2016 0.0312  1796 HIS A CE1 
10  N NE2 . HIS A 3   ? 1.4908 1.7105 1.0365 0.0326  -0.1854 -0.0127 1796 HIS A NE2 
11  N N   . SER A 4   ? 1.3797 1.4713 1.1148 0.0614  -0.1893 0.0543  1797 SER A N   
12  C CA  . SER A 4   ? 1.3474 1.4367 1.1289 0.0646  -0.2030 0.0300  1797 SER A CA  
13  C C   . SER A 4   ? 1.3010 1.3468 1.1210 0.0558  -0.1828 0.0192  1797 SER A C   
14  O O   . SER A 4   ? 1.2660 1.3038 1.1187 0.0519  -0.1832 -0.0103 1797 SER A O   
15  C CB  . SER A 4   ? 1.3658 1.4569 1.1702 0.0829  -0.2272 0.0568  1797 SER A CB  
16  O OG  . SER A 4   ? 1.4050 1.4741 1.2052 0.0913  -0.2230 0.1023  1797 SER A OG  
17  N N   . ASP A 5   ? 1.3351 1.3527 1.1504 0.0531  -0.1654 0.0455  1798 ASP A N   
18  C CA  . ASP A 5   ? 1.3073 1.2864 1.1498 0.0419  -0.1447 0.0378  1798 ASP A CA  
19  C C   . ASP A 5   ? 1.2471 1.2361 1.0861 0.0258  -0.1311 -0.0022 1798 ASP A C   
20  O O   . ASP A 5   ? 1.2207 1.1979 1.0903 0.0210  -0.1315 -0.0291 1798 ASP A O   
21  C CB  . ASP A 5   ? 1.3268 1.2848 1.1581 0.0408  -0.1279 0.0728  1798 ASP A CB  
22  C CG  . ASP A 5   ? 1.3463 1.2732 1.2079 0.0526  -0.1339 0.1073  1798 ASP A CG  
23  O OD1 . ASP A 5   ? 1.3285 1.2542 1.2135 0.0630  -0.1523 0.1068  1798 ASP A OD1 
24  O OD2 . ASP A 5   ? 1.3849 1.2878 1.2503 0.0512  -0.1188 0.1341  1798 ASP A OD2 
25  N N   . LEU A 6   ? 1.2023 1.2124 1.0035 0.0176  -0.1178 -0.0061 1799 LEU A N   
26  C CA  . LEU A 6   ? 1.1072 1.1243 0.9092 0.0014  -0.1005 -0.0416 1799 LEU A CA  
27  C C   . LEU A 6   ? 1.0084 1.0585 0.8100 -0.0004 -0.1127 -0.0797 1799 LEU A C   
28  O O   . LEU A 6   ? 0.9434 0.9974 0.7569 -0.0128 -0.1001 -0.1122 1799 LEU A O   
29  C CB  . LEU A 6   ? 1.1149 1.1428 0.8783 -0.0073 -0.0790 -0.0352 1799 LEU A CB  
30  C CG  . LEU A 6   ? 1.0457 1.0402 0.8326 -0.0189 -0.0523 -0.0302 1799 LEU A CG  
31  C CD1 . LEU A 6   ? 1.0287 0.9844 0.8439 -0.0114 -0.0544 0.0051  1799 LEU A CD1 
32  C CD2 . LEU A 6   ? 1.0536 1.0606 0.8033 -0.0279 -0.0278 -0.0274 1799 LEU A CD2 
33  N N   . THR A 7   ? 0.9736 1.0476 0.7661 0.0121  -0.1371 -0.0749 1800 THR A N   
34  C CA  . THR A 7   ? 0.9077 1.0103 0.7114 0.0120  -0.1510 -0.1098 1800 THR A CA  
35  C C   . THR A 7   ? 0.8332 0.9080 0.6877 0.0132  -0.1522 -0.1230 1800 THR A C   
36  O O   . THR A 7   ? 0.8016 0.8832 0.6761 0.0057  -0.1477 -0.1575 1800 THR A O   
37  C CB  . THR A 7   ? 0.9213 1.0586 0.7052 0.0254  -0.1787 -0.0996 1800 THR A CB  
38  O OG1 . THR A 7   ? 0.9621 1.1245 0.6906 0.0239  -0.1781 -0.0869 1800 THR A OG1 
39  C CG2 . THR A 7   ? 0.8972 1.0641 0.7005 0.0246  -0.1925 -0.1375 1800 THR A CG2 
40  N N   . PHE A 8   ? 0.8277 0.8701 0.7023 0.0224  -0.1569 -0.0953 1801 PHE A N   
41  C CA  . PHE A 8   ? 0.7889 0.7999 0.7058 0.0233  -0.1568 -0.1058 1801 PHE A CA  
42  C C   . PHE A 8   ? 0.7313 0.7146 0.6619 0.0086  -0.1359 -0.1216 1801 PHE A C   
43  O O   . PHE A 8   ? 0.6888 0.6587 0.6455 0.0046  -0.1331 -0.1449 1801 PHE A O   
44  C CB  . PHE A 8   ? 0.8360 0.8171 0.7702 0.0357  -0.1655 -0.0732 1801 PHE A CB  
45  C CG  . PHE A 8   ? 0.8414 0.7900 0.8138 0.0371  -0.1657 -0.0855 1801 PHE A CG  
46  C CD1 . PHE A 8   ? 0.8535 0.8157 0.8460 0.0433  -0.1763 -0.1059 1801 PHE A CD1 
47  C CD2 . PHE A 8   ? 0.8383 0.7425 0.8264 0.0317  -0.1548 -0.0778 1801 PHE A CD2 
48  C CE1 . PHE A 8   ? 0.8337 0.7638 0.8571 0.0442  -0.1734 -0.1177 1801 PHE A CE1 
49  C CE2 . PHE A 8   ? 0.8299 0.7026 0.8460 0.0322  -0.1548 -0.0904 1801 PHE A CE2 
50  C CZ  . PHE A 8   ? 0.8171 0.7019 0.8487 0.0386  -0.1626 -0.1103 1801 PHE A CZ  
51  N N   . CYS A 9   ? 0.7209 0.6955 0.6354 0.0008  -0.1208 -0.1074 1802 CYS A N   
52  C CA  . CYS A 9   ? 0.6792 0.6303 0.6099 -0.0134 -0.1017 -0.1200 1802 CYS A CA  
53  C C   . CYS A 9   ? 0.6439 0.6193 0.5779 -0.0236 -0.0942 -0.1586 1802 CYS A C   
54  O O   . CYS A 9   ? 0.6119 0.5686 0.5716 -0.0318 -0.0859 -0.1767 1802 CYS A O   
55  C CB  . CYS A 9   ? 0.6956 0.6382 0.6113 -0.0198 -0.0857 -0.0979 1802 CYS A CB  
56  S SG  . CYS A 9   ? 0.6978 0.6049 0.6210 -0.0101 -0.0896 -0.0526 1802 CYS A SG  
57  N N   . GLU A 10  ? 0.6766 0.6934 0.5842 -0.0231 -0.0977 -0.1708 1803 GLU A N   
58  C CA  . GLU A 10  ? 0.6720 0.7159 0.5849 -0.0318 -0.0918 -0.2093 1803 GLU A CA  
59  C C   . GLU A 10  ? 0.6302 0.6727 0.5737 -0.0267 -0.1030 -0.2294 1803 GLU A C   
60  O O   . GLU A 10  ? 0.5819 0.6219 0.5490 -0.0352 -0.0926 -0.2566 1803 GLU A O   
61  C CB  . GLU A 10  ? 0.7505 0.8395 0.6258 -0.0317 -0.0966 -0.2179 1803 GLU A CB  
62  C CG  . GLU A 10  ? 0.7681 0.8888 0.6518 -0.0397 -0.0937 -0.2600 1803 GLU A CG  
63  C CD  . GLU A 10  ? 0.7583 0.8664 0.6648 -0.0552 -0.0682 -0.2816 1803 GLU A CD  
64  O OE1 . GLU A 10  ? 0.7667 0.8626 0.6617 -0.0632 -0.0501 -0.2701 1803 GLU A OE1 
65  O OE2 . GLU A 10  ? 0.7497 0.8520 0.6920 -0.0555 -0.0615 -0.2895 1803 GLU A OE2 
66  N N   . ILE A 11  ? 0.6324 0.6755 0.5779 -0.0126 -0.1226 -0.2148 1804 ILE A N   
67  C CA  . ILE A 11  ? 0.5978 0.6379 0.5737 -0.0065 -0.1318 -0.2316 1804 ILE A CA  
68  C C   . ILE A 11  ? 0.5419 0.5381 0.5449 -0.0109 -0.1208 -0.2349 1804 ILE A C   
69  O O   . ILE A 11  ? 0.5123 0.5068 0.5359 -0.0150 -0.1084 -0.2484 1804 ILE A O   
70  C CB  . ILE A 11  ? 0.6064 0.6514 0.5841 0.0101  -0.1535 -0.2109 1804 ILE A CB  
71  C CG1 . ILE A 11  ? 0.6142 0.7058 0.5648 0.0152  -0.1690 -0.2088 1804 ILE A CG1 
72  C CG2 . ILE A 11  ? 0.5018 0.5377 0.5158 0.0162  -0.1586 -0.2277 1804 ILE A CG2 
73  C CD1 . ILE A 11  ? 0.6167 0.7163 0.5719 0.0320  -0.1922 -0.1854 1804 ILE A CD1 
74  N N   . ILE A 12  ? 0.5516 0.5121 0.5524 -0.0098 -0.1190 -0.2078 1805 ILE A N   
75  C CA  . ILE A 12  ? 0.5352 0.4516 0.5570 -0.0134 -0.1127 -0.2084 1805 ILE A CA  
76  C C   . ILE A 12  ? 0.5275 0.4373 0.5536 -0.0282 -0.0914 -0.2144 1805 ILE A C   
77  O O   . ILE A 12  ? 0.4954 0.3896 0.5284 -0.0305 -0.0763 -0.1996 1805 ILE A O   
78  C CB  . ILE A 12  ? 0.5616 0.4428 0.5821 -0.0079 -0.1179 -0.1757 1805 ILE A CB  
79  C CG1 . ILE A 12  ? 0.5502 0.3859 0.5896 -0.0103 -0.1158 -0.1791 1805 ILE A CG1 
80  C CG2 . ILE A 12  ? 0.5849 0.4643 0.5906 -0.0145 -0.1096 -0.1558 1805 ILE A CG2 
81  C CD1 . ILE A 12  ? 0.5717 0.3728 0.6148 -0.0041 -0.1226 -0.1513 1805 ILE A CD1 
82  N N   . LEU A 13  ? 0.5501 0.4776 0.5652 -0.0367 -0.0859 -0.2236 1806 LEU A N   
83  C CA  . LEU A 13  ? 0.5428 0.4674 0.5636 -0.0481 -0.0629 -0.2173 1806 LEU A CA  
84  C C   . LEU A 13  ? 0.5131 0.4612 0.5404 -0.0464 -0.0516 -0.2195 1806 LEU A C   
85  O O   . LEU A 13  ? 0.4802 0.4178 0.5173 -0.0476 -0.0400 -0.2057 1806 LEU A O   
86  C CB  . LEU A 13  ? 0.5591 0.4970 0.5706 -0.0586 -0.0563 -0.2296 1806 LEU A CB  
87  C CG  . LEU A 13  ? 0.5346 0.4681 0.5592 -0.0684 -0.0343 -0.2223 1806 LEU A CG  
88  C CD1 . LEU A 13  ? 0.5033 0.3997 0.5426 -0.0675 -0.0332 -0.1965 1806 LEU A CD1 
89  C CD2 . LEU A 13  ? 0.5517 0.4950 0.5668 -0.0802 -0.0220 -0.2309 1806 LEU A CD2 
90  N N   . MET A 14  ? 0.5293 0.5114 0.5518 -0.0427 -0.0577 -0.2364 1807 MET A N   
91  C CA  A MET A 14  ? 0.5121 0.5169 0.5490 -0.0404 -0.0489 -0.2406 1807 MET A CA  
92  C CA  B MET A 14  ? 0.5144 0.5187 0.5515 -0.0406 -0.0484 -0.2402 1807 MET A CA  
93  C C   . MET A 14  ? 0.5005 0.4890 0.5524 -0.0336 -0.0475 -0.2283 1807 MET A C   
94  O O   . MET A 14  ? 0.4905 0.4824 0.5566 -0.0338 -0.0354 -0.2222 1807 MET A O   
95  C CB  A MET A 14  ? 0.5397 0.5829 0.5681 -0.0371 -0.0598 -0.2603 1807 MET A CB  
96  C CB  B MET A 14  ? 0.5388 0.5822 0.5682 -0.0379 -0.0580 -0.2601 1807 MET A CB  
97  C CG  A MET A 14  ? 0.5263 0.5890 0.5774 -0.0312 -0.0582 -0.2660 1807 MET A CG  
98  C CG  B MET A 14  ? 0.5251 0.5931 0.5759 -0.0374 -0.0472 -0.2670 1807 MET A CG  
99  S SD  A MET A 14  ? 0.7246 0.8318 0.7651 -0.0264 -0.0769 -0.2874 1807 MET A SD  
100 S SD  B MET A 14  ? 0.6004 0.6724 0.6642 -0.0472 -0.0242 -0.2647 1807 MET A SD  
101 C CE  A MET A 14  ? 0.5073 0.6071 0.5263 -0.0177 -0.1052 -0.2841 1807 MET A CE  
102 C CE  B MET A 14  ? 0.4725 0.5350 0.5678 -0.0425 -0.0138 -0.2502 1807 MET A CE  
103 N N   . GLU A 15  ? 0.4998 0.4728 0.5490 -0.0273 -0.0603 -0.2258 1808 GLU A N   
104 C CA  . GLU A 15  ? 0.4934 0.4501 0.5529 -0.0216 -0.0574 -0.2153 1808 GLU A CA  
105 C C   . GLU A 15  ? 0.4611 0.3885 0.5124 -0.0268 -0.0457 -0.1941 1808 GLU A C   
106 O O   . GLU A 15  ? 0.4337 0.3632 0.4985 -0.0240 -0.0384 -0.1905 1808 GLU A O   
107 C CB  . GLU A 15  ? 0.5181 0.4631 0.5801 -0.0127 -0.0739 -0.2180 1808 GLU A CB  
108 C CG  . GLU A 15  ? 0.5333 0.5097 0.6067 -0.0036 -0.0899 -0.2378 1808 GLU A CG  
109 C CD  . GLU A 15  ? 0.5534 0.5151 0.6351 0.0085  -0.1103 -0.2393 1808 GLU A CD  
110 O OE1 . GLU A 15  ? 0.5473 0.4725 0.6251 0.0090  -0.1102 -0.2250 1808 GLU A OE1 
111 O OE2 . GLU A 15  ? 0.5805 0.5664 0.6746 0.0181  -0.1277 -0.2539 1808 GLU A OE2 
112 N N   . MET A 16  ? 0.4598 0.3693 0.5001 -0.0327 -0.0464 -0.1867 1809 MET A N   
113 C CA  . MET A 16  ? 0.4473 0.3356 0.4830 -0.0367 -0.0390 -0.1696 1809 MET A CA  
114 C C   . MET A 16  ? 0.4364 0.3498 0.4951 -0.0386 -0.0281 -0.1752 1809 MET A C   
115 O O   . MET A 16  ? 0.4215 0.3369 0.4959 -0.0375 -0.0222 -0.1712 1809 MET A O   
116 C CB  . MET A 16  ? 0.4471 0.3109 0.4716 -0.0426 -0.0428 -0.1606 1809 MET A CB  
117 C CG  . MET A 16  ? 0.4536 0.2951 0.4760 -0.0389 -0.0509 -0.1553 1809 MET A CG  
118 S SD  . MET A 16  ? 0.6530 0.4674 0.6761 -0.0449 -0.0528 -0.1417 1809 MET A SD  
119 C CE  . MET A 16  ? 0.5240 0.3504 0.5573 -0.0488 -0.0593 -0.1571 1809 MET A CE  
120 N N   . GLU A 17  ? 0.4501 0.3836 0.5103 -0.0421 -0.0247 -0.1852 1810 GLU A N   
121 C CA  . GLU A 17  ? 0.4420 0.4038 0.5297 -0.0449 -0.0109 -0.1927 1810 GLU A CA  
122 C C   . GLU A 17  ? 0.4085 0.3963 0.5249 -0.0404 -0.0035 -0.2007 1810 GLU A C   
123 O O   . GLU A 17  ? 0.3769 0.3795 0.5191 -0.0424 0.0084  -0.2014 1810 GLU A O   
124 C CB  . GLU A 17  ? 0.4717 0.4515 0.5531 -0.0499 -0.0078 -0.2045 1810 GLU A CB  
125 C CG  . GLU A 17  ? 0.5016 0.4653 0.5694 -0.0571 -0.0081 -0.2014 1810 GLU A CG  
126 C CD  . GLU A 17  ? 0.5326 0.5234 0.5964 -0.0629 -0.0042 -0.2232 1810 GLU A CD  
127 O OE1 . GLU A 17  ? 0.5749 0.5880 0.6325 -0.0593 -0.0098 -0.2366 1810 GLU A OE1 
128 O OE2 . GLU A 17  ? 0.5265 0.5174 0.5917 -0.0715 0.0050  -0.2272 1810 GLU A OE2 
129 N N   . SER A 18  ? 0.4250 0.3825 0.6806 -0.0421 -0.0303 -0.1479 1811 SER A N   
130 C CA  . SER A 18  ? 0.4248 0.3824 0.7165 -0.0457 -0.0326 -0.1487 1811 SER A CA  
131 C C   . SER A 18  ? 0.4157 0.3700 0.7155 -0.0485 -0.0249 -0.1301 1811 SER A C   
132 O O   . SER A 18  ? 0.4260 0.3801 0.7551 -0.0519 -0.0248 -0.1283 1811 SER A O   
133 C CB  . SER A 18  ? 0.4355 0.4024 0.7335 -0.0445 -0.0449 -0.1620 1811 SER A CB  
134 O OG  . SER A 18  ? 0.4646 0.4365 0.7387 -0.0410 -0.0473 -0.1552 1811 SER A OG  
135 N N   . HIS A 19  ? 0.4029 0.3544 0.6765 -0.0475 -0.0179 -0.1167 1812 HIS A N   
136 C CA  . HIS A 19  ? 0.3768 0.3241 0.6526 -0.0497 -0.0101 -0.0991 1812 HIS A CA  
137 C C   . HIS A 19  ? 0.3707 0.3105 0.6710 -0.0526 -0.0028 -0.0919 1812 HIS A C   
138 O O   . HIS A 19  ? 0.3617 0.2987 0.6664 -0.0519 -0.0014 -0.0968 1812 HIS A O   
139 C CB  . HIS A 19  ? 0.3705 0.3156 0.6102 -0.0486 -0.0045 -0.0884 1812 HIS A CB  
140 C CG  . HIS A 19  ? 0.3601 0.3012 0.5954 -0.0500 0.0014  -0.0725 1812 HIS A CG  
141 N ND1 . HIS A 19  ? 0.3542 0.2891 0.6018 -0.0529 0.0096  -0.0597 1812 HIS A ND1 
142 C CD2 . HIS A 19  ? 0.3670 0.3088 0.5852 -0.0481 0.0008  -0.0675 1812 HIS A CD2 
143 C CE1 . HIS A 19  ? 0.3562 0.2879 0.5945 -0.0532 0.0139  -0.0478 1812 HIS A CE1 
144 N NE2 . HIS A 19  ? 0.3642 0.3001 0.5855 -0.0504 0.0089  -0.0522 1812 HIS A NE2 
145 N N   . ASP A 20  ? 0.3640 0.2997 0.6791 -0.0551 0.0024  -0.0800 1813 ASP A N   
146 C CA  . ASP A 20  ? 0.3681 0.2946 0.7047 -0.0570 0.0103  -0.0713 1813 ASP A CA  
147 C C   . ASP A 20  ? 0.3602 0.2820 0.6783 -0.0554 0.0170  -0.0613 1813 ASP A C   
148 O O   . ASP A 20  ? 0.3508 0.2666 0.6824 -0.0546 0.0208  -0.0598 1813 ASP A O   
149 C CB  . ASP A 20  ? 0.3728 0.2957 0.7243 -0.0597 0.0158  -0.0593 1813 ASP A CB  
150 C CG  . ASP A 20  ? 0.3742 0.3032 0.7537 -0.0621 0.0100  -0.0694 1813 ASP A CG  
151 O OD1 . ASP A 20  ? 0.3682 0.3018 0.7594 -0.0625 0.0021  -0.0858 1813 ASP A OD1 
152 O OD2 . ASP A 20  ? 0.3806 0.3102 0.7707 -0.0637 0.0135  -0.0614 1813 ASP A OD2 
153 N N   . ALA A 21  ? 0.3572 0.2819 0.6446 -0.0548 0.0184  -0.0548 1814 ALA A N   
154 C CA  . ALA A 21  ? 0.3449 0.2677 0.6147 -0.0542 0.0243  -0.0453 1814 ALA A CA  
155 C C   . ALA A 21  ? 0.3229 0.2521 0.5774 -0.0523 0.0215  -0.0554 1814 ALA A C   
156 O O   . ALA A 21  ? 0.3042 0.2359 0.5397 -0.0524 0.0253  -0.0498 1814 ALA A O   
157 C CB  . ALA A 21  ? 0.2747 0.1958 0.5202 -0.0559 0.0290  -0.0325 1814 ALA A CB  
158 N N   . ALA A 22  ? 0.3311 0.2638 0.5948 -0.0507 0.0151  -0.0708 1815 ALA A N   
159 C CA  . ALA A 22  ? 0.3371 0.2758 0.5853 -0.0486 0.0127  -0.0817 1815 ALA A CA  
160 C C   . ALA A 22  ? 0.3487 0.2868 0.6112 -0.0459 0.0150  -0.0852 1815 ALA A C   
161 O O   . ALA A 22  ? 0.3640 0.3076 0.6153 -0.0438 0.0147  -0.0933 1815 ALA A O   
162 C CB  . ALA A 22  ? 0.3399 0.2820 0.5858 -0.0474 0.0046  -0.0970 1815 ALA A CB  
163 N N   . TRP A 23  ? 0.3530 0.2839 0.6399 -0.0456 0.0182  -0.0786 1816 TRP A N   
164 C CA  . TRP A 23  ? 0.3723 0.3002 0.6752 -0.0416 0.0203  -0.0819 1816 TRP A CA  
165 C C   . TRP A 23  ? 0.3504 0.2855 0.6384 -0.0384 0.0240  -0.0780 1816 TRP A C   
166 O O   . TRP A 23  ? 0.3707 0.3073 0.6667 -0.0340 0.0241  -0.0858 1816 TRP A O   
167 C CB  . TRP A 23  ? 0.3970 0.3132 0.7251 -0.0414 0.0247  -0.0725 1816 TRP A CB  
168 C CG  . TRP A 23  ? 0.4143 0.3276 0.7351 -0.0427 0.0302  -0.0542 1816 TRP A CG  
169 C CD1 . TRP A 23  ? 0.4114 0.3223 0.7297 -0.0468 0.0312  -0.0465 1816 TRP A CD1 
170 C CD2 . TRP A 23  ? 0.4115 0.3244 0.7258 -0.0394 0.0354  -0.0416 1816 TRP A CD2 
171 N NE1 . TRP A 23  ? 0.4021 0.3094 0.7114 -0.0466 0.0372  -0.0300 1816 TRP A NE1 
172 C CE2 . TRP A 23  ? 0.4008 0.3097 0.7072 -0.0421 0.0393  -0.0270 1816 TRP A CE2 
173 C CE3 . TRP A 23  ? 0.4167 0.3333 0.7312 -0.0337 0.0368  -0.0416 1816 TRP A CE3 
174 C CZ2 . TRP A 23  ? 0.3952 0.3030 0.6924 -0.0398 0.0439  -0.0128 1816 TRP A CZ2 
175 C CZ3 . TRP A 23  ? 0.4080 0.3253 0.7152 -0.0310 0.0408  -0.0274 1816 TRP A CZ3 
176 C CH2 . TRP A 23  ? 0.4111 0.3240 0.7091 -0.0342 0.0441  -0.0134 1816 TRP A CH2 
177 N N   . PRO A 24  ? 0.3319 0.2722 0.5996 -0.0406 0.0271  -0.0667 1817 PRO A N   
178 C CA  . PRO A 24  ? 0.3259 0.2758 0.5838 -0.0379 0.0298  -0.0656 1817 PRO A CA  
179 C C   . PRO A 24  ? 0.3261 0.2859 0.5659 -0.0385 0.0283  -0.0778 1817 PRO A C   
180 O O   . PRO A 24  ? 0.3160 0.2853 0.5516 -0.0362 0.0307  -0.0798 1817 PRO A O   
181 C CB  . PRO A 24  ? 0.3306 0.2825 0.5732 -0.0411 0.0335  -0.0503 1817 PRO A CB  
182 C CG  . PRO A 24  ? 0.3242 0.2648 0.5726 -0.0438 0.0339  -0.0420 1817 PRO A CG  
183 C CD  . PRO A 24  ? 0.3211 0.2587 0.5769 -0.0448 0.0292  -0.0540 1817 PRO A CD  
184 N N   . PHE A 25  ? 0.3242 0.2819 0.5538 -0.0410 0.0245  -0.0860 1818 PHE A N   
185 C CA  . PHE A 25  ? 0.3335 0.2983 0.5397 -0.0418 0.0242  -0.0954 1818 PHE A CA  
186 C C   . PHE A 25  ? 0.3505 0.3139 0.5610 -0.0387 0.0192  -0.1122 1818 PHE A C   
187 O O   . PHE A 25  ? 0.3602 0.3273 0.5498 -0.0388 0.0188  -0.1207 1818 PHE A O   
188 C CB  . PHE A 25  ? 0.3243 0.2876 0.5053 -0.0467 0.0249  -0.0895 1818 PHE A CB  
189 C CG  . PHE A 25  ? 0.3147 0.2764 0.4923 -0.0502 0.0290  -0.0734 1818 PHE A CG  
190 C CD1 . PHE A 25  ? 0.3064 0.2757 0.4746 -0.0521 0.0341  -0.0671 1818 PHE A CD1 
191 C CD2 . PHE A 25  ? 0.3027 0.2559 0.4869 -0.0515 0.0279  -0.0652 1818 PHE A CD2 
192 C CE1 . PHE A 25  ? 0.2947 0.2620 0.4578 -0.0554 0.0374  -0.0533 1818 PHE A CE1 
193 C CE2 . PHE A 25  ? 0.2913 0.2416 0.4703 -0.0544 0.0322  -0.0508 1818 PHE A CE2 
194 C CZ  . PHE A 25  ? 0.2934 0.2502 0.4609 -0.0563 0.0367  -0.0450 1818 PHE A CZ  
195 N N   . LEU A 26  ? 0.3688 0.3257 0.6050 -0.0363 0.0159  -0.1173 1819 LEU A N   
196 C CA  . LEU A 26  ? 0.3904 0.3450 0.6319 -0.0338 0.0105  -0.1345 1819 LEU A CA  
197 C C   . LEU A 26  ? 0.4288 0.3887 0.6664 -0.0294 0.0134  -0.1442 1819 LEU A C   
198 O O   . LEU A 26  ? 0.4312 0.3927 0.6553 -0.0279 0.0108  -0.1574 1819 LEU A O   
199 C CB  . LEU A 26  ? 0.3782 0.3236 0.6501 -0.0336 0.0071  -0.1377 1819 LEU A CB  
200 C CG  . LEU A 26  ? 0.3670 0.3082 0.6470 -0.0379 0.0043  -0.1306 1819 LEU A CG  
201 C CD1 . LEU A 26  ? 0.3658 0.2980 0.6785 -0.0387 0.0027  -0.1346 1819 LEU A CD1 
202 C CD2 . LEU A 26  ? 0.3618 0.3074 0.6226 -0.0394 -0.0023 -0.1373 1819 LEU A CD2 
203 N N   . GLU A 27  ? 0.4531 0.4156 0.7019 -0.0266 0.0189  -0.1375 1820 GLU A N   
204 C CA  . GLU A 27  ? 0.4912 0.4604 0.7401 -0.0214 0.0225  -0.1457 1820 GLU A CA  
205 C C   . GLU A 27  ? 0.4645 0.4464 0.7025 -0.0219 0.0287  -0.1357 1820 GLU A C   
206 O O   . GLU A 27  ? 0.4498 0.4330 0.6866 -0.0251 0.0301  -0.1216 1820 GLU A O   
207 C CB  . GLU A 27  ? 0.5313 0.4925 0.8080 -0.0157 0.0230  -0.1495 1820 GLU A CB  
208 C CG  . GLU A 27  ? 0.5745 0.5239 0.8632 -0.0160 0.0173  -0.1631 1820 GLU A CG  
209 C CD  . GLU A 27  ? 0.6104 0.5625 0.8824 -0.0148 0.0145  -0.1803 1820 GLU A CD  
210 O OE1 . GLU A 27  ? 0.6291 0.5893 0.8895 -0.0112 0.0191  -0.1843 1820 GLU A OE1 
211 O OE2 . GLU A 27  ? 0.6346 0.5814 0.9048 -0.0174 0.0076  -0.1901 1820 GLU A OE2 
212 N N   . PRO A 28  ? 0.4725 0.4643 0.7023 -0.0190 0.0326  -0.1436 1821 PRO A N   
213 C CA  . PRO A 28  ? 0.4512 0.4581 0.6744 -0.0197 0.0386  -0.1360 1821 PRO A CA  
214 C C   . PRO A 28  ? 0.4428 0.4526 0.6870 -0.0158 0.0395  -0.1244 1821 PRO A C   
215 O O   . PRO A 28  ? 0.4643 0.4658 0.7299 -0.0094 0.0383  -0.1262 1821 PRO A O   
216 C CB  . PRO A 28  ? 0.4765 0.4922 0.6954 -0.0156 0.0428  -0.1491 1821 PRO A CB  
217 C CG  . PRO A 28  ? 0.4959 0.5007 0.7051 -0.0153 0.0390  -0.1626 1821 PRO A CG  
218 C CD  . PRO A 28  ? 0.4904 0.4808 0.7154 -0.0154 0.0322  -0.1607 1821 PRO A CD  
219 N N   . VAL A 29  ? 0.4012 0.4213 0.6382 -0.0194 0.0419  -0.1126 1822 VAL A N   
220 C CA  . VAL A 29  ? 0.3880 0.4126 0.6414 -0.0149 0.0424  -0.1011 1822 VAL A CA  
221 C C   . VAL A 29  ? 0.3789 0.4148 0.6476 -0.0057 0.0450  -0.1069 1822 VAL A C   
222 O O   . VAL A 29  ? 0.3649 0.4151 0.6260 -0.0060 0.0484  -0.1149 1822 VAL A O   
223 C CB  . VAL A 29  ? 0.3716 0.4071 0.6113 -0.0212 0.0439  -0.0892 1822 VAL A CB  
224 C CG1 . VAL A 29  ? 0.3633 0.4057 0.6182 -0.0151 0.0434  -0.0781 1822 VAL A CG1 
225 C CG2 . VAL A 29  ? 0.3680 0.3909 0.5933 -0.0291 0.0420  -0.0824 1822 VAL A CG2 
226 N N   . ASN A 30  ? 0.3858 0.4142 0.6758 0.0030  0.0441  -0.1027 1823 ASN A N   
227 C CA  . ASN A 30  ? 0.3933 0.4310 0.6992 0.0136  0.0466  -0.1067 1823 ASN A CA  
228 C C   . ASN A 30  ? 0.3716 0.4288 0.6801 0.0166  0.0473  -0.0956 1823 ASN A C   
229 O O   . ASN A 30  ? 0.3694 0.4220 0.6848 0.0197  0.0454  -0.0826 1823 ASN A O   
230 C CB  . ASN A 30  ? 0.4183 0.4369 0.7452 0.0224  0.0459  -0.1073 1823 ASN A CB  
231 C CG  . ASN A 30  ? 0.4362 0.4602 0.7776 0.0342  0.0493  -0.1153 1823 ASN A CG  
232 O OD1 . ASN A 30  ? 0.4312 0.4766 0.7715 0.0375  0.0518  -0.1166 1823 ASN A OD1 
233 N ND2 . ASN A 30  ? 0.4541 0.4586 0.8104 0.0404  0.0499  -0.1209 1823 ASN A ND2 
234 N N   . PRO A 31  ? 0.3693 0.4494 0.6726 0.0156  0.0503  -0.1011 1824 PRO A N   
235 C CA  . PRO A 31  ? 0.3551 0.4583 0.6608 0.0169  0.0502  -0.0927 1824 PRO A CA  
236 C C   . PRO A 31  ? 0.3662 0.4730 0.6938 0.0315  0.0489  -0.0864 1824 PRO A C   
237 O O   . PRO A 31  ? 0.3771 0.4977 0.7074 0.0340  0.0465  -0.0758 1824 PRO A O   
238 C CB  . PRO A 31  ? 0.3553 0.4802 0.6543 0.0131  0.0551  -0.1038 1824 PRO A CB  
239 C CG  . PRO A 31  ? 0.3688 0.4821 0.6695 0.0169  0.0580  -0.1177 1824 PRO A CG  
240 C CD  . PRO A 31  ? 0.3720 0.4575 0.6678 0.0139  0.0543  -0.1165 1824 PRO A CD  
241 N N   . ARG A 32  ? 0.3732 0.4667 0.7149 0.0413  0.0505  -0.0931 1825 ARG A N   
242 C CA  . ARG A 32  ? 0.3974 0.4891 0.7590 0.0564  0.0501  -0.0868 1825 ARG A CA  
243 C C   . ARG A 32  ? 0.3971 0.4701 0.7601 0.0579  0.0470  -0.0716 1825 ARG A C   
244 O O   . ARG A 32  ? 0.4107 0.4869 0.7835 0.0688  0.0457  -0.0610 1825 ARG A O   
245 C CB  . ARG A 32  ? 0.4203 0.4978 0.7949 0.0656  0.0538  -0.0985 1825 ARG A CB  
246 C CG  . ARG A 32  ? 0.3525 0.4481 0.7275 0.0674  0.0581  -0.1132 1825 ARG A CG  
247 C CD  . ARG A 32  ? 0.3940 0.4709 0.7789 0.0755  0.0616  -0.1254 1825 ARG A CD  
248 N NE  . ARG A 32  ? 0.3744 0.4678 0.7605 0.0793  0.0670  -0.1390 1825 ARG A NE  
249 C CZ  . ARG A 32  ? 0.3937 0.4739 0.7850 0.0856  0.0709  -0.1523 1825 ARG A CZ  
250 N NH1 . ARG A 32  ? 0.4050 0.4559 0.8018 0.0879  0.0697  -0.1544 1825 ARG A NH1 
251 N NH2 . ARG A 32  ? 0.3953 0.4916 0.7862 0.0892  0.0766  -0.1641 1825 ARG A NH2 
252 N N   . LEU A 33  ? 0.3968 0.4504 0.7496 0.0475  0.0461  -0.0706 1826 LEU A N   
253 C CA  . LEU A 33  ? 0.4008 0.4341 0.7553 0.0478  0.0445  -0.0571 1826 LEU A CA  
254 C C   . LEU A 33  ? 0.4063 0.4478 0.7446 0.0391  0.0419  -0.0455 1826 LEU A C   
255 O O   . LEU A 33  ? 0.4382 0.4681 0.7764 0.0412  0.0410  -0.0319 1826 LEU A O   
256 C CB  . LEU A 33  ? 0.4078 0.4148 0.7643 0.0423  0.0454  -0.0631 1826 LEU A CB  
257 C CG  . LEU A 33  ? 0.4334 0.4271 0.8057 0.0499  0.0481  -0.0750 1826 LEU A CG  
258 C CD1 . LEU A 33  ? 0.4342 0.4065 0.8070 0.0417  0.0476  -0.0834 1826 LEU A CD1 
259 C CD2 . LEU A 33  ? 0.4547 0.4378 0.8439 0.0640  0.0505  -0.0659 1826 LEU A CD2 
260 N N   . VAL A 34  ? 0.4039 0.4636 0.7275 0.0293  0.0414  -0.0508 1827 VAL A N   
261 C CA  . VAL A 34  ? 0.4095 0.4755 0.7156 0.0197  0.0396  -0.0417 1827 VAL A CA  
262 C C   . VAL A 34  ? 0.4224 0.5183 0.7249 0.0195  0.0384  -0.0410 1827 VAL A C   
263 O O   . VAL A 34  ? 0.4157 0.5279 0.7124 0.0134  0.0405  -0.0514 1827 VAL A O   
264 C CB  . VAL A 34  ? 0.3969 0.4548 0.6855 0.0060  0.0404  -0.0475 1827 VAL A CB  
265 C CG1 . VAL A 34  ? 0.3919 0.4525 0.6621 -0.0034 0.0395  -0.0373 1827 VAL A CG1 
266 C CG2 . VAL A 34  ? 0.3995 0.4317 0.6944 0.0059  0.0407  -0.0499 1827 VAL A CG2 
267 N N   . SER A 35  ? 0.4448 0.5480 0.7508 0.0261  0.0353  -0.0290 1828 SER A N   
268 C CA  . SER A 35  ? 0.4539 0.5879 0.7603 0.0274  0.0328  -0.0282 1828 SER A CA  
269 C C   . SER A 35  ? 0.4409 0.5873 0.7274 0.0115  0.0331  -0.0302 1828 SER A C   
270 O O   . SER A 35  ? 0.4250 0.5582 0.6954 0.0032  0.0323  -0.0225 1828 SER A O   
271 C CB  . SER A 35  ? 0.4850 0.6215 0.7968 0.0387  0.0283  -0.0140 1828 SER A CB  
272 O OG  . SER A 35  ? 0.5388 0.7073 0.8507 0.0391  0.0244  -0.0136 1828 SER A OG  
273 N N   . GLY A 36  ? 0.4270 0.5979 0.7145 0.0070  0.0351  -0.0407 1829 GLY A N   
274 C CA  . GLY A 36  ? 0.3995 0.5839 0.6694 -0.0082 0.0364  -0.0432 1829 GLY A CA  
275 C C   . GLY A 36  ? 0.3594 0.5301 0.6127 -0.0205 0.0421  -0.0515 1829 GLY A C   
276 O O   . GLY A 36  ? 0.3433 0.5232 0.5811 -0.0332 0.0450  -0.0549 1829 GLY A O   
277 N N   . TYR A 37  ? 0.3575 0.5059 0.6134 -0.0166 0.0436  -0.0551 1830 TYR A N   
278 C CA  . TYR A 37  ? 0.3603 0.4940 0.5991 -0.0264 0.0476  -0.0622 1830 TYR A CA  
279 C C   . TYR A 37  ? 0.3841 0.5345 0.6190 -0.0313 0.0533  -0.0752 1830 TYR A C   
280 O O   . TYR A 37  ? 0.3762 0.5242 0.5908 -0.0430 0.0574  -0.0787 1830 TYR A O   
281 C CB  . TYR A 37  ? 0.3583 0.4673 0.6035 -0.0205 0.0467  -0.0644 1830 TYR A CB  
282 C CG  . TYR A 37  ? 0.3656 0.4572 0.5917 -0.0297 0.0484  -0.0683 1830 TYR A CG  
283 C CD1 . TYR A 37  ? 0.3650 0.4409 0.5790 -0.0355 0.0468  -0.0589 1830 TYR A CD1 
284 C CD2 . TYR A 37  ? 0.3778 0.4689 0.5970 -0.0319 0.0519  -0.0811 1830 TYR A CD2 
285 C CE1 . TYR A 37  ? 0.3631 0.4243 0.5601 -0.0426 0.0480  -0.0620 1830 TYR A CE1 
286 C CE2 . TYR A 37  ? 0.3793 0.4550 0.5797 -0.0389 0.0527  -0.0843 1830 TYR A CE2 
287 C CZ  . TYR A 37  ? 0.3711 0.4324 0.5611 -0.0439 0.0505  -0.0745 1830 TYR A CZ  
288 O OH  . TYR A 37  ? 0.3647 0.4119 0.5365 -0.0495 0.0510  -0.0774 1830 TYR A OH  
289 N N   . ARG A 38  ? 0.4109 0.5769 0.6645 -0.0219 0.0544  -0.0819 1831 ARG A N   
290 C CA  . ARG A 38  ? 0.4441 0.6278 0.6967 -0.0253 0.0609  -0.0942 1831 ARG A CA  
291 C C   . ARG A 38  ? 0.4064 0.6111 0.6488 -0.0375 0.0638  -0.0935 1831 ARG A C   
292 O O   . ARG A 38  ? 0.3920 0.5998 0.6197 -0.0475 0.0709  -0.1012 1831 ARG A O   
293 C CB  . ARG A 38  ? 0.4960 0.6953 0.7735 -0.0116 0.0614  -0.0998 1831 ARG A CB  
294 C CG  . ARG A 38  ? 0.5605 0.7806 0.8399 -0.0139 0.0691  -0.1124 1831 ARG A CG  
295 C CD  . ARG A 38  ? 0.6428 0.8838 0.9491 0.0004  0.0692  -0.1157 1831 ARG A CD  
296 N NE  . ARG A 38  ? 0.7095 0.9312 1.0287 0.0146  0.0658  -0.1144 1831 ARG A NE  
297 C CZ  . ARG A 38  ? 0.7445 0.9493 1.0631 0.0190  0.0693  -0.1240 1831 ARG A CZ  
298 N NH1 . ARG A 38  ? 0.7744 0.9793 1.0787 0.0114  0.0760  -0.1352 1831 ARG A NH1 
299 N NH2 . ARG A 38  ? 0.7719 0.9588 1.1035 0.0310  0.0663  -0.1228 1831 ARG A NH2 
300 N N   . ARG A 39  ? 0.3842 0.6022 0.6333 -0.0367 0.0586  -0.0844 1832 ARG A N   
301 C CA  . ARG A 39  ? 0.3711 0.6116 0.6138 -0.0481 0.0600  -0.0840 1832 ARG A CA  
302 C C   . ARG A 39  ? 0.3388 0.5623 0.5534 -0.0634 0.0624  -0.0804 1832 ARG A C   
303 O O   . ARG A 39  ? 0.3266 0.5601 0.5289 -0.0762 0.0686  -0.0855 1832 ARG A O   
304 C CB  . ARG A 39  ? 0.3876 0.6474 0.6458 -0.0410 0.0521  -0.0756 1832 ARG A CB  
305 C CG  . ARG A 39  ? 0.4013 0.6798 0.6503 -0.0536 0.0510  -0.0733 1832 ARG A CG  
306 C CD  . ARG A 39  ? 0.4085 0.7075 0.6729 -0.0445 0.0418  -0.0656 1832 ARG A CD  
307 N NE  . ARG A 39  ? 0.4226 0.6990 0.6874 -0.0328 0.0353  -0.0534 1832 ARG A NE  
308 C CZ  . ARG A 39  ? 0.4309 0.6890 0.6782 -0.0376 0.0321  -0.0432 1832 ARG A CZ  
309 N NH1 . ARG A 39  ? 0.4333 0.6923 0.6608 -0.0537 0.0341  -0.0438 1832 ARG A NH1 
310 N NH2 . ARG A 39  ? 0.4370 0.6748 0.6866 -0.0264 0.0277  -0.0324 1832 ARG A NH2 
311 N N   . ILE A 40  ? 0.3475 0.5446 0.5523 -0.0617 0.0585  -0.0717 1833 ILE A N   
312 C CA  . ILE A 40  ? 0.3305 0.5108 0.5096 -0.0742 0.0602  -0.0664 1833 ILE A CA  
313 C C   . ILE A 40  ? 0.3415 0.5020 0.5012 -0.0805 0.0667  -0.0727 1833 ILE A C   
314 O O   . ILE A 40  ? 0.3648 0.5217 0.5030 -0.0930 0.0724  -0.0740 1833 ILE A O   
315 C CB  . ILE A 40  ? 0.3369 0.4986 0.5142 -0.0694 0.0537  -0.0535 1833 ILE A CB  
316 C CG1 . ILE A 40  ? 0.3353 0.5156 0.5258 -0.0638 0.0472  -0.0461 1833 ILE A CG1 
317 C CG2 . ILE A 40  ? 0.3437 0.4857 0.4943 -0.0810 0.0562  -0.0484 1833 ILE A CG2 
318 C CD1 . ILE A 40  ? 0.3416 0.5036 0.5311 -0.0574 0.0418  -0.0330 1833 ILE A CD1 
319 N N   . ILE A 41  ? 0.3402 0.4872 0.5065 -0.0716 0.0658  -0.0767 1834 ILE A N   
320 C CA  . ILE A 41  ? 0.3547 0.4830 0.5021 -0.0756 0.0704  -0.0826 1834 ILE A CA  
321 C C   . ILE A 41  ? 0.3663 0.5062 0.5134 -0.0763 0.0775  -0.0954 1834 ILE A C   
322 O O   . ILE A 41  ? 0.3480 0.4955 0.5135 -0.0665 0.0765  -0.1018 1834 ILE A O   
323 C CB  . ILE A 41  ? 0.3479 0.4543 0.5008 -0.0668 0.0652  -0.0811 1834 ILE A CB  
324 C CG1 . ILE A 41  ? 0.2786 0.3721 0.4311 -0.0666 0.0599  -0.0682 1834 ILE A CG1 
325 C CG2 . ILE A 41  ? 0.3522 0.4419 0.4856 -0.0699 0.0685  -0.0881 1834 ILE A CG2 
326 C CD1 . ILE A 41  ? 0.2889 0.3731 0.4158 -0.0781 0.0628  -0.0624 1834 ILE A CD1 
327 N N   . LYS A 42  ? 0.3984 0.5382 0.5236 -0.0878 0.0853  -0.0989 1835 LYS A N   
328 C CA  . LYS A 42  ? 0.4304 0.5808 0.5519 -0.0900 0.0942  -0.1104 1835 LYS A CA  
329 C C   . LYS A 42  ? 0.4170 0.5481 0.5266 -0.0847 0.0959  -0.1175 1835 LYS A C   
330 O O   . LYS A 42  ? 0.4123 0.5509 0.5306 -0.0786 0.0990  -0.1270 1835 LYS A O   
331 C CB  . LYS A 42  ? 0.4886 0.6445 0.5901 -0.1051 0.1036  -0.1112 1835 LYS A CB  
332 C CG  . LYS A 42  ? 0.5178 0.6965 0.6312 -0.1116 0.1022  -0.1069 1835 LYS A CG  
333 C CD  . LYS A 42  ? 0.5249 0.7333 0.6695 -0.1034 0.1000  -0.1117 1835 LYS A CD  
334 C CE  . LYS A 42  ? 0.5345 0.7682 0.6914 -0.1092 0.0970  -0.1079 1835 LYS A CE  
335 N NZ  . LYS A 42  ? 0.5657 0.7879 0.7193 -0.1080 0.0877  -0.0959 1835 LYS A NZ  
336 N N   . ASN A 43  ? 0.4103 0.5173 0.4997 -0.0868 0.0935  -0.1131 1836 ASN A N   
337 C CA  . ASN A 43  ? 0.4087 0.4976 0.4847 -0.0819 0.0935  -0.1197 1836 ASN A CA  
338 C C   . ASN A 43  ? 0.3921 0.4645 0.4760 -0.0743 0.0832  -0.1154 1836 ASN A C   
339 O O   . ASN A 43  ? 0.3880 0.4437 0.4559 -0.0773 0.0809  -0.1095 1836 ASN A O   
340 C CB  . ASN A 43  ? 0.4311 0.5061 0.4726 -0.0908 0.1013  -0.1201 1836 ASN A CB  
341 C CG  . ASN A 43  ? 0.4538 0.5430 0.4865 -0.0999 0.1133  -0.1246 1836 ASN A CG  
342 O OD1 . ASN A 43  ? 0.4628 0.5512 0.4808 -0.1110 0.1188  -0.1195 1836 ASN A OD1 
343 N ND2 . ASN A 43  ? 0.4675 0.5697 0.5098 -0.0957 0.1181  -0.1347 1836 ASN A ND2 
344 N N   . PRO A 44  ? 0.3698 0.4471 0.4796 -0.0643 0.0776  -0.1187 1837 PRO A N   
345 C CA  . PRO A 44  ? 0.3611 0.4233 0.4822 -0.0577 0.0687  -0.1158 1837 PRO A CA  
346 C C   . PRO A 44  ? 0.3663 0.4107 0.4705 -0.0562 0.0667  -0.1224 1837 PRO A C   
347 O O   . PRO A 44  ? 0.3751 0.4199 0.4657 -0.0557 0.0712  -0.1325 1837 PRO A O   
348 C CB  . PRO A 44  ? 0.3593 0.4308 0.5093 -0.0476 0.0662  -0.1204 1837 PRO A CB  
349 C CG  . PRO A 44  ? 0.3675 0.4552 0.5160 -0.0475 0.0737  -0.1299 1837 PRO A CG  
350 C CD  . PRO A 44  ? 0.3668 0.4633 0.4969 -0.0588 0.0804  -0.1256 1837 PRO A CD  
351 N N   . MET A 45  ? 0.3790 0.4089 0.4838 -0.0553 0.0601  -0.1168 1838 MET A N   
352 C CA  . MET A 45  ? 0.3938 0.4088 0.4844 -0.0535 0.0563  -0.1228 1838 MET A CA  
353 C C   . MET A 45  ? 0.4000 0.4046 0.5080 -0.0498 0.0476  -0.1190 1838 MET A C   
354 O O   . MET A 45  ? 0.3975 0.4011 0.5155 -0.0518 0.0462  -0.1077 1838 MET A O   
355 C CB  . MET A 45  ? 0.3980 0.4054 0.4559 -0.0601 0.0608  -0.1191 1838 MET A CB  
356 C CG  . MET A 45  ? 0.4136 0.4072 0.4533 -0.0569 0.0567  -0.1254 1838 MET A CG  
357 S SD  . MET A 45  ? 0.4919 0.4871 0.5308 -0.0496 0.0561  -0.1429 1838 MET A SD  
358 C CE  . MET A 45  ? 0.4006 0.4058 0.4201 -0.0549 0.0697  -0.1454 1838 MET A CE  
359 N N   . ASP A 46  ? 0.4199 0.4168 0.5310 -0.0448 0.0420  -0.1290 1839 ASP A N   
360 C CA  . ASP A 46  ? 0.4280 0.4158 0.5577 -0.0422 0.0342  -0.1275 1839 ASP A CA  
361 C C   . ASP A 46  ? 0.4330 0.4124 0.5512 -0.0400 0.0280  -0.1372 1839 ASP A C   
362 O O   . ASP A 46  ? 0.4404 0.4195 0.5345 -0.0396 0.0301  -0.1445 1839 ASP A O   
363 C CB  . ASP A 46  ? 0.4331 0.4230 0.5937 -0.0369 0.0323  -0.1307 1839 ASP A CB  
364 C CG  . ASP A 46  ? 0.4461 0.4380 0.6088 -0.0316 0.0323  -0.1463 1839 ASP A CG  
365 O OD1 . ASP A 46  ? 0.4590 0.4609 0.6144 -0.0309 0.0387  -0.1496 1839 ASP A OD1 
366 O OD2 . ASP A 46  ? 0.4475 0.4314 0.6193 -0.0284 0.0262  -0.1558 1839 ASP A OD2 
367 N N   . PHE A 47  ? 0.4000 0.4243 0.4949 -0.0696 0.0349  -0.1804 1840 PHE A N   
368 C CA  . PHE A 47  ? 0.4114 0.4399 0.4856 -0.0770 0.0298  -0.1795 1840 PHE A CA  
369 C C   . PHE A 47  ? 0.4404 0.4776 0.5133 -0.0874 0.0346  -0.2018 1840 PHE A C   
370 O O   . PHE A 47  ? 0.4637 0.5089 0.5101 -0.0968 0.0341  -0.2043 1840 PHE A O   
371 C CB  . PHE A 47  ? 0.3900 0.4180 0.4757 -0.0718 0.0197  -0.1672 1840 PHE A CB  
372 C CG  . PHE A 47  ? 0.3585 0.3834 0.4391 -0.0612 0.0146  -0.1463 1840 PHE A CG  
373 C CD1 . PHE A 47  ? 0.3633 0.3809 0.4209 -0.0584 0.0165  -0.1387 1840 PHE A CD1 
374 C CD2 . PHE A 47  ? 0.3282 0.3570 0.4258 -0.0549 0.0081  -0.1350 1840 PHE A CD2 
375 C CE1 . PHE A 47  ? 0.3433 0.3550 0.3947 -0.0471 0.0115  -0.1222 1840 PHE A CE1 
376 C CE2 . PHE A 47  ? 0.3064 0.3358 0.3989 -0.0437 0.0041  -0.1182 1840 PHE A CE2 
377 C CZ  . PHE A 47  ? 0.3127 0.3323 0.3821 -0.0386 0.0057  -0.1129 1840 PHE A CZ  
378 N N   . SER A 48  ? 0.4479 0.4826 0.5479 -0.0847 0.0384  -0.2182 1841 SER A N   
379 C CA  . SER A 48  ? 0.4806 0.5218 0.5806 -0.0924 0.0431  -0.2433 1841 SER A CA  
380 C C   . SER A 48  ? 0.4931 0.5508 0.5743 -0.0995 0.0543  -0.2555 1841 SER A C   
381 O O   . SER A 48  ? 0.5128 0.5829 0.5758 -0.1088 0.0573  -0.2662 1841 SER A O   
382 C CB  . SER A 48  ? 0.5057 0.5352 0.6385 -0.0837 0.0435  -0.2559 1841 SER A CB  
383 O OG  . SER A 48  ? 0.5386 0.5700 0.6883 -0.0729 0.0498  -0.2577 1841 SER A OG  
384 N N   . THR A 49  ? 0.4645 0.5256 0.5497 -0.0950 0.0603  -0.2500 1842 THR A N   
385 C CA  . THR A 49  ? 0.4512 0.5312 0.5181 -0.1048 0.0714  -0.2586 1842 THR A CA  
386 C C   . THR A 49  ? 0.4450 0.5249 0.4701 -0.1181 0.0688  -0.2444 1842 THR A C   
387 O O   . THR A 49  ? 0.4534 0.5492 0.4550 -0.1315 0.0757  -0.2547 1842 THR A O   
388 C CB  . THR A 49  ? 0.4217 0.5064 0.5019 -0.0996 0.0767  -0.2535 1842 THR A CB  
389 O OG1 . THR A 49  ? 0.3977 0.4831 0.5163 -0.0851 0.0777  -0.2660 1842 THR A OG1 
390 C CG2 . THR A 49  ? 0.4439 0.5525 0.5051 -0.1139 0.0889  -0.2622 1842 THR A CG2 
391 N N   . MET A 50  ? 0.4378 0.5002 0.4527 -0.1132 0.0586  -0.2205 1843 MET A N   
392 C CA  . MET A 50  ? 0.4591 0.5160 0.4347 -0.1210 0.0528  -0.2049 1843 MET A CA  
393 C C   . MET A 50  ? 0.4719 0.5383 0.4355 -0.1273 0.0480  -0.2132 1843 MET A C   
394 O O   . MET A 50  ? 0.4850 0.5569 0.4140 -0.1384 0.0475  -0.2102 1843 MET A O   
395 C CB  . MET A 50  ? 0.4525 0.4897 0.4241 -0.1095 0.0421  -0.1806 1843 MET A CB  
396 C CG  . MET A 50  ? 0.4456 0.4715 0.4204 -0.1057 0.0453  -0.1713 1843 MET A CG  
397 S SD  . MET A 50  ? 0.5414 0.5465 0.5166 -0.0887 0.0330  -0.1478 1843 MET A SD  
398 C CE  . MET A 50  ? 0.3975 0.3912 0.3277 -0.0909 0.0234  -0.1330 1843 MET A CE  
399 N N   . ARG A 51  ? 0.4765 0.5440 0.4675 -0.1213 0.0441  -0.2231 1844 ARG A N   
400 C CA  . ARG A 51  ? 0.5127 0.5904 0.4964 -0.1288 0.0390  -0.2337 1844 ARG A CA  
401 C C   . ARG A 51  ? 0.5620 0.6567 0.5329 -0.1413 0.0493  -0.2580 1844 ARG A C   
402 O O   . ARG A 51  ? 0.5770 0.6837 0.5192 -0.1524 0.0469  -0.2604 1844 ARG A O   
403 C CB  . ARG A 51  ? 0.5040 0.5753 0.5208 -0.1227 0.0331  -0.2398 1844 ARG A CB  
404 C CG  . ARG A 51  ? 0.5246 0.6054 0.5387 -0.1331 0.0292  -0.2572 1844 ARG A CG  
405 C CD  . ARG A 51  ? 0.5404 0.6347 0.5237 -0.1400 0.0197  -0.2452 1844 ARG A CD  
406 N NE  . ARG A 51  ? 0.5224 0.6143 0.5108 -0.1311 0.0085  -0.2210 1844 ARG A NE  
407 C CZ  . ARG A 51  ? 0.5268 0.6310 0.4925 -0.1312 -0.0017 -0.2066 1844 ARG A CZ  
408 N NH1 . ARG A 51  ? 0.5487 0.6659 0.4830 -0.1412 -0.0031 -0.2119 1844 ARG A NH1 
409 N NH2 . ARG A 51  ? 0.5165 0.6224 0.4902 -0.1202 -0.0111 -0.1870 1844 ARG A NH2 
410 N N   . GLU A 52  ? 0.5929 0.6916 0.5872 -0.1362 0.0601  -0.2708 1845 GLU A N   
411 C CA  . GLU A 52  ? 0.6471 0.7667 0.6371 -0.1418 0.0707  -0.2873 1845 GLU A CA  
412 C C   . GLU A 52  ? 0.6372 0.7719 0.5883 -0.1572 0.0767  -0.2817 1845 GLU A C   
413 O O   . GLU A 52  ? 0.6496 0.8017 0.5807 -0.1675 0.0797  -0.2891 1845 GLU A O   
414 C CB  . GLU A 52  ? 0.6887 0.8137 0.7129 -0.1307 0.0800  -0.3004 1845 GLU A CB  
415 C CG  . GLU A 52  ? 0.7224 0.8311 0.7806 -0.1168 0.0743  -0.3083 1845 GLU A CG  
416 C CD  . GLU A 52  ? 0.7652 0.8785 0.8551 -0.1036 0.0813  -0.3203 1845 GLU A CD  
417 O OE1 . GLU A 52  ? 0.7468 0.8721 0.8398 -0.1027 0.0882  -0.3171 1845 GLU A OE1 
418 O OE2 . GLU A 52  ? 0.8133 0.9180 0.9238 -0.0943 0.0791  -0.3332 1845 GLU A OE2 
419 N N   . ARG A 53  ? 0.6183 0.7443 0.5565 -0.1601 0.0779  -0.2680 1846 ARG A N   
420 C CA  . ARG A 53  ? 0.6331 0.7666 0.5302 -0.1773 0.0829  -0.2592 1846 ARG A CA  
421 C C   . ARG A 53  ? 0.6374 0.7625 0.4934 -0.1853 0.0713  -0.2448 1846 ARG A C   
422 O O   . ARG A 53  ? 0.6724 0.8089 0.4926 -0.2006 0.0743  -0.2418 1846 ARG A O   
423 C CB  . ARG A 53  ? 0.6352 0.7552 0.5303 -0.1774 0.0854  -0.2442 1846 ARG A CB  
424 C CG  . ARG A 53  ? 0.6761 0.7968 0.5274 -0.1971 0.0895  -0.2305 1846 ARG A CG  
425 C CD  . ARG A 53  ? 0.6761 0.7818 0.5295 -0.1978 0.0915  -0.2156 1846 ARG A CD  
426 N NE  . ARG A 53  ? 0.7173 0.8144 0.5245 -0.2188 0.0932  -0.1990 1846 ARG A NE  
427 C CZ  . ARG A 53  ? 0.7288 0.8080 0.5260 -0.2256 0.0939  -0.1840 1846 ARG A CZ  
428 N NH1 . ARG A 53  ? 0.7074 0.7798 0.5383 -0.2119 0.0932  -0.1843 1846 ARG A NH1 
429 N NH2 . ARG A 53  ? 0.7662 0.8329 0.5175 -0.2473 0.0946  -0.1684 1846 ARG A NH2 
430 N N   . LEU A 54  ? 0.6108 0.7182 0.4760 -0.1722 0.0572  -0.2309 1847 LEU A N   
431 C CA  . LEU A 54  ? 0.6280 0.7298 0.4608 -0.1738 0.0436  -0.2130 1847 LEU A CA  
432 C C   . LEU A 54  ? 0.6752 0.8002 0.4950 -0.1841 0.0421  -0.2299 1847 LEU A C   
433 O O   . LEU A 54  ? 0.6992 0.8306 0.4788 -0.1949 0.0379  -0.2215 1847 LEU A O   
434 C CB  . LEU A 54  ? 0.6022 0.6878 0.4530 -0.1560 0.0299  -0.1963 1847 LEU A CB  
435 C CG  . LEU A 54  ? 0.6242 0.7080 0.4468 -0.1524 0.0142  -0.1776 1847 LEU A CG  
436 C CD1 . LEU A 54  ? 0.6703 0.7368 0.4484 -0.1572 0.0117  -0.1571 1847 LEU A CD1 
437 C CD2 . LEU A 54  ? 0.5978 0.6749 0.4446 -0.1341 0.0027  -0.1650 1847 LEU A CD2 
438 N N   . LEU A 55  ? 0.6939 0.8284 0.5472 -0.1803 0.0445  -0.2516 1848 LEU A N   
439 C CA  . LEU A 55  ? 0.7380 0.8910 0.5879 -0.1860 0.0429  -0.2639 1848 LEU A CA  
440 C C   . LEU A 55  ? 0.7869 0.9592 0.6149 -0.1983 0.0548  -0.2707 1848 LEU A C   
441 O O   . LEU A 55  ? 0.8010 0.9884 0.6026 -0.2079 0.0512  -0.2708 1848 LEU A O   
442 C CB  . LEU A 55  ? 0.7109 0.8617 0.6035 -0.1773 0.0444  -0.2816 1848 LEU A CB  
443 C CG  . LEU A 55  ? 0.6666 0.8031 0.5826 -0.1692 0.0323  -0.2761 1848 LEU A CG  
444 C CD1 . LEU A 55  ? 0.6447 0.7740 0.5966 -0.1635 0.0344  -0.2925 1848 LEU A CD1 
445 C CD2 . LEU A 55  ? 0.6729 0.8202 0.5657 -0.1754 0.0172  -0.2661 1848 LEU A CD2 
446 N N   . ARG A 56  ? 0.8301 1.0055 0.6699 -0.1985 0.0686  -0.2762 1849 ARG A N   
447 C CA  . ARG A 56  ? 0.9069 1.1072 0.7335 -0.2108 0.0819  -0.2851 1849 ARG A CA  
448 C C   . ARG A 56  ? 0.9519 1.1491 0.7329 -0.2263 0.0819  -0.2637 1849 ARG A C   
449 O O   . ARG A 56  ? 0.9988 1.2148 0.7657 -0.2401 0.0935  -0.2655 1849 ARG A O   
450 C CB  . ARG A 56  ? 0.9271 1.1377 0.7927 -0.2031 0.0955  -0.3028 1849 ARG A CB  
451 C CG  . ARG A 56  ? 0.9791 1.2223 0.8401 -0.2148 0.1108  -0.3145 1849 ARG A CG  
452 C CD  . ARG A 56  ? 0.9844 1.2391 0.8899 -0.2019 0.1205  -0.3334 1849 ARG A CD  
453 N NE  . ARG A 56  ? 1.0162 1.3045 0.9198 -0.2135 0.1348  -0.3407 1849 ARG A NE  
454 C CZ  . ARG A 56  ? 1.0293 1.3396 0.9683 -0.2045 0.1440  -0.3599 1849 ARG A CZ  
455 N NH1 . ARG A 56  ? 1.0422 1.3393 1.0191 -0.1826 0.1400  -0.3727 1849 ARG A NH1 
456 N NH2 . ARG A 56  ? 1.0484 1.3947 0.9839 -0.2177 0.1560  -0.3657 1849 ARG A NH2 
457 N N   . GLY A 57  ? 0.9739 1.1469 0.7307 -0.2241 0.0678  -0.2428 1850 GLY A N   
458 C CA  . GLY A 57  ? 1.0179 1.1777 0.7245 -0.2368 0.0634  -0.2189 1850 GLY A CA  
459 C C   . GLY A 57  ? 1.0132 1.1647 0.7119 -0.2466 0.0744  -0.2114 1850 GLY A C   
460 O O   . GLY A 57  ? 1.0315 1.1759 0.6878 -0.2631 0.0748  -0.1940 1850 GLY A O   
461 N N   . GLY A 58  ? 0.9560 1.1074 0.6952 -0.2371 0.0824  -0.2233 1851 GLY A N   
462 C CA  . GLY A 58  ? 0.9511 1.1020 0.6902 -0.2468 0.0938  -0.2203 1851 GLY A CA  
463 C C   . GLY A 58  ? 0.9530 1.0644 0.6671 -0.2473 0.0850  -0.1924 1851 GLY A C   
464 O O   . GLY A 58  ? 0.9213 1.0289 0.6358 -0.2563 0.0930  -0.1877 1851 GLY A O   
465 N N   . TYR A 59  ? 0.9781 1.0609 0.6761 -0.2353 0.0675  -0.1720 1852 TYR A N   
466 C CA  . TYR A 59  ? 1.0045 1.0450 0.6812 -0.2303 0.0569  -0.1433 1852 TYR A CA  
467 C C   . TYR A 59  ? 1.1383 1.1604 0.7552 -0.2460 0.0496  -0.1215 1852 TYR A C   
468 O O   . TYR A 59  ? 1.1939 1.2163 0.7899 -0.2411 0.0379  -0.1148 1852 TYR A O   
469 C CB  . TYR A 59  ? 0.8901 0.9103 0.5896 -0.2029 0.0418  -0.1342 1852 TYR A CB  
470 C CG  . TYR A 59  ? 0.7516 0.7769 0.5034 -0.1881 0.0468  -0.1466 1852 TYR A CG  
471 C CD1 . TYR A 59  ? 0.7020 0.7123 0.4633 -0.1886 0.0521  -0.1417 1852 TYR A CD1 
472 C CD2 . TYR A 59  ? 0.6823 0.7256 0.4716 -0.1750 0.0453  -0.1622 1852 TYR A CD2 
473 C CE1 . TYR A 59  ? 0.6455 0.6613 0.4522 -0.1747 0.0556  -0.1515 1852 TYR A CE1 
474 C CE2 . TYR A 59  ? 0.6283 0.6730 0.4621 -0.1620 0.0488  -0.1709 1852 TYR A CE2 
475 C CZ  . TYR A 59  ? 0.6150 0.6472 0.4574 -0.1610 0.0537  -0.1652 1852 TYR A CZ  
476 O OH  . TYR A 59  ? 0.5810 0.6158 0.4657 -0.1477 0.0560  -0.1725 1852 TYR A OH  
477 N N   . THR A 60  ? 1.2399 1.2458 0.8282 -0.2658 0.0558  -0.1096 1853 THR A N   
478 C CA  . THR A 60  ? 1.3302 1.3113 0.8572 -0.2835 0.0486  -0.0857 1853 THR A CA  
479 C C   . THR A 60  ? 1.3963 1.3317 0.9009 -0.2618 0.0260  -0.0602 1853 THR A C   
480 O O   . THR A 60  ? 1.4655 1.3895 0.9269 -0.2653 0.0146  -0.0442 1853 THR A O   
481 C CB  . THR A 60  ? 1.3762 1.3408 0.8787 -0.3097 0.0582  -0.0756 1853 THR A CB  
482 O OG1 . THR A 60  ? 1.3725 1.3884 0.8956 -0.3296 0.0796  -0.1001 1853 THR A OG1 
483 C CG2 . THR A 60  ? 1.4488 1.3801 0.8834 -0.3299 0.0495  -0.0477 1853 THR A CG2 
484 N N   . SER A 61  ? 1.2990 1.2119 0.8337 -0.2379 0.0193  -0.0574 1854 SER A N   
485 C CA  . SER A 61  ? 1.2762 1.1476 0.7933 -0.2143 -0.0011 -0.0352 1854 SER A CA  
486 C C   . SER A 61  ? 1.1817 1.0470 0.7447 -0.1865 -0.0048 -0.0405 1854 SER A C   
487 O O   . SER A 61  ? 1.1015 0.9923 0.7089 -0.1863 0.0076  -0.0596 1854 SER A O   
488 C CB  . SER A 61  ? 1.3382 1.1558 0.8009 -0.2268 -0.0081 -0.0094 1854 SER A CB  
489 O OG  . SER A 61  ? 1.3303 1.1357 0.8009 -0.2427 0.0041  -0.0129 1854 SER A OG  
490 N N   . SER A 62  ? 1.1707 1.0040 0.7221 -0.1623 -0.0223 -0.0235 1855 SER A N   
491 C CA  . SER A 62  ? 1.1036 0.9389 0.6963 -0.1345 -0.0270 -0.0281 1855 SER A CA  
492 C C   . SER A 62  ? 1.0685 0.8805 0.6763 -0.1344 -0.0202 -0.0294 1855 SER A C   
493 O O   . SER A 62  ? 1.0231 0.8499 0.6735 -0.1192 -0.0173 -0.0395 1855 SER A O   
494 C CB  . SER A 62  ? 1.1081 0.9226 0.6835 -0.1068 -0.0475 -0.0111 1855 SER A CB  
495 O OG  . SER A 62  ? 1.1496 0.9080 0.6783 -0.1054 -0.0574 0.0098  1855 SER A OG  
496 N N   . GLU A 63  ? 1.1030 0.8792 0.6750 -0.1530 -0.0179 -0.0189 1856 GLU A N   
497 C CA  . GLU A 63  ? 1.0934 0.8481 0.6770 -0.1557 -0.0122 -0.0206 1856 GLU A CA  
498 C C   . GLU A 63  ? 1.0064 0.8052 0.6331 -0.1697 0.0063  -0.0424 1856 GLU A C   
499 O O   . GLU A 63  ? 0.9655 0.7660 0.6230 -0.1623 0.0103  -0.0495 1856 GLU A O   
500 C CB  . GLU A 63  ? 1.2061 0.9096 0.7375 -0.1762 -0.0151 -0.0037 1856 GLU A CB  
501 C CG  . GLU A 63  ? 1.3136 0.9764 0.7918 -0.1705 -0.0321 0.0185  1856 GLU A CG  
502 C CD  . GLU A 63  ? 1.3881 1.0753 0.8410 -0.1927 -0.0282 0.0207  1856 GLU A CD  
503 O OE1 . GLU A 63  ? 1.3875 1.1261 0.8682 -0.2093 -0.0119 0.0020  1856 GLU A OE1 
504 O OE2 . GLU A 63  ? 1.4787 1.1342 0.8836 -0.1922 -0.0419 0.0405  1856 GLU A OE2 
505 N N   . GLU A 64  ? 0.9665 0.8020 0.5947 -0.1887 0.0170  -0.0535 1857 GLU A N   
506 C CA  . GLU A 64  ? 0.8877 0.7685 0.5586 -0.1975 0.0336  -0.0766 1857 GLU A CA  
507 C C   . GLU A 64  ? 0.7866 0.6913 0.5071 -0.1726 0.0319  -0.0895 1857 GLU A C   
508 O O   . GLU A 64  ? 0.7493 0.6711 0.5088 -0.1684 0.0398  -0.1021 1857 GLU A O   
509 C CB  . GLU A 64  ? 0.9022 0.8178 0.5611 -0.2209 0.0451  -0.0878 1857 GLU A CB  
510 C CG  . GLU A 64  ? 0.9421 0.8495 0.5626 -0.2530 0.0533  -0.0805 1857 GLU A CG  
511 C CD  . GLU A 64  ? 0.9451 0.9015 0.5657 -0.2755 0.0690  -0.0980 1857 GLU A CD  
512 O OE1 . GLU A 64  ? 0.9760 0.9403 0.5755 -0.3041 0.0798  -0.0968 1857 GLU A OE1 
513 O OE2 . GLU A 64  ? 0.9221 0.9103 0.5634 -0.2656 0.0708  -0.1140 1857 GLU A OE2 
514 N N   . PHE A 65  ? 0.7508 0.6578 0.4689 -0.1573 0.0211  -0.0853 1858 PHE A N   
515 C CA  . PHE A 65  ? 0.6720 0.6001 0.4330 -0.1368 0.0181  -0.0949 1858 PHE A CA  
516 C C   . PHE A 65  ? 0.6415 0.5507 0.4220 -0.1176 0.0129  -0.0878 1858 PHE A C   
517 O O   . PHE A 65  ? 0.6037 0.5306 0.4254 -0.1091 0.0173  -0.0982 1858 PHE A O   
518 C CB  . PHE A 65  ? 0.6638 0.5999 0.4137 -0.1271 0.0063  -0.0900 1858 PHE A CB  
519 C CG  . PHE A 65  ? 0.6078 0.5648 0.3985 -0.1090 0.0020  -0.0973 1858 PHE A CG  
520 C CD1 . PHE A 65  ? 0.5927 0.5377 0.3889 -0.0869 -0.0099 -0.0845 1858 PHE A CD1 
521 C CD2 . PHE A 65  ? 0.5738 0.5619 0.3960 -0.1147 0.0096  -0.1172 1858 PHE A CD2 
522 C CE1 . PHE A 65  ? 0.5547 0.5225 0.3872 -0.0738 -0.0131 -0.0899 1858 PHE A CE1 
523 C CE2 . PHE A 65  ? 0.5356 0.5390 0.3926 -0.1016 0.0051  -0.1221 1858 PHE A CE2 
524 C CZ  . PHE A 65  ? 0.5267 0.5220 0.3889 -0.0828 -0.0059 -0.1076 1858 PHE A CZ  
525 N N   . ALA A 66  ? 0.6741 0.5457 0.4230 -0.1104 0.0027  -0.0700 1859 ALA A N   
526 C CA  . ALA A 66  ? 0.6600 0.5122 0.4216 -0.0913 -0.0029 -0.0638 1859 ALA A CA  
527 C C   . ALA A 66  ? 0.6385 0.4912 0.4192 -0.1012 0.0080  -0.0719 1859 ALA A C   
528 O O   . ALA A 66  ? 0.6023 0.4596 0.4119 -0.0872 0.0076  -0.0746 1859 ALA A O   
529 C CB  . ALA A 66  ? 0.7016 0.5088 0.4204 -0.0814 -0.0164 -0.0453 1859 ALA A CB  
530 N N   . ALA A 67  ? 0.6556 0.5079 0.4199 -0.1262 0.0175  -0.0755 1860 ALA A N   
531 C CA  . ALA A 67  ? 0.6433 0.5025 0.4252 -0.1381 0.0276  -0.0837 1860 ALA A CA  
532 C C   . ALA A 67  ? 0.5870 0.4875 0.4208 -0.1311 0.0360  -0.1011 1860 ALA A C   
533 O O   . ALA A 67  ? 0.5620 0.4676 0.4212 -0.1258 0.0385  -0.1051 1860 ALA A O   
534 C CB  . ALA A 67  ? 0.6827 0.5417 0.4367 -0.1686 0.0368  -0.0846 1860 ALA A CB  
535 N N   . ASP A 68  ? 0.5766 0.5046 0.4245 -0.1309 0.0394  -0.1113 1861 ASP A N   
536 C CA  . ASP A 68  ? 0.5433 0.5034 0.4378 -0.1234 0.0456  -0.1277 1861 ASP A CA  
537 C C   . ASP A 68  ? 0.4948 0.4504 0.4143 -0.1004 0.0368  -0.1224 1861 ASP A C   
538 O O   . ASP A 68  ? 0.4523 0.4203 0.4063 -0.0926 0.0398  -0.1288 1861 ASP A O   
539 C CB  . ASP A 68  ? 0.5588 0.5440 0.4572 -0.1302 0.0506  -0.1416 1861 ASP A CB  
540 C CG  . ASP A 68  ? 0.5773 0.5868 0.4751 -0.1499 0.0646  -0.1569 1861 ASP A CG  
541 O OD1 . ASP A 68  ? 0.5681 0.5817 0.4731 -0.1565 0.0710  -0.1587 1861 ASP A OD1 
542 O OD2 . ASP A 68  ? 0.6175 0.6457 0.5077 -0.1588 0.0694  -0.1682 1861 ASP A OD2 
543 N N   . ALA A 69  ? 0.4910 0.4316 0.3927 -0.0896 0.0258  -0.1099 1862 ALA A N   
544 C CA  . ALA A 69  ? 0.4609 0.4027 0.3838 -0.0692 0.0178  -0.1039 1862 ALA A CA  
545 C C   . ALA A 69  ? 0.4318 0.3596 0.3609 -0.0607 0.0168  -0.0979 1862 ALA A C   
546 O O   . ALA A 69  ? 0.4015 0.3418 0.3619 -0.0507 0.0171  -0.1000 1862 ALA A O   
547 C CB  . ALA A 69  ? 0.4766 0.4101 0.3770 -0.0587 0.0062  -0.0923 1862 ALA A CB  
548 N N   . LEU A 70  ? 0.4691 0.3691 0.3661 -0.0660 0.0150  -0.0903 1863 LEU A N   
549 C CA  . LEU A 70  ? 0.4722 0.3561 0.3699 -0.0603 0.0135  -0.0862 1863 LEU A CA  
550 C C   . LEU A 70  ? 0.4564 0.3605 0.3825 -0.0699 0.0233  -0.0973 1863 LEU A C   
551 O O   . LEU A 70  ? 0.4549 0.3604 0.3975 -0.0616 0.0223  -0.0966 1863 LEU A O   
552 C CB  . LEU A 70  ? 0.5277 0.3713 0.3805 -0.0670 0.0088  -0.0767 1863 LEU A CB  
553 C CG  . LEU A 70  ? 0.5843 0.4019 0.4064 -0.0519 -0.0037 -0.0644 1863 LEU A CG  
554 C CD1 . LEU A 70  ? 0.6395 0.4088 0.4149 -0.0597 -0.0091 -0.0549 1863 LEU A CD1 
555 C CD2 . LEU A 70  ? 0.5760 0.4013 0.4172 -0.0253 -0.0107 -0.0615 1863 LEU A CD2 
556 N N   . LEU A 71  ? 0.4509 0.3736 0.3827 -0.0864 0.0326  -0.1079 1864 LEU A N   
557 C CA  . LEU A 71  ? 0.4303 0.3785 0.3918 -0.0932 0.0417  -0.1203 1864 LEU A CA  
558 C C   . LEU A 71  ? 0.4130 0.3812 0.4161 -0.0765 0.0405  -0.1250 1864 LEU A C   
559 O O   . LEU A 71  ? 0.4140 0.3941 0.4414 -0.0724 0.0424  -0.1285 1864 LEU A O   
560 C CB  . LEU A 71  ? 0.4330 0.4019 0.3917 -0.1121 0.0521  -0.1327 1864 LEU A CB  
561 C CG  . LEU A 71  ? 0.4279 0.4309 0.4197 -0.1170 0.0621  -0.1485 1864 LEU A CG  
562 C CD1 . LEU A 71  ? 0.4198 0.4205 0.4112 -0.1232 0.0625  -0.1454 1864 LEU A CD1 
563 C CD2 . LEU A 71  ? 0.4346 0.4615 0.4204 -0.1346 0.0730  -0.1622 1864 LEU A CD2 
564 N N   . VAL A 72  ? 0.3894 0.3609 0.3992 -0.0680 0.0368  -0.1243 1865 VAL A N   
565 C CA  . VAL A 72  ? 0.3642 0.3487 0.4089 -0.0548 0.0343  -0.1261 1865 VAL A CA  
566 C C   . VAL A 72  ? 0.3405 0.3181 0.3922 -0.0415 0.0282  -0.1146 1865 VAL A C   
567 O O   . VAL A 72  ? 0.3224 0.3112 0.4021 -0.0351 0.0286  -0.1161 1865 VAL A O   
568 C CB  . VAL A 72  ? 0.3737 0.3606 0.4186 -0.0512 0.0299  -0.1253 1865 VAL A CB  
569 C CG1 . VAL A 72  ? 0.3649 0.3606 0.4424 -0.0405 0.0263  -0.1240 1865 VAL A CG1 
570 C CG2 . VAL A 72  ? 0.3850 0.3817 0.4246 -0.0638 0.0359  -0.1391 1865 VAL A CG2 
571 N N   . PHE A 73  ? 0.3586 0.3177 0.3834 -0.0368 0.0222  -0.1035 1866 PHE A N   
572 C CA  . PHE A 73  ? 0.3590 0.3132 0.3864 -0.0230 0.0163  -0.0941 1866 PHE A CA  
573 C C   . PHE A 73  ? 0.3582 0.3047 0.3803 -0.0269 0.0181  -0.0951 1866 PHE A C   
574 O O   . PHE A 73  ? 0.3624 0.3132 0.3957 -0.0174 0.0152  -0.0910 1866 PHE A O   
575 C CB  . PHE A 73  ? 0.3718 0.3113 0.3735 -0.0127 0.0084  -0.0843 1866 PHE A CB  
576 C CG  . PHE A 73  ? 0.3657 0.3167 0.3705 -0.0107 0.0058  -0.0836 1866 PHE A CG  
577 C CD1 . PHE A 73  ? 0.3442 0.3177 0.3804 -0.0097 0.0068  -0.0861 1866 PHE A CD1 
578 C CD2 . PHE A 73  ? 0.3746 0.3130 0.3499 -0.0113 0.0013  -0.0801 1866 PHE A CD2 
579 C CE1 . PHE A 73  ? 0.3324 0.3176 0.3712 -0.0109 0.0039  -0.0866 1866 PHE A CE1 
580 C CE2 . PHE A 73  ? 0.3585 0.3119 0.3369 -0.0104 -0.0019 -0.0801 1866 PHE A CE2 
581 C CZ  . PHE A 73  ? 0.3385 0.3167 0.3494 -0.0111 -0.0004 -0.0842 1866 PHE A CZ  
582 N N   . ASP A 74  ? 0.3710 0.3086 0.3751 -0.0429 0.0229  -0.1004 1867 ASP A N   
583 C CA  . ASP A 74  ? 0.3853 0.3206 0.3864 -0.0516 0.0251  -0.1033 1867 ASP A CA  
584 C C   . ASP A 74  ? 0.3612 0.3279 0.4009 -0.0510 0.0298  -0.1114 1867 ASP A C   
585 O O   . ASP A 74  ? 0.3458 0.3188 0.3958 -0.0470 0.0276  -0.1104 1867 ASP A O   
586 C CB  . ASP A 74  ? 0.4306 0.3516 0.4024 -0.0729 0.0295  -0.1063 1867 ASP A CB  
587 C CG  . ASP A 74  ? 0.4832 0.3630 0.4116 -0.0731 0.0222  -0.0961 1867 ASP A CG  
588 O OD1 . ASP A 74  ? 0.4954 0.3597 0.4180 -0.0564 0.0146  -0.0898 1867 ASP A OD1 
589 O OD2 . ASP A 74  ? 0.5240 0.3868 0.4231 -0.0892 0.0241  -0.0946 1867 ASP A OD2 
590 N N   . ASN A 75  ? 0.3483 0.3341 0.4082 -0.0535 0.0352  -0.1202 1868 ASN A N   
591 C CA  . ASN A 75  ? 0.3320 0.3448 0.4296 -0.0487 0.0383  -0.1285 1868 ASN A CA  
592 C C   . ASN A 75  ? 0.3042 0.3186 0.4227 -0.0312 0.0313  -0.1197 1868 ASN A C   
593 O O   . ASN A 75  ? 0.2970 0.3259 0.4376 -0.0253 0.0298  -0.1202 1868 ASN A O   
594 C CB  . ASN A 75  ? 0.3244 0.3521 0.4365 -0.0523 0.0446  -0.1413 1868 ASN A CB  
595 C CG  . ASN A 75  ? 0.3243 0.3613 0.4204 -0.0711 0.0535  -0.1517 1868 ASN A CG  
596 O OD1 . ASN A 75  ? 0.3201 0.3585 0.4033 -0.0827 0.0556  -0.1510 1868 ASN A OD1 
597 N ND2 . ASN A 75  ? 0.3316 0.3763 0.4273 -0.0762 0.0588  -0.1618 1868 ASN A ND2 
598 N N   . CYS A 76  ? 0.3023 0.3046 0.4133 -0.0239 0.0266  -0.1111 1869 CYS A N   
599 C CA  . CYS A 76  ? 0.2781 0.2841 0.4060 -0.0106 0.0206  -0.1012 1869 CYS A CA  
600 C C   . CYS A 76  ? 0.2826 0.2882 0.4049 -0.0045 0.0165  -0.0933 1869 CYS A C   
601 O O   . CYS A 76  ? 0.2715 0.2890 0.4142 0.0029  0.0136  -0.0887 1869 CYS A O   
602 C CB  . CYS A 76  ? 0.2745 0.2735 0.3926 -0.0065 0.0169  -0.0940 1869 CYS A CB  
603 S SG  . CYS A 76  ? 0.3062 0.3150 0.4432 0.0054  0.0106  -0.0806 1869 CYS A SG  
604 N N   . GLN A 77  ? 0.2904 0.2800 0.3827 -0.0079 0.0157  -0.0919 1870 GLN A N   
605 C CA  . GLN A 77  ? 0.3012 0.2873 0.3835 -0.0026 0.0114  -0.0871 1870 GLN A CA  
606 C C   . GLN A 77  ? 0.2979 0.2958 0.3902 -0.0104 0.0134  -0.0936 1870 GLN A C   
607 O O   . GLN A 77  ? 0.2997 0.3042 0.3942 -0.0055 0.0096  -0.0905 1870 GLN A O   
608 C CB  . GLN A 77  ? 0.3191 0.2779 0.3639 -0.0026 0.0087  -0.0850 1870 GLN A CB  
609 C CG  . GLN A 77  ? 0.3167 0.2694 0.3521 0.0090  0.0051  -0.0782 1870 GLN A CG  
610 C CD  . GLN A 77  ? 0.3387 0.2612 0.3362 0.0121  0.0010  -0.0769 1870 GLN A CD  
611 O OE1 . GLN A 77  ? 0.3460 0.2585 0.3292 0.0226  -0.0035 -0.0749 1870 GLN A OE1 
612 N NE2 . GLN A 77  ? 0.3574 0.2638 0.3370 0.0037  0.0019  -0.0780 1870 GLN A NE2 
613 N N   . THR A 78  ? 0.3043 0.3096 0.4028 -0.0230 0.0195  -0.1035 1871 THR A N   
614 C CA  . THR A 78  ? 0.3055 0.3307 0.4171 -0.0311 0.0218  -0.1114 1871 THR A CA  
615 C C   . THR A 78  ? 0.2992 0.3504 0.4480 -0.0189 0.0196  -0.1109 1871 THR A C   
616 O O   . THR A 78  ? 0.3021 0.3692 0.4610 -0.0167 0.0160  -0.1103 1871 THR A O   
617 C CB  . THR A 78  ? 0.3195 0.3519 0.4275 -0.0486 0.0301  -0.1231 1871 THR A CB  
618 O OG1 . THR A 78  ? 0.3396 0.3437 0.4089 -0.0620 0.0309  -0.1210 1871 THR A OG1 
619 C CG2 . THR A 78  ? 0.3257 0.3887 0.4525 -0.0566 0.0328  -0.1322 1871 THR A CG2 
620 N N   . PHE A 79  ? 0.2990 0.3524 0.4664 -0.0112 0.0204  -0.1107 1872 PHE A N   
621 C CA  . PHE A 79  ? 0.2988 0.3695 0.5000 0.0006  0.0173  -0.1102 1872 PHE A CA  
622 C C   . PHE A 79  ? 0.2949 0.3603 0.5011 0.0129  0.0095  -0.0945 1872 PHE A C   
623 O O   . PHE A 79  ? 0.2799 0.3582 0.5055 0.0218  0.0043  -0.0894 1872 PHE A O   
624 C CB  . PHE A 79  ? 0.2962 0.3687 0.5151 0.0019  0.0217  -0.1201 1872 PHE A CB  
625 C CG  . PHE A 79  ? 0.3026 0.3876 0.5551 0.0152  0.0179  -0.1217 1872 PHE A CG  
626 C CD1 . PHE A 79  ? 0.2997 0.4109 0.5721 0.0176  0.0197  -0.1333 1872 PHE A CD1 
627 C CD2 . PHE A 79  ? 0.3075 0.3783 0.5713 0.0254  0.0117  -0.1113 1872 PHE A CD2 
628 C CE1 . PHE A 79  ? 0.3108 0.4315 0.6138 0.0335  0.0145  -0.1346 1872 PHE A CE1 
629 C CE2 . PHE A 79  ? 0.3129 0.3878 0.6046 0.0384  0.0065  -0.1113 1872 PHE A CE2 
630 C CZ  . PHE A 79  ? 0.3178 0.4166 0.6293 0.0443  0.0074  -0.1231 1872 PHE A CZ  
631 N N   . ASN A 80  ? 0.3651 0.3294 0.5698 -0.0190 0.0228  0.0091  1873 ASN A N   
632 C CA  . ASN A 80  ? 0.3716 0.3509 0.5753 -0.0137 0.0219  0.0238  1873 ASN A CA  
633 C C   . ASN A 80  ? 0.3847 0.3802 0.5475 -0.0144 0.0104  0.0191  1873 ASN A C   
634 O O   . ASN A 80  ? 0.3720 0.3514 0.5021 -0.0173 0.0060  -0.0027 1873 ASN A O   
635 C CB  . ASN A 80  ? 0.3694 0.3271 0.5797 -0.0125 0.0333  0.0162  1873 ASN A CB  
636 C CG  . ASN A 80  ? 0.3549 0.2925 0.6023 -0.0126 0.0461  0.0151  1873 ASN A CG  
637 O OD1 . ASN A 80  ? 0.3625 0.3040 0.6463 -0.0085 0.0525  0.0345  1873 ASN A OD1 
638 N ND2 . ASN A 80  ? 0.3502 0.2649 0.5873 -0.0166 0.0507  -0.0075 1873 ASN A ND2 
639 N N   . GLU A 81  ? 0.4063 0.4325 0.5705 -0.0111 0.0065  0.0401  1874 GLU A N   
640 C CA  . GLU A 81  ? 0.4409 0.4866 0.5655 -0.0105 -0.0015 0.0348  1874 GLU A CA  
641 C C   . GLU A 81  ? 0.3914 0.4211 0.4969 -0.0069 0.0057  0.0176  1874 GLU A C   
642 O O   . GLU A 81  ? 0.3641 0.3802 0.4916 -0.0057 0.0160  0.0196  1874 GLU A O   
643 C CB  . GLU A 81  ? 0.5038 0.5893 0.6341 -0.0078 -0.0045 0.0645  1874 GLU A CB  
644 C CG  . GLU A 81  ? 0.5563 0.6668 0.7063 -0.0092 -0.0146 0.0850  1874 GLU A CG  
645 C CD  . GLU A 81  ? 0.6244 0.7674 0.7380 -0.0140 -0.0308 0.0806  1874 GLU A CD  
646 O OE1 . GLU A 81  ? 0.6315 0.7592 0.7150 -0.0202 -0.0366 0.0510  1874 GLU A OE1 
647 O OE2 . GLU A 81  ? 0.6989 0.8818 0.8129 -0.0122 -0.0380 0.1069  1874 GLU A OE2 
648 N N   . ASP A 82  ? 0.3863 0.4184 0.4523 -0.0046 0.0000  -0.0005 1875 ASP A N   
649 C CA  . ASP A 82  ? 0.3752 0.3977 0.4245 0.0022  0.0056  -0.0167 1875 ASP A CA  
650 C C   . ASP A 82  ? 0.3835 0.4347 0.4465 0.0056  0.0148  0.0004  1875 ASP A C   
651 O O   . ASP A 82  ? 0.3712 0.4179 0.4411 0.0088  0.0222  -0.0065 1875 ASP A O   
652 C CB  . ASP A 82  ? 0.3792 0.3974 0.3853 0.0067  -0.0015 -0.0397 1875 ASP A CB  
653 C CG  . ASP A 82  ? 0.3767 0.3590 0.3694 0.0013  -0.0090 -0.0578 1875 ASP A CG  
654 O OD1 . ASP A 82  ? 0.3586 0.3130 0.3654 -0.0006 -0.0055 -0.0614 1875 ASP A OD1 
655 O OD2 . ASP A 82  ? 0.4012 0.3836 0.3680 -0.0029 -0.0180 -0.0688 1875 ASP A OD2 
656 N N   . ASP A 83  ? 0.4108 0.4942 0.4784 0.0035  0.0139  0.0244  1876 ASP A N   
657 C CA  . ASP A 83  ? 0.4311 0.5438 0.5099 0.0043  0.0237  0.0453  1876 ASP A CA  
658 C C   . ASP A 83  ? 0.4097 0.5158 0.5344 -0.0012 0.0312  0.0721  1876 ASP A C   
659 O O   . ASP A 83  ? 0.4026 0.5288 0.5427 -0.0037 0.0401  0.0945  1876 ASP A O   
660 C CB  . ASP A 83  ? 0.4636 0.6178 0.5146 0.0054  0.0195  0.0584  1876 ASP A CB  
661 C CG  . ASP A 83  ? 0.4679 0.6337 0.5250 0.0013  0.0087  0.0790  1876 ASP A CG  
662 O OD1 . ASP A 83  ? 0.4586 0.5991 0.5344 -0.0012 0.0031  0.0746  1876 ASP A OD1 
663 O OD2 . ASP A 83  ? 0.4935 0.6983 0.5369 0.0008  0.0057  0.1006  1876 ASP A OD2 
664 N N   . SER A 84  ? 0.4021 0.4788 0.5495 -0.0033 0.0291  0.0693  1877 SER A N   
665 C CA  . SER A 84  ? 0.3996 0.4611 0.5923 -0.0067 0.0379  0.0885  1877 SER A CA  
666 C C   . SER A 84  ? 0.4003 0.4415 0.6077 -0.0111 0.0481  0.0735  1877 SER A C   
667 O O   . SER A 84  ? 0.3859 0.4216 0.5706 -0.0095 0.0462  0.0477  1877 SER A O   
668 C CB  . SER A 84  ? 0.3856 0.4266 0.5982 -0.0059 0.0341  0.0875  1877 SER A CB  
669 O OG  . SER A 84  ? 0.3756 0.3886 0.5775 -0.0074 0.0336  0.0567  1877 SER A OG  
670 N N   . GLU A 85  ? 0.4345 0.4640 0.6808 -0.0165 0.0583  0.0900  1878 GLU A N   
671 C CA  . GLU A 85  ? 0.4622 0.4759 0.7257 -0.0245 0.0672  0.0757  1878 GLU A CA  
672 C C   . GLU A 85  ? 0.4057 0.3900 0.6626 -0.0246 0.0649  0.0435  1878 GLU A C   
673 O O   . GLU A 85  ? 0.3781 0.3622 0.6244 -0.0272 0.0645  0.0226  1878 GLU A O   
674 C CB  . GLU A 85  ? 0.5415 0.5403 0.8501 -0.0324 0.0788  0.0982  1878 GLU A CB  
675 C CG  . GLU A 85  ? 0.5986 0.6260 0.9140 -0.0350 0.0834  0.1337  1878 GLU A CG  
676 C CD  . GLU A 85  ? 0.6363 0.6972 0.9328 -0.0397 0.0861  0.1279  1878 GLU A CD  
677 O OE1 . GLU A 85  ? 0.6663 0.7204 0.9731 -0.0479 0.0905  0.1073  1878 GLU A OE1 
678 O OE2 . GLU A 85  ? 0.6690 0.7664 0.9403 -0.0351 0.0839  0.1431  1878 GLU A OE2 
679 N N   . VAL A 86  ? 0.3751 0.3390 0.6388 -0.0214 0.0631  0.0410  1879 VAL A N   
680 C CA  . VAL A 86  ? 0.3450 0.2836 0.5984 -0.0221 0.0620  0.0131  1879 VAL A CA  
681 C C   . VAL A 86  ? 0.3227 0.2685 0.5327 -0.0174 0.0513  -0.0039 1879 VAL A C   
682 O O   . VAL A 86  ? 0.3343 0.2680 0.5279 -0.0183 0.0496  -0.0255 1879 VAL A O   
683 C CB  . VAL A 86  ? 0.3483 0.2696 0.6217 -0.0197 0.0649  0.0161  1879 VAL A CB  
684 C CG1 . VAL A 86  ? 0.3437 0.2440 0.5997 -0.0214 0.0648  -0.0114 1879 VAL A CG1 
685 C CG2 . VAL A 86  ? 0.3429 0.2483 0.6620 -0.0216 0.0772  0.0295  1879 VAL A CG2 
686 N N   . GLY A 87  ? 0.3147 0.2793 0.5056 -0.0123 0.0435  0.0061  1880 GLY A N   
687 C CA  . GLY A 87  ? 0.3171 0.2832 0.4676 -0.0078 0.0339  -0.0104 1880 GLY A CA  
688 C C   . GLY A 87  ? 0.3288 0.3044 0.4616 -0.0035 0.0340  -0.0220 1880 GLY A C   
689 O O   . GLY A 87  ? 0.3261 0.2875 0.4346 0.0010  0.0291  -0.0416 1880 GLY A O   
690 N N   . LYS A 88  ? 0.3218 0.3232 0.4690 -0.0043 0.0398  -0.0082 1881 LYS A N   
691 C CA  . LYS A 88  ? 0.3278 0.3480 0.4660 0.0000  0.0415  -0.0175 1881 LYS A CA  
692 C C   . LYS A 88  ? 0.3035 0.3081 0.4535 -0.0035 0.0427  -0.0337 1881 LYS A C   
693 O O   . LYS A 88  ? 0.2954 0.3041 0.4282 0.0042  0.0382  -0.0498 1881 LYS A O   
694 C CB  . LYS A 88  ? 0.3523 0.4075 0.5077 -0.0035 0.0499  0.0038  1881 LYS A CB  
695 C CG  . LYS A 88  ? 0.3846 0.4657 0.5182 0.0015  0.0477  0.0178  1881 LYS A CG  
696 C CD  . LYS A 88  ? 0.4038 0.5232 0.5503 -0.0025 0.0578  0.0405  1881 LYS A CD  
697 C CE  . LYS A 88  ? 0.4063 0.5172 0.5935 -0.0145 0.0652  0.0672  1881 LYS A CE  
698 N NZ  . LYS A 88  ? 0.4327 0.5790 0.6320 -0.0206 0.0758  0.0939  1881 LYS A NZ  
699 N N   . ALA A 89  ? 0.2906 0.2780 0.4695 -0.0143 0.0483  -0.0300 1882 ALA A N   
700 C CA  . ALA A 89  ? 0.2925 0.2657 0.4803 -0.0204 0.0489  -0.0476 1882 ALA A CA  
701 C C   . ALA A 89  ? 0.3022 0.2518 0.4600 -0.0145 0.0410  -0.0661 1882 ALA A C   
702 O O   . ALA A 89  ? 0.3140 0.2632 0.4612 -0.0130 0.0362  -0.0814 1882 ALA A O   
703 C CB  . ALA A 89  ? 0.2954 0.2504 0.5189 -0.0332 0.0583  -0.0425 1882 ALA A CB  
704 N N   . GLY A 90  ? 0.2995 0.2322 0.4445 -0.0118 0.0390  -0.0627 1883 GLY A N   
705 C CA  . GLY A 90  ? 0.2907 0.1991 0.4080 -0.0088 0.0332  -0.0765 1883 GLY A CA  
706 C C   . GLY A 90  ? 0.2957 0.2057 0.3796 0.0027  0.0239  -0.0856 1883 GLY A C   
707 O O   . GLY A 90  ? 0.2906 0.1839 0.3548 0.0056  0.0190  -0.0974 1883 GLY A O   
708 N N   . HIS A 91  ? 0.2977 0.2274 0.3742 0.0103  0.0220  -0.0797 1884 HIS A N   
709 C CA  . HIS A 91  ? 0.3225 0.2524 0.3698 0.0244  0.0152  -0.0901 1884 HIS A CA  
710 C C   . HIS A 91  ? 0.3198 0.2649 0.3724 0.0314  0.0136  -0.0977 1884 HIS A C   
711 O O   . HIS A 91  ? 0.3427 0.2754 0.3736 0.0433  0.0065  -0.1078 1884 HIS A O   
712 C CB  . HIS A 91  ? 0.3280 0.2807 0.3668 0.0308  0.0159  -0.0850 1884 HIS A CB  
713 C CG  . HIS A 91  ? 0.3438 0.2838 0.3687 0.0259  0.0125  -0.0818 1884 HIS A CG  
714 N ND1 . HIS A 91  ? 0.3592 0.2651 0.3608 0.0252  0.0059  -0.0923 1884 HIS A ND1 
715 C CD2 . HIS A 91  ? 0.3443 0.3040 0.3761 0.0202  0.0137  -0.0681 1884 HIS A CD2 
716 C CE1 . HIS A 91  ? 0.3663 0.2737 0.3632 0.0178  0.0031  -0.0876 1884 HIS A CE1 
717 N NE2 . HIS A 91  ? 0.3569 0.2982 0.3711 0.0158  0.0068  -0.0727 1884 HIS A NE2 
718 N N   . ILE A 92  ? 0.3136 0.2859 0.3968 0.0236  0.0198  -0.0916 1885 ILE A N   
719 C CA  . ILE A 92  ? 0.3158 0.3103 0.4107 0.0260  0.0174  -0.0987 1885 ILE A CA  
720 C C   . ILE A 92  ? 0.3292 0.3004 0.4147 0.0224  0.0109  -0.1097 1885 ILE A C   
721 O O   . ILE A 92  ? 0.3391 0.3163 0.4119 0.0332  0.0022  -0.1177 1885 ILE A O   
722 C CB  . ILE A 92  ? 0.3033 0.3288 0.4366 0.0122  0.0262  -0.0899 1885 ILE A CB  
723 C CG1 . ILE A 92  ? 0.3122 0.3672 0.4513 0.0160  0.0334  -0.0762 1885 ILE A CG1 
724 C CG2 . ILE A 92  ? 0.2826 0.3346 0.4311 0.0107  0.0220  -0.0995 1885 ILE A CG2 
725 C CD1 . ILE A 92  ? 0.3168 0.3996 0.4936 0.0006  0.0436  -0.0626 1885 ILE A CD1 
726 N N   . MET A 93  ? 0.3252 0.2723 0.4166 0.0083  0.0155  -0.1093 1886 MET A N   
727 C CA  . MET A 93  ? 0.3489 0.2757 0.4282 0.0027  0.0118  -0.1202 1886 MET A CA  
728 C C   . MET A 93  ? 0.3620 0.2619 0.4030 0.0138  0.0040  -0.1228 1886 MET A C   
729 O O   . MET A 93  ? 0.4195 0.3138 0.4419 0.0170  -0.0034 -0.1294 1886 MET A O   
730 C CB  . MET A 93  ? 0.3385 0.2469 0.4351 -0.0132 0.0219  -0.1206 1886 MET A CB  
731 C CG  . MET A 93  ? 0.3434 0.2681 0.4782 -0.0263 0.0297  -0.1201 1886 MET A CG  
732 S SD  . MET A 93  ? 0.3883 0.3409 0.5298 -0.0323 0.0220  -0.1350 1886 MET A SD  
733 C CE  . MET A 93  ? 0.3743 0.3028 0.4831 -0.0350 0.0166  -0.1520 1886 MET A CE  
734 N N   . ARG A 94  ? 0.3533 0.2364 0.3820 0.0182  0.0053  -0.1168 1887 ARG A N   
735 C CA  . ARG A 94  ? 0.3947 0.2466 0.3892 0.0257  -0.0009 -0.1186 1887 ARG A CA  
736 C C   . ARG A 94  ? 0.4128 0.2685 0.3894 0.0450  -0.0106 -0.1220 1887 ARG A C   
737 O O   . ARG A 94  ? 0.4384 0.2729 0.3908 0.0511  -0.0176 -0.1233 1887 ARG A O   
738 C CB  . ARG A 94  ? 0.3921 0.2294 0.3807 0.0236  0.0015  -0.1138 1887 ARG A CB  
739 C CG  . ARG A 94  ? 0.3634 0.1645 0.3189 0.0279  -0.0043 -0.1163 1887 ARG A CG  
740 C CD  . ARG A 94  ? 0.3851 0.1777 0.3366 0.0230  -0.0036 -0.1146 1887 ARG A CD  
741 N NE  . ARG A 94  ? 0.3784 0.1993 0.3392 0.0302  -0.0033 -0.1140 1887 ARG A NE  
742 C CZ  . ARG A 94  ? 0.3910 0.2140 0.3361 0.0460  -0.0072 -0.1212 1887 ARG A CZ  
743 N NH1 . ARG A 94  ? 0.4157 0.2112 0.3379 0.0576  -0.0125 -0.1274 1887 ARG A NH1 
744 N NH2 . ARG A 94  ? 0.3859 0.2399 0.3384 0.0510  -0.0044 -0.1205 1887 ARG A NH2 
745 N N   . ARG A 95  ? 0.3924 0.2764 0.3814 0.0557  -0.0101 -0.1219 1888 ARG A N   
746 C CA  . ARG A 95  ? 0.4205 0.3145 0.3995 0.0776  -0.0175 -0.1259 1888 ARG A CA  
747 C C   . ARG A 95  ? 0.4100 0.3251 0.3968 0.0801  -0.0248 -0.1276 1888 ARG A C   
748 O O   . ARG A 95  ? 0.4195 0.3278 0.3895 0.0975  -0.0345 -0.1282 1888 ARG A O   
749 C CB  . ARG A 95  ? 0.4162 0.3452 0.4104 0.0873  -0.0122 -0.1265 1888 ARG A CB  
750 C CG  . ARG A 95  ? 0.4277 0.3374 0.4027 0.0922  -0.0091 -0.1289 1888 ARG A CG  
751 C CD  . ARG A 95  ? 0.4156 0.3633 0.3990 0.1049  -0.0032 -0.1317 1888 ARG A CD  
752 N NE  . ARG A 95  ? 0.3836 0.3733 0.3973 0.0909  0.0052  -0.1219 1888 ARG A NE  
753 C CZ  . ARG A 95  ? 0.3668 0.3635 0.3837 0.0789  0.0118  -0.1136 1888 ARG A CZ  
754 N NH1 . ARG A 95  ? 0.3776 0.3471 0.3695 0.0779  0.0095  -0.1168 1888 ARG A NH1 
755 N NH2 . ARG A 95  ? 0.3497 0.3807 0.3952 0.0669  0.0198  -0.1011 1888 ARG A NH2 
756 N N   . PHE A 96  ? 0.3986 0.3386 0.4111 0.0628  -0.0208 -0.1283 1889 PHE A N   
757 C CA  . PHE A 96  ? 0.4174 0.3819 0.4380 0.0600  -0.0288 -0.1328 1889 PHE A CA  
758 C C   . PHE A 96  ? 0.4489 0.3824 0.4375 0.0594  -0.0367 -0.1337 1889 PHE A C   
759 O O   . PHE A 96  ? 0.4492 0.3943 0.4259 0.0714  -0.0491 -0.1335 1889 PHE A O   
760 C CB  . PHE A 96  ? 0.4019 0.3899 0.4553 0.0371  -0.0214 -0.1364 1889 PHE A CB  
761 C CG  . PHE A 96  ? 0.4071 0.4193 0.4671 0.0288  -0.0303 -0.1454 1889 PHE A CG  
762 C CD1 . PHE A 96  ? 0.4057 0.4661 0.4854 0.0360  -0.0385 -0.1473 1889 PHE A CD1 
763 C CD2 . PHE A 96  ? 0.4136 0.4047 0.4600 0.0133  -0.0303 -0.1532 1889 PHE A CD2 
764 C CE1 . PHE A 96  ? 0.4034 0.4913 0.4893 0.0264  -0.0493 -0.1565 1889 PHE A CE1 
765 C CE2 . PHE A 96  ? 0.4204 0.4362 0.4684 0.0039  -0.0397 -0.1642 1889 PHE A CE2 
766 C CZ  . PHE A 96  ? 0.4173 0.4820 0.4852 0.0097  -0.0504 -0.1656 1889 PHE A CZ  
767 N N   . PHE A 97  ? 0.4691 0.3671 0.4443 0.0458  -0.0293 -0.1330 1890 PHE A N   
768 C CA  . PHE A 97  ? 0.5132 0.3828 0.4564 0.0422  -0.0334 -0.1323 1890 PHE A CA  
769 C C   . PHE A 97  ? 0.5531 0.3975 0.4651 0.0625  -0.0432 -0.1238 1890 PHE A C   
770 O O   . PHE A 97  ? 0.5543 0.3998 0.4459 0.0704  -0.0543 -0.1202 1890 PHE A O   
771 C CB  . PHE A 97  ? 0.5045 0.3447 0.4440 0.0248  -0.0209 -0.1324 1890 PHE A CB  
772 C CG  . PHE A 97  ? 0.5125 0.3222 0.4162 0.0213  -0.0222 -0.1290 1890 PHE A CG  
773 C CD1 . PHE A 97  ? 0.5114 0.3300 0.4019 0.0123  -0.0241 -0.1349 1890 PHE A CD1 
774 C CD2 . PHE A 97  ? 0.5149 0.2880 0.3970 0.0250  -0.0211 -0.1203 1890 PHE A CD2 
775 C CE1 . PHE A 97  ? 0.5284 0.3222 0.3827 0.0083  -0.0239 -0.1295 1890 PHE A CE1 
776 C CE2 . PHE A 97  ? 0.5289 0.2745 0.3787 0.0194  -0.0207 -0.1142 1890 PHE A CE2 
777 C CZ  . PHE A 97  ? 0.5374 0.2943 0.3723 0.0117  -0.0215 -0.1175 1890 PHE A CZ  
778 N N   . GLU A 98  ? 0.6070 0.4275 0.5144 0.0709  -0.0396 -0.1207 1891 GLU A N   
779 C CA  . GLU A 98  ? 0.7020 0.4883 0.5814 0.0897  -0.0469 -0.1144 1891 GLU A CA  
780 C C   . GLU A 98  ? 0.7149 0.5250 0.5969 0.1150  -0.0589 -0.1126 1891 GLU A C   
781 O O   . GLU A 98  ? 0.7353 0.5210 0.5930 0.1309  -0.0684 -0.1041 1891 GLU A O   
782 C CB  . GLU A 98  ? 0.7496 0.5116 0.6278 0.0924  -0.0407 -0.1169 1891 GLU A CB  
783 C CG  . GLU A 98  ? 0.7633 0.4991 0.6362 0.0698  -0.0318 -0.1153 1891 GLU A CG  
784 C CD  . GLU A 98  ? 0.7781 0.5119 0.6579 0.0660  -0.0255 -0.1135 1891 GLU A CD  
785 O OE1 . GLU A 98  ? 0.8040 0.5418 0.6825 0.0835  -0.0285 -0.1177 1891 GLU A OE1 
786 O OE2 . GLU A 98  ? 0.7922 0.5225 0.6787 0.0468  -0.0182 -0.1101 1891 GLU A OE2 
787 N N   . SER A 99  ? 0.7112 0.5706 0.6249 0.1192  -0.0583 -0.1189 1892 SER A N   
788 C CA  . SER A 99  ? 0.7391 0.6332 0.6637 0.1434  -0.0688 -0.1179 1892 SER A CA  
789 C C   . SER A 99  ? 0.7533 0.6665 0.6701 0.1426  -0.0825 -0.1129 1892 SER A C   
790 O O   . SER A 99  ? 0.7793 0.6874 0.6807 0.1652  -0.0953 -0.1040 1892 SER A O   
791 C CB  . SER A 99  ? 0.7318 0.6803 0.6956 0.1433  -0.0626 -0.1250 1892 SER A CB  
792 O OG  . SER A 99  ? 0.7936 0.7836 0.7733 0.1670  -0.0721 -0.1244 1892 SER A OG  
793 N N   . ARG A 100 ? 0.7305 0.6652 0.6570 0.1170  -0.0802 -0.1191 1893 ARG A N   
794 C CA  . ARG A 100 ? 0.7361 0.6945 0.6527 0.1114  -0.0931 -0.1186 1893 ARG A CA  
795 C C   . ARG A 100 ? 0.7722 0.6862 0.6433 0.1121  -0.0981 -0.1076 1893 ARG A C   
796 O O   . ARG A 100 ? 0.8041 0.7312 0.6562 0.1217  -0.1135 -0.0993 1893 ARG A O   
797 C CB  . ARG A 100 ? 0.7023 0.6879 0.6395 0.0814  -0.0868 -0.1325 1893 ARG A CB  
798 C CG  . ARG A 100 ? 0.6893 0.7389 0.6585 0.0793  -0.0968 -0.1401 1893 ARG A CG  
799 C CD  . ARG A 100 ? 0.7222 0.7944 0.6692 0.0852  -0.1170 -0.1371 1893 ARG A CD  
800 N NE  . ARG A 100 ? 0.7220 0.8609 0.7012 0.0786  -0.1283 -0.1465 1893 ARG A NE  
801 C CZ  . ARG A 100 ? 0.7585 0.9292 0.7255 0.0692  -0.1446 -0.1520 1893 ARG A CZ  
802 N NH1 . ARG A 100 ? 0.7938 0.9348 0.7138 0.0662  -0.1497 -0.1476 1893 ARG A NH1 
803 N NH2 . ARG A 100 ? 0.7622 0.9973 0.7631 0.0609  -0.1554 -0.1619 1893 ARG A NH2 
804 N N   . TRP A 101 ? 0.7691 0.6342 0.6234 0.1009  -0.0852 -0.1058 1894 TRP A N   
805 C CA  . TRP A 101 ? 0.8151 0.6371 0.6275 0.0974  -0.0864 -0.0940 1894 TRP A CA  
806 C C   . TRP A 101 ? 0.8925 0.6861 0.6829 0.1255  -0.0978 -0.0768 1894 TRP A C   
807 O O   . TRP A 101 ? 0.9049 0.6851 0.6629 0.1304  -0.1075 -0.0620 1894 TRP A O   
808 C CB  . TRP A 101 ? 0.7715 0.5536 0.5786 0.0782  -0.0692 -0.0962 1894 TRP A CB  
809 C CG  . TRP A 101 ? 0.7746 0.5172 0.5419 0.0698  -0.0671 -0.0840 1894 TRP A CG  
810 C CD1 . TRP A 101 ? 0.7972 0.4903 0.5400 0.0777  -0.0674 -0.0695 1894 TRP A CD1 
811 C CD2 . TRP A 101 ? 0.7650 0.5146 0.5118 0.0504  -0.0630 -0.0856 1894 TRP A CD2 
812 N NE1 . TRP A 101 ? 0.8204 0.4908 0.5300 0.0633  -0.0633 -0.0587 1894 TRP A NE1 
813 C CE2 . TRP A 101 ? 0.7965 0.5030 0.5064 0.0473  -0.0601 -0.0688 1894 TRP A CE2 
814 C CE3 . TRP A 101 ? 0.7424 0.5293 0.4979 0.0343  -0.0603 -0.1010 1894 TRP A CE3 
815 C CZ2 . TRP A 101 ? 0.8076 0.5126 0.4878 0.0297  -0.0538 -0.0657 1894 TRP A CZ2 
816 C CZ3 . TRP A 101 ? 0.7558 0.5384 0.4806 0.0179  -0.0543 -0.1015 1894 TRP A CZ3 
817 C CH2 . TRP A 101 ? 0.7893 0.5339 0.4764 0.0161  -0.0506 -0.0833 1894 TRP A CH2 
818 N N   . GLU A 102 ? 0.9588 0.7426 0.7659 0.1446  -0.0962 -0.0786 1895 GLU A N   
819 C CA  . GLU A 102 ? 1.0677 0.8146 0.8569 0.1731  -0.1043 -0.0650 1895 GLU A CA  
820 C C   . GLU A 102 ? 1.1455 0.9317 0.9435 0.2016  -0.1218 -0.0572 1895 GLU A C   
821 O O   . GLU A 102 ? 1.2223 0.9817 0.9971 0.2227  -0.1330 -0.0389 1895 GLU A O   
822 C CB  . GLU A 102 ? 1.0506 0.7701 0.8518 0.1829  -0.0946 -0.0742 1895 GLU A CB  
823 C CG  . GLU A 102 ? 1.0362 0.7064 0.8221 0.1597  -0.0816 -0.0767 1895 GLU A CG  
824 C CD  . GLU A 102 ? 1.0100 0.6727 0.8122 0.1624  -0.0722 -0.0913 1895 GLU A CD  
825 O OE1 . GLU A 102 ? 1.0186 0.6999 0.8361 0.1872  -0.0748 -0.0977 1895 GLU A OE1 
826 O OE2 . GLU A 102 ? 0.9882 0.6305 0.7878 0.1401  -0.0623 -0.0965 1895 GLU A OE2 
827 N N   . GLU A 103 ? 1.1672 1.0184 1.0006 0.2019  -0.1244 -0.0691 1896 GLU A N   
828 C CA  . GLU A 103 ? 1.2321 1.1331 1.0816 0.2278  -0.1417 -0.0627 1896 GLU A CA  
829 C C   . GLU A 103 ? 1.2681 1.1870 1.0925 0.2219  -0.1584 -0.0500 1896 GLU A C   
830 O O   . GLU A 103 ? 1.3168 1.2793 1.1497 0.2425  -0.1767 -0.0411 1896 GLU A O   
831 C CB  . GLU A 103 ? 1.2278 1.1981 1.1250 0.2244  -0.1387 -0.0790 1896 GLU A CB  
832 C CG  . GLU A 103 ? 1.2405 1.2626 1.1501 0.1958  -0.1434 -0.0880 1896 GLU A CG  
833 C CD  . GLU A 103 ? 1.2438 1.3335 1.2035 0.1929  -0.1412 -0.1009 1896 GLU A CD  
834 O OE1 . GLU A 103 ? 1.2446 1.3344 1.2263 0.2024  -0.1284 -0.1061 1896 GLU A OE1 
835 O OE2 . GLU A 103 ? 1.2647 1.4095 1.2408 0.1797  -0.1521 -0.1063 1896 GLU A OE2 
836 N N   . PHE A 104 ? 1.2385 1.1268 1.0313 0.1942  -0.1520 -0.0489 1897 PHE A N   
837 C CA  . PHE A 104 ? 1.2463 1.1472 1.0058 0.1857  -0.1653 -0.0375 1897 PHE A CA  
838 C C   . PHE A 104 ? 1.2486 1.0845 0.9606 0.1920  -0.1657 -0.0134 1897 PHE A C   
839 O O   . PHE A 104 ? 1.2719 1.1121 0.9569 0.2067  -0.1827 0.0083  1897 PHE A O   
840 C CB  . PHE A 104 ? 1.2211 1.1442 0.9796 0.1479  -0.1562 -0.0567 1897 PHE A CB  
841 C CG  . PHE A 104 ? 1.2459 1.1897 0.9681 0.1366  -0.1688 -0.0506 1897 PHE A CG  
842 C CD1 . PHE A 104 ? 1.2611 1.2696 0.9919 0.1424  -0.1899 -0.0523 1897 PHE A CD1 
843 C CD2 . PHE A 104 ? 1.2561 1.1591 0.9347 0.1189  -0.1594 -0.0436 1897 PHE A CD2 
844 C CE1 . PHE A 104 ? 1.2975 1.3288 0.9901 0.1306  -0.2028 -0.0481 1897 PHE A CE1 
845 C CE2 . PHE A 104 ? 1.2933 1.2182 0.9333 0.1078  -0.1696 -0.0386 1897 PHE A CE2 
846 C CZ  . PHE A 104 ? 1.3159 1.3044 0.9606 0.1137  -0.1920 -0.0414 1897 PHE A CZ  
847 N N   . TYR A 105 ? 1.2098 0.9877 0.9128 0.1795  -0.1474 -0.0155 1898 TYR A N   
848 C CA  . TYR A 105 ? 1.2329 0.9448 0.8944 0.1799  -0.1447 0.0068  1898 TYR A CA  
849 C C   . TYR A 105 ? 1.2492 0.9100 0.9152 0.2086  -0.1454 0.0170  1898 TYR A C   
850 O O   . TYR A 105 ? 1.2541 0.9337 0.9373 0.2412  -0.1583 0.0219  1898 TYR A O   
851 C CB  . TYR A 105 ? 1.2044 0.8857 0.8535 0.1453  -0.1241 -0.0019 1898 TYR A CB  
852 C CG  . TYR A 105 ? 1.1834 0.9031 0.8210 0.1178  -0.1206 -0.0115 1898 TYR A CG  
853 C CD1 . TYR A 105 ? 1.2340 0.9496 0.8266 0.1103  -0.1256 0.0059  1898 TYR A CD1 
854 C CD2 . TYR A 105 ? 1.1241 0.8814 0.7940 0.0993  -0.1111 -0.0383 1898 TYR A CD2 
855 C CE1 . TYR A 105 ? 1.2284 0.9793 0.8075 0.0853  -0.1208 -0.0072 1898 TYR A CE1 
856 C CE2 . TYR A 105 ? 1.1202 0.9069 0.7801 0.0751  -0.1064 -0.0509 1898 TYR A CE2 
857 C CZ  . TYR A 105 ? 1.1758 0.9601 0.7897 0.0683  -0.1110 -0.0374 1898 TYR A CZ  
858 O OH  . TYR A 105 ? 1.1810 0.9948 0.7822 0.0443  -0.1048 -0.0540 1898 TYR A OH  
# 
